data_6N0S
# 
_entry.id   6N0S 
# 
_audit_conform.dict_name       mmcif_pdbx.dic 
_audit_conform.dict_version    5.397 
_audit_conform.dict_location   http://mmcif.pdb.org/dictionaries/ascii/mmcif_pdbx.dic 
# 
loop_
_database_2.database_id 
_database_2.database_code 
_database_2.pdbx_database_accession 
_database_2.pdbx_DOI 
PDB   6N0S         pdb_00006n0s 10.2210/pdb6n0s/pdb 
WWPDB D_1000237967 ?            ?                   
# 
loop_
_pdbx_audit_revision_history.ordinal 
_pdbx_audit_revision_history.data_content_type 
_pdbx_audit_revision_history.major_revision 
_pdbx_audit_revision_history.minor_revision 
_pdbx_audit_revision_history.revision_date 
1 'Structure model' 1 0 2019-11-13 
2 'Structure model' 1 1 2020-01-01 
3 'Structure model' 1 2 2020-11-25 
4 'Structure model' 1 3 2024-10-16 
# 
_pdbx_audit_revision_details.ordinal             1 
_pdbx_audit_revision_details.revision_ordinal    1 
_pdbx_audit_revision_details.data_content_type   'Structure model' 
_pdbx_audit_revision_details.provider            repository 
_pdbx_audit_revision_details.type                'Initial release' 
_pdbx_audit_revision_details.description         ? 
_pdbx_audit_revision_details.details             ? 
# 
loop_
_pdbx_audit_revision_group.ordinal 
_pdbx_audit_revision_group.revision_ordinal 
_pdbx_audit_revision_group.data_content_type 
_pdbx_audit_revision_group.group 
1 2 'Structure model' 'Author supporting evidence' 
2 3 'Structure model' 'Database references'        
3 4 'Structure model' 'Data collection'            
4 4 'Structure model' 'Database references'        
5 4 'Structure model' 'Refinement description'     
6 4 'Structure model' 'Structure summary'          
# 
loop_
_pdbx_audit_revision_category.ordinal 
_pdbx_audit_revision_category.revision_ordinal 
_pdbx_audit_revision_category.data_content_type 
_pdbx_audit_revision_category.category 
1 2 'Structure model' pdbx_audit_support        
2 3 'Structure model' citation                  
3 3 'Structure model' citation_author           
4 4 'Structure model' chem_comp_atom            
5 4 'Structure model' chem_comp_bond            
6 4 'Structure model' database_2                
7 4 'Structure model' pdbx_entry_details        
8 4 'Structure model' pdbx_modification_feature 
9 4 'Structure model' refine_hist               
# 
loop_
_pdbx_audit_revision_item.ordinal 
_pdbx_audit_revision_item.revision_ordinal 
_pdbx_audit_revision_item.data_content_type 
_pdbx_audit_revision_item.item 
1  2 'Structure model' '_pdbx_audit_support.funding_organization' 
2  3 'Structure model' '_citation.country'                        
3  3 'Structure model' '_citation.journal_abbrev'                 
4  3 'Structure model' '_citation.journal_id_ASTM'                
5  3 'Structure model' '_citation.journal_id_CSD'                 
6  3 'Structure model' '_citation.journal_id_ISSN'                
7  3 'Structure model' '_citation.journal_volume'                 
8  3 'Structure model' '_citation.page_first'                     
9  3 'Structure model' '_citation.page_last'                      
10 3 'Structure model' '_citation.pdbx_database_id_DOI'           
11 3 'Structure model' '_citation.pdbx_database_id_PubMed'        
12 3 'Structure model' '_citation.title'                          
13 3 'Structure model' '_citation.year'                           
14 4 'Structure model' '_database_2.pdbx_DOI'                     
15 4 'Structure model' '_database_2.pdbx_database_accession'      
16 4 'Structure model' '_refine_hist.d_res_high'                  
# 
_pdbx_database_status.status_code                     REL 
_pdbx_database_status.status_code_sf                  REL 
_pdbx_database_status.status_code_mr                  ? 
_pdbx_database_status.entry_id                        6N0S 
_pdbx_database_status.recvd_initial_deposition_date   2018-11-07 
_pdbx_database_status.SG_entry                        N 
_pdbx_database_status.deposit_site                    RCSB 
_pdbx_database_status.process_site                    RCSB 
_pdbx_database_status.status_code_cs                  ? 
_pdbx_database_status.methods_development_category    ? 
_pdbx_database_status.pdb_format_compatible           Y 
_pdbx_database_status.status_code_nmr_data            ? 
# 
loop_
_audit_author.name 
_audit_author.pdbx_ordinal 
_audit_author.identifier_ORCID 
'Hosford, C.J.' 1 0000-0001-5756-6505 
'Niu, Y.'       2 ?                   
'Chappie, J.S.' 3 ?                   
# 
_citation.abstract                  ? 
_citation.abstract_id_CAS           ? 
_citation.book_id_ISBN              ? 
_citation.book_publisher            ? 
_citation.book_publisher_city       ? 
_citation.book_title                ? 
_citation.coordinate_linkage        ? 
_citation.country                   US 
_citation.database_id_Medline       ? 
_citation.details                   ? 
_citation.id                        primary 
_citation.journal_abbrev            J.Struct.Biol. 
_citation.journal_id_ASTM           JSBIEM 
_citation.journal_id_CSD            0803 
_citation.journal_id_ISSN           1095-8657 
_citation.journal_full              ? 
_citation.journal_issue             ? 
_citation.journal_volume            211 
_citation.language                  ? 
_citation.page_first                107572 
_citation.page_last                 107572 
_citation.title                     
'The N-terminal domain of Staphylothermus marinus McrB shares structural homology with PUA-like RNA binding proteins.' 
_citation.year                      2020 
_citation.database_id_CSD           ? 
_citation.pdbx_database_id_DOI      10.1016/j.jsb.2020.107572 
_citation.pdbx_database_id_PubMed   32652237 
_citation.unpublished_flag          ? 
# 
loop_
_citation_author.citation_id 
_citation_author.name 
_citation_author.ordinal 
_citation_author.identifier_ORCID 
primary 'Hosford, C.J.' 1 ? 
primary 'Adams, M.C.'   2 ? 
primary 'Niu, Y.'       3 ? 
primary 'Chappie, J.S.' 4 ? 
# 
loop_
_entity.id 
_entity.type 
_entity.src_method 
_entity.pdbx_description 
_entity.formula_weight 
_entity.pdbx_number_of_molecules 
_entity.pdbx_ec 
_entity.pdbx_mutation 
_entity.pdbx_fragment 
_entity.details 
1 polymer     man 'ATPase associated with various cellular activities, AAA_5' 21581.625 1  ? ? 
'N-terminal domain (UNP residues 3-180)' ? 
2 non-polymer syn 'SULFATE ION'                                               96.063    2  ? ? ? ? 
3 water       nat water                                                       18.015    94 ? ? ? ? 
# 
_entity_name_com.entity_id   1 
_entity_name_com.name        McrB 
# 
_entity_poly.entity_id                      1 
_entity_poly.type                           'polypeptide(L)' 
_entity_poly.nstd_linkage                   no 
_entity_poly.nstd_monomer                   yes 
_entity_poly.pdbx_seq_one_letter_code       
;GP(MSE)NKILGFSKYWVEINNWILPTLDHIGLTLWG(MSE)IKKHASEYRGIRYSLEKFGELKIIHYIGSRASHDLGKT
FIGESVLSKENNKIVKEYSWPEIKKVLRKIFLDNGISSDTIDQYFIAIRRIIRPSRSDRFFLFRLAEYRKYENPVKYDQV
RDIISHITWTGRYLVPIRPEDYEAIHSRG
;
_entity_poly.pdbx_seq_one_letter_code_can   
;GPMNKILGFSKYWVEINNWILPTLDHIGLTLWGMIKKHASEYRGIRYSLEKFGELKIIHYIGSRASHDLGKTFIGESVLS
KENNKIVKEYSWPEIKKVLRKIFLDNGISSDTIDQYFIAIRRIIRPSRSDRFFLFRLAEYRKYENPVKYDQVRDIISHIT
WTGRYLVPIRPEDYEAIHSRG
;
_entity_poly.pdbx_strand_id                 A 
_entity_poly.pdbx_target_identifier         ? 
# 
loop_
_pdbx_entity_nonpoly.entity_id 
_pdbx_entity_nonpoly.name 
_pdbx_entity_nonpoly.comp_id 
2 'SULFATE ION' SO4 
3 water         HOH 
# 
loop_
_entity_poly_seq.entity_id 
_entity_poly_seq.num 
_entity_poly_seq.mon_id 
_entity_poly_seq.hetero 
1 1   GLY n 
1 2   PRO n 
1 3   MSE n 
1 4   ASN n 
1 5   LYS n 
1 6   ILE n 
1 7   LEU n 
1 8   GLY n 
1 9   PHE n 
1 10  SER n 
1 11  LYS n 
1 12  TYR n 
1 13  TRP n 
1 14  VAL n 
1 15  GLU n 
1 16  ILE n 
1 17  ASN n 
1 18  ASN n 
1 19  TRP n 
1 20  ILE n 
1 21  LEU n 
1 22  PRO n 
1 23  THR n 
1 24  LEU n 
1 25  ASP n 
1 26  HIS n 
1 27  ILE n 
1 28  GLY n 
1 29  LEU n 
1 30  THR n 
1 31  LEU n 
1 32  TRP n 
1 33  GLY n 
1 34  MSE n 
1 35  ILE n 
1 36  LYS n 
1 37  LYS n 
1 38  HIS n 
1 39  ALA n 
1 40  SER n 
1 41  GLU n 
1 42  TYR n 
1 43  ARG n 
1 44  GLY n 
1 45  ILE n 
1 46  ARG n 
1 47  TYR n 
1 48  SER n 
1 49  LEU n 
1 50  GLU n 
1 51  LYS n 
1 52  PHE n 
1 53  GLY n 
1 54  GLU n 
1 55  LEU n 
1 56  LYS n 
1 57  ILE n 
1 58  ILE n 
1 59  HIS n 
1 60  TYR n 
1 61  ILE n 
1 62  GLY n 
1 63  SER n 
1 64  ARG n 
1 65  ALA n 
1 66  SER n 
1 67  HIS n 
1 68  ASP n 
1 69  LEU n 
1 70  GLY n 
1 71  LYS n 
1 72  THR n 
1 73  PHE n 
1 74  ILE n 
1 75  GLY n 
1 76  GLU n 
1 77  SER n 
1 78  VAL n 
1 79  LEU n 
1 80  SER n 
1 81  LYS n 
1 82  GLU n 
1 83  ASN n 
1 84  ASN n 
1 85  LYS n 
1 86  ILE n 
1 87  VAL n 
1 88  LYS n 
1 89  GLU n 
1 90  TYR n 
1 91  SER n 
1 92  TRP n 
1 93  PRO n 
1 94  GLU n 
1 95  ILE n 
1 96  LYS n 
1 97  LYS n 
1 98  VAL n 
1 99  LEU n 
1 100 ARG n 
1 101 LYS n 
1 102 ILE n 
1 103 PHE n 
1 104 LEU n 
1 105 ASP n 
1 106 ASN n 
1 107 GLY n 
1 108 ILE n 
1 109 SER n 
1 110 SER n 
1 111 ASP n 
1 112 THR n 
1 113 ILE n 
1 114 ASP n 
1 115 GLN n 
1 116 TYR n 
1 117 PHE n 
1 118 ILE n 
1 119 ALA n 
1 120 ILE n 
1 121 ARG n 
1 122 ARG n 
1 123 ILE n 
1 124 ILE n 
1 125 ARG n 
1 126 PRO n 
1 127 SER n 
1 128 ARG n 
1 129 SER n 
1 130 ASP n 
1 131 ARG n 
1 132 PHE n 
1 133 PHE n 
1 134 LEU n 
1 135 PHE n 
1 136 ARG n 
1 137 LEU n 
1 138 ALA n 
1 139 GLU n 
1 140 TYR n 
1 141 ARG n 
1 142 LYS n 
1 143 TYR n 
1 144 GLU n 
1 145 ASN n 
1 146 PRO n 
1 147 VAL n 
1 148 LYS n 
1 149 TYR n 
1 150 ASP n 
1 151 GLN n 
1 152 VAL n 
1 153 ARG n 
1 154 ASP n 
1 155 ILE n 
1 156 ILE n 
1 157 SER n 
1 158 HIS n 
1 159 ILE n 
1 160 THR n 
1 161 TRP n 
1 162 THR n 
1 163 GLY n 
1 164 ARG n 
1 165 TYR n 
1 166 LEU n 
1 167 VAL n 
1 168 PRO n 
1 169 ILE n 
1 170 ARG n 
1 171 PRO n 
1 172 GLU n 
1 173 ASP n 
1 174 TYR n 
1 175 GLU n 
1 176 ALA n 
1 177 ILE n 
1 178 HIS n 
1 179 SER n 
1 180 ARG n 
1 181 GLY n 
# 
_entity_src_gen.entity_id                          1 
_entity_src_gen.pdbx_src_id                        1 
_entity_src_gen.pdbx_alt_source_flag               sample 
_entity_src_gen.pdbx_seq_type                      'Biological sequence' 
_entity_src_gen.pdbx_beg_seq_num                   1 
_entity_src_gen.pdbx_end_seq_num                   181 
_entity_src_gen.gene_src_common_name               ? 
_entity_src_gen.gene_src_genus                     ? 
_entity_src_gen.pdbx_gene_src_gene                 Smar_0573 
_entity_src_gen.gene_src_species                   ? 
_entity_src_gen.gene_src_strain                    'ATCC 43588 / DSM 3639 / JCM 9404 / F1' 
_entity_src_gen.gene_src_tissue                    ? 
_entity_src_gen.gene_src_tissue_fraction           ? 
_entity_src_gen.gene_src_details                   ? 
_entity_src_gen.pdbx_gene_src_fragment             ? 
_entity_src_gen.pdbx_gene_src_scientific_name      'Staphylothermus marinus (strain ATCC 43588 / DSM 3639 / JCM 9404 / F1)' 
_entity_src_gen.pdbx_gene_src_ncbi_taxonomy_id     399550 
_entity_src_gen.pdbx_gene_src_variant              ? 
_entity_src_gen.pdbx_gene_src_cell_line            ? 
_entity_src_gen.pdbx_gene_src_atcc                 ? 
_entity_src_gen.pdbx_gene_src_organ                ? 
_entity_src_gen.pdbx_gene_src_organelle            ? 
_entity_src_gen.pdbx_gene_src_cell                 ? 
_entity_src_gen.pdbx_gene_src_cellular_location    ? 
_entity_src_gen.host_org_common_name               ? 
_entity_src_gen.pdbx_host_org_scientific_name      'Escherichia coli BL21(DE3)' 
_entity_src_gen.pdbx_host_org_ncbi_taxonomy_id     469008 
_entity_src_gen.host_org_genus                     ? 
_entity_src_gen.pdbx_host_org_gene                 ? 
_entity_src_gen.pdbx_host_org_organ                ? 
_entity_src_gen.host_org_species                   ? 
_entity_src_gen.pdbx_host_org_tissue               ? 
_entity_src_gen.pdbx_host_org_tissue_fraction      ? 
_entity_src_gen.pdbx_host_org_strain               ? 
_entity_src_gen.pdbx_host_org_variant              ? 
_entity_src_gen.pdbx_host_org_cell_line            ? 
_entity_src_gen.pdbx_host_org_atcc                 ? 
_entity_src_gen.pdbx_host_org_culture_collection   ? 
_entity_src_gen.pdbx_host_org_cell                 ? 
_entity_src_gen.pdbx_host_org_organelle            ? 
_entity_src_gen.pdbx_host_org_cellular_location    ? 
_entity_src_gen.pdbx_host_org_vector_type          ? 
_entity_src_gen.pdbx_host_org_vector               ? 
_entity_src_gen.host_org_details                   ? 
_entity_src_gen.expression_system_id               ? 
_entity_src_gen.plasmid_name                       ? 
_entity_src_gen.plasmid_details                    ? 
_entity_src_gen.pdbx_description                   ? 
# 
loop_
_chem_comp.id 
_chem_comp.type 
_chem_comp.mon_nstd_flag 
_chem_comp.name 
_chem_comp.pdbx_synonyms 
_chem_comp.formula 
_chem_comp.formula_weight 
ALA 'L-peptide linking' y ALANINE          ? 'C3 H7 N O2'     89.093  
ARG 'L-peptide linking' y ARGININE         ? 'C6 H15 N4 O2 1' 175.209 
ASN 'L-peptide linking' y ASPARAGINE       ? 'C4 H8 N2 O3'    132.118 
ASP 'L-peptide linking' y 'ASPARTIC ACID'  ? 'C4 H7 N O4'     133.103 
GLN 'L-peptide linking' y GLUTAMINE        ? 'C5 H10 N2 O3'   146.144 
GLU 'L-peptide linking' y 'GLUTAMIC ACID'  ? 'C5 H9 N O4'     147.129 
GLY 'peptide linking'   y GLYCINE          ? 'C2 H5 N O2'     75.067  
HIS 'L-peptide linking' y HISTIDINE        ? 'C6 H10 N3 O2 1' 156.162 
HOH non-polymer         . WATER            ? 'H2 O'           18.015  
ILE 'L-peptide linking' y ISOLEUCINE       ? 'C6 H13 N O2'    131.173 
LEU 'L-peptide linking' y LEUCINE          ? 'C6 H13 N O2'    131.173 
LYS 'L-peptide linking' y LYSINE           ? 'C6 H15 N2 O2 1' 147.195 
MSE 'L-peptide linking' n SELENOMETHIONINE ? 'C5 H11 N O2 Se' 196.106 
PHE 'L-peptide linking' y PHENYLALANINE    ? 'C9 H11 N O2'    165.189 
PRO 'L-peptide linking' y PROLINE          ? 'C5 H9 N O2'     115.130 
SER 'L-peptide linking' y SERINE           ? 'C3 H7 N O3'     105.093 
SO4 non-polymer         . 'SULFATE ION'    ? 'O4 S -2'        96.063  
THR 'L-peptide linking' y THREONINE        ? 'C4 H9 N O3'     119.119 
TRP 'L-peptide linking' y TRYPTOPHAN       ? 'C11 H12 N2 O2'  204.225 
TYR 'L-peptide linking' y TYROSINE         ? 'C9 H11 N O3'    181.189 
VAL 'L-peptide linking' y VALINE           ? 'C5 H11 N O2'    117.146 
# 
loop_
_pdbx_poly_seq_scheme.asym_id 
_pdbx_poly_seq_scheme.entity_id 
_pdbx_poly_seq_scheme.seq_id 
_pdbx_poly_seq_scheme.mon_id 
_pdbx_poly_seq_scheme.ndb_seq_num 
_pdbx_poly_seq_scheme.pdb_seq_num 
_pdbx_poly_seq_scheme.auth_seq_num 
_pdbx_poly_seq_scheme.pdb_mon_id 
_pdbx_poly_seq_scheme.auth_mon_id 
_pdbx_poly_seq_scheme.pdb_strand_id 
_pdbx_poly_seq_scheme.pdb_ins_code 
_pdbx_poly_seq_scheme.hetero 
A 1 1   GLY 1   1   1   GLY GLY A . n 
A 1 2   PRO 2   2   2   PRO PRO A . n 
A 1 3   MSE 3   3   3   MSE MSE A . n 
A 1 4   ASN 4   4   4   ASN ASN A . n 
A 1 5   LYS 5   5   5   LYS LYS A . n 
A 1 6   ILE 6   6   6   ILE ILE A . n 
A 1 7   LEU 7   7   7   LEU LEU A . n 
A 1 8   GLY 8   8   8   GLY GLY A . n 
A 1 9   PHE 9   9   9   PHE PHE A . n 
A 1 10  SER 10  10  10  SER SER A . n 
A 1 11  LYS 11  11  11  LYS LYS A . n 
A 1 12  TYR 12  12  12  TYR TYR A . n 
A 1 13  TRP 13  13  13  TRP TRP A . n 
A 1 14  VAL 14  14  14  VAL VAL A . n 
A 1 15  GLU 15  15  15  GLU GLU A . n 
A 1 16  ILE 16  16  16  ILE ILE A . n 
A 1 17  ASN 17  17  17  ASN ASN A . n 
A 1 18  ASN 18  18  18  ASN ASN A . n 
A 1 19  TRP 19  19  19  TRP TRP A . n 
A 1 20  ILE 20  20  20  ILE ILE A . n 
A 1 21  LEU 21  21  21  LEU LEU A . n 
A 1 22  PRO 22  22  22  PRO PRO A . n 
A 1 23  THR 23  23  23  THR THR A . n 
A 1 24  LEU 24  24  24  LEU LEU A . n 
A 1 25  ASP 25  25  25  ASP ASP A . n 
A 1 26  HIS 26  26  26  HIS HIS A . n 
A 1 27  ILE 27  27  27  ILE ILE A . n 
A 1 28  GLY 28  28  28  GLY GLY A . n 
A 1 29  LEU 29  29  29  LEU LEU A . n 
A 1 30  THR 30  30  30  THR THR A . n 
A 1 31  LEU 31  31  31  LEU LEU A . n 
A 1 32  TRP 32  32  32  TRP TRP A . n 
A 1 33  GLY 33  33  33  GLY GLY A . n 
A 1 34  MSE 34  34  34  MSE MSE A . n 
A 1 35  ILE 35  35  35  ILE ILE A . n 
A 1 36  LYS 36  36  36  LYS LYS A . n 
A 1 37  LYS 37  37  37  LYS LYS A . n 
A 1 38  HIS 38  38  38  HIS HIS A . n 
A 1 39  ALA 39  39  39  ALA ALA A . n 
A 1 40  SER 40  40  40  SER SER A . n 
A 1 41  GLU 41  41  41  GLU GLU A . n 
A 1 42  TYR 42  42  42  TYR TYR A . n 
A 1 43  ARG 43  43  43  ARG ARG A . n 
A 1 44  GLY 44  44  44  GLY GLY A . n 
A 1 45  ILE 45  45  45  ILE ILE A . n 
A 1 46  ARG 46  46  46  ARG ARG A . n 
A 1 47  TYR 47  47  47  TYR TYR A . n 
A 1 48  SER 48  48  48  SER SER A . n 
A 1 49  LEU 49  49  49  LEU LEU A . n 
A 1 50  GLU 50  50  50  GLU GLU A . n 
A 1 51  LYS 51  51  51  LYS LYS A . n 
A 1 52  PHE 52  52  52  PHE PHE A . n 
A 1 53  GLY 53  53  53  GLY GLY A . n 
A 1 54  GLU 54  54  54  GLU GLU A . n 
A 1 55  LEU 55  55  55  LEU LEU A . n 
A 1 56  LYS 56  56  56  LYS LYS A . n 
A 1 57  ILE 57  57  57  ILE ILE A . n 
A 1 58  ILE 58  58  58  ILE ILE A . n 
A 1 59  HIS 59  59  59  HIS HIS A . n 
A 1 60  TYR 60  60  60  TYR TYR A . n 
A 1 61  ILE 61  61  61  ILE ILE A . n 
A 1 62  GLY 62  62  62  GLY GLY A . n 
A 1 63  SER 63  63  63  SER SER A . n 
A 1 64  ARG 64  64  64  ARG ARG A . n 
A 1 65  ALA 65  65  65  ALA ALA A . n 
A 1 66  SER 66  66  66  SER SER A . n 
A 1 67  HIS 67  67  67  HIS HIS A . n 
A 1 68  ASP 68  68  68  ASP ASP A . n 
A 1 69  LEU 69  69  69  LEU LEU A . n 
A 1 70  GLY 70  70  70  GLY GLY A . n 
A 1 71  LYS 71  71  71  LYS LYS A . n 
A 1 72  THR 72  72  72  THR THR A . n 
A 1 73  PHE 73  73  73  PHE PHE A . n 
A 1 74  ILE 74  74  74  ILE ILE A . n 
A 1 75  GLY 75  75  75  GLY GLY A . n 
A 1 76  GLU 76  76  76  GLU GLU A . n 
A 1 77  SER 77  77  77  SER SER A . n 
A 1 78  VAL 78  78  78  VAL VAL A . n 
A 1 79  LEU 79  79  79  LEU LEU A . n 
A 1 80  SER 80  80  80  SER SER A . n 
A 1 81  LYS 81  81  81  LYS LYS A . n 
A 1 82  GLU 82  82  82  GLU GLU A . n 
A 1 83  ASN 83  83  83  ASN ASN A . n 
A 1 84  ASN 84  84  84  ASN ASN A . n 
A 1 85  LYS 85  85  85  LYS LYS A . n 
A 1 86  ILE 86  86  86  ILE ILE A . n 
A 1 87  VAL 87  87  87  VAL VAL A . n 
A 1 88  LYS 88  88  88  LYS LYS A . n 
A 1 89  GLU 89  89  89  GLU GLU A . n 
A 1 90  TYR 90  90  90  TYR TYR A . n 
A 1 91  SER 91  91  91  SER SER A . n 
A 1 92  TRP 92  92  92  TRP TRP A . n 
A 1 93  PRO 93  93  93  PRO PRO A . n 
A 1 94  GLU 94  94  94  GLU GLU A . n 
A 1 95  ILE 95  95  95  ILE ILE A . n 
A 1 96  LYS 96  96  96  LYS LYS A . n 
A 1 97  LYS 97  97  97  LYS LYS A . n 
A 1 98  VAL 98  98  98  VAL VAL A . n 
A 1 99  LEU 99  99  99  LEU LEU A . n 
A 1 100 ARG 100 100 100 ARG ARG A . n 
A 1 101 LYS 101 101 101 LYS LYS A . n 
A 1 102 ILE 102 102 102 ILE ILE A . n 
A 1 103 PHE 103 103 103 PHE PHE A . n 
A 1 104 LEU 104 104 104 LEU LEU A . n 
A 1 105 ASP 105 105 105 ASP ASP A . n 
A 1 106 ASN 106 106 106 ASN ASN A . n 
A 1 107 GLY 107 107 107 GLY GLY A . n 
A 1 108 ILE 108 108 108 ILE ILE A . n 
A 1 109 SER 109 109 109 SER SER A . n 
A 1 110 SER 110 110 110 SER SER A . n 
A 1 111 ASP 111 111 111 ASP ASP A . n 
A 1 112 THR 112 112 112 THR THR A . n 
A 1 113 ILE 113 113 113 ILE ILE A . n 
A 1 114 ASP 114 114 114 ASP ASP A . n 
A 1 115 GLN 115 115 115 GLN GLN A . n 
A 1 116 TYR 116 116 116 TYR TYR A . n 
A 1 117 PHE 117 117 117 PHE PHE A . n 
A 1 118 ILE 118 118 118 ILE ILE A . n 
A 1 119 ALA 119 119 119 ALA ALA A . n 
A 1 120 ILE 120 120 120 ILE ILE A . n 
A 1 121 ARG 121 121 121 ARG ARG A . n 
A 1 122 ARG 122 122 122 ARG ARG A . n 
A 1 123 ILE 123 123 123 ILE ILE A . n 
A 1 124 ILE 124 124 124 ILE ILE A . n 
A 1 125 ARG 125 125 125 ARG ARG A . n 
A 1 126 PRO 126 126 126 PRO PRO A . n 
A 1 127 SER 127 127 127 SER SER A . n 
A 1 128 ARG 128 128 128 ARG ARG A . n 
A 1 129 SER 129 129 129 SER SER A . n 
A 1 130 ASP 130 130 130 ASP ASP A . n 
A 1 131 ARG 131 131 131 ARG ARG A . n 
A 1 132 PHE 132 132 132 PHE PHE A . n 
A 1 133 PHE 133 133 133 PHE PHE A . n 
A 1 134 LEU 134 134 134 LEU LEU A . n 
A 1 135 PHE 135 135 135 PHE PHE A . n 
A 1 136 ARG 136 136 136 ARG ARG A . n 
A 1 137 LEU 137 137 137 LEU LEU A . n 
A 1 138 ALA 138 138 138 ALA ALA A . n 
A 1 139 GLU 139 139 139 GLU GLU A . n 
A 1 140 TYR 140 140 140 TYR TYR A . n 
A 1 141 ARG 141 141 141 ARG ARG A . n 
A 1 142 LYS 142 142 142 LYS LYS A . n 
A 1 143 TYR 143 143 143 TYR TYR A . n 
A 1 144 GLU 144 144 144 GLU GLU A . n 
A 1 145 ASN 145 145 145 ASN ASN A . n 
A 1 146 PRO 146 146 146 PRO PRO A . n 
A 1 147 VAL 147 147 147 VAL VAL A . n 
A 1 148 LYS 148 148 148 LYS LYS A . n 
A 1 149 TYR 149 149 149 TYR TYR A . n 
A 1 150 ASP 150 150 150 ASP ASP A . n 
A 1 151 GLN 151 151 151 GLN GLN A . n 
A 1 152 VAL 152 152 152 VAL VAL A . n 
A 1 153 ARG 153 153 153 ARG ARG A . n 
A 1 154 ASP 154 154 154 ASP ASP A . n 
A 1 155 ILE 155 155 155 ILE ILE A . n 
A 1 156 ILE 156 156 156 ILE ILE A . n 
A 1 157 SER 157 157 157 SER SER A . n 
A 1 158 HIS 158 158 158 HIS HIS A . n 
A 1 159 ILE 159 159 159 ILE ILE A . n 
A 1 160 THR 160 160 160 THR THR A . n 
A 1 161 TRP 161 161 161 TRP TRP A . n 
A 1 162 THR 162 162 162 THR THR A . n 
A 1 163 GLY 163 163 163 GLY GLY A . n 
A 1 164 ARG 164 164 164 ARG ARG A . n 
A 1 165 TYR 165 165 165 TYR TYR A . n 
A 1 166 LEU 166 166 166 LEU LEU A . n 
A 1 167 VAL 167 167 167 VAL VAL A . n 
A 1 168 PRO 168 168 168 PRO PRO A . n 
A 1 169 ILE 169 169 169 ILE ILE A . n 
A 1 170 ARG 170 170 170 ARG ARG A . n 
A 1 171 PRO 171 171 171 PRO PRO A . n 
A 1 172 GLU 172 172 172 GLU GLU A . n 
A 1 173 ASP 173 173 173 ASP ASP A . n 
A 1 174 TYR 174 174 174 TYR TYR A . n 
A 1 175 GLU 175 175 175 GLU GLU A . n 
A 1 176 ALA 176 176 176 ALA ALA A . n 
A 1 177 ILE 177 177 177 ILE ILE A . n 
A 1 178 HIS 178 178 178 HIS HIS A . n 
A 1 179 SER 179 179 179 SER SER A . n 
A 1 180 ARG 180 180 180 ARG ARG A . n 
A 1 181 GLY 181 181 181 GLY GLY A . n 
# 
loop_
_pdbx_nonpoly_scheme.asym_id 
_pdbx_nonpoly_scheme.entity_id 
_pdbx_nonpoly_scheme.mon_id 
_pdbx_nonpoly_scheme.ndb_seq_num 
_pdbx_nonpoly_scheme.pdb_seq_num 
_pdbx_nonpoly_scheme.auth_seq_num 
_pdbx_nonpoly_scheme.pdb_mon_id 
_pdbx_nonpoly_scheme.auth_mon_id 
_pdbx_nonpoly_scheme.pdb_strand_id 
_pdbx_nonpoly_scheme.pdb_ins_code 
B 2 SO4 1  201 2  SO4 SO4 A . 
C 2 SO4 1  202 3  SO4 SO4 A . 
D 3 HOH 1  301 29 HOH HOH A . 
D 3 HOH 2  302 91 HOH HOH A . 
D 3 HOH 3  303 90 HOH HOH A . 
D 3 HOH 4  304 89 HOH HOH A . 
D 3 HOH 5  305 26 HOH HOH A . 
D 3 HOH 6  306 58 HOH HOH A . 
D 3 HOH 7  307 8  HOH HOH A . 
D 3 HOH 8  308 20 HOH HOH A . 
D 3 HOH 9  309 37 HOH HOH A . 
D 3 HOH 10 310 87 HOH HOH A . 
D 3 HOH 11 311 47 HOH HOH A . 
D 3 HOH 12 312 40 HOH HOH A . 
D 3 HOH 13 313 63 HOH HOH A . 
D 3 HOH 14 314 53 HOH HOH A . 
D 3 HOH 15 315 7  HOH HOH A . 
D 3 HOH 16 316 9  HOH HOH A . 
D 3 HOH 17 317 65 HOH HOH A . 
D 3 HOH 18 318 30 HOH HOH A . 
D 3 HOH 19 319 5  HOH HOH A . 
D 3 HOH 20 320 54 HOH HOH A . 
D 3 HOH 21 321 15 HOH HOH A . 
D 3 HOH 22 322 25 HOH HOH A . 
D 3 HOH 23 323 94 HOH HOH A . 
D 3 HOH 24 324 56 HOH HOH A . 
D 3 HOH 25 325 27 HOH HOH A . 
D 3 HOH 26 326 69 HOH HOH A . 
D 3 HOH 27 327 55 HOH HOH A . 
D 3 HOH 28 328 10 HOH HOH A . 
D 3 HOH 29 329 18 HOH HOH A . 
D 3 HOH 30 330 4  HOH HOH A . 
D 3 HOH 31 331 13 HOH HOH A . 
D 3 HOH 32 332 34 HOH HOH A . 
D 3 HOH 33 333 84 HOH HOH A . 
D 3 HOH 34 334 16 HOH HOH A . 
D 3 HOH 35 335 80 HOH HOH A . 
D 3 HOH 36 336 21 HOH HOH A . 
D 3 HOH 37 337 60 HOH HOH A . 
D 3 HOH 38 338 3  HOH HOH A . 
D 3 HOH 39 339 64 HOH HOH A . 
D 3 HOH 40 340 19 HOH HOH A . 
D 3 HOH 41 341 75 HOH HOH A . 
D 3 HOH 42 342 76 HOH HOH A . 
D 3 HOH 43 343 82 HOH HOH A . 
D 3 HOH 44 344 78 HOH HOH A . 
D 3 HOH 45 345 36 HOH HOH A . 
D 3 HOH 46 346 23 HOH HOH A . 
D 3 HOH 47 347 43 HOH HOH A . 
D 3 HOH 48 348 59 HOH HOH A . 
D 3 HOH 49 349 17 HOH HOH A . 
D 3 HOH 50 350 88 HOH HOH A . 
D 3 HOH 51 351 48 HOH HOH A . 
D 3 HOH 52 352 72 HOH HOH A . 
D 3 HOH 53 353 22 HOH HOH A . 
D 3 HOH 54 354 41 HOH HOH A . 
D 3 HOH 55 355 46 HOH HOH A . 
D 3 HOH 56 356 11 HOH HOH A . 
D 3 HOH 57 357 86 HOH HOH A . 
D 3 HOH 58 358 61 HOH HOH A . 
D 3 HOH 59 359 31 HOH HOH A . 
D 3 HOH 60 360 93 HOH HOH A . 
D 3 HOH 61 361 67 HOH HOH A . 
D 3 HOH 62 362 45 HOH HOH A . 
D 3 HOH 63 363 49 HOH HOH A . 
D 3 HOH 64 364 14 HOH HOH A . 
D 3 HOH 65 365 71 HOH HOH A . 
D 3 HOH 66 366 51 HOH HOH A . 
D 3 HOH 67 367 42 HOH HOH A . 
D 3 HOH 68 368 62 HOH HOH A . 
D 3 HOH 69 369 28 HOH HOH A . 
D 3 HOH 70 370 73 HOH HOH A . 
D 3 HOH 71 371 77 HOH HOH A . 
D 3 HOH 72 372 1  HOH HOH A . 
D 3 HOH 73 373 6  HOH HOH A . 
D 3 HOH 74 374 81 HOH HOH A . 
D 3 HOH 75 375 83 HOH HOH A . 
D 3 HOH 76 376 92 HOH HOH A . 
D 3 HOH 77 377 33 HOH HOH A . 
D 3 HOH 78 378 74 HOH HOH A . 
D 3 HOH 79 379 44 HOH HOH A . 
D 3 HOH 80 380 68 HOH HOH A . 
D 3 HOH 81 381 57 HOH HOH A . 
D 3 HOH 82 382 24 HOH HOH A . 
D 3 HOH 83 383 79 HOH HOH A . 
D 3 HOH 84 384 38 HOH HOH A . 
D 3 HOH 85 385 35 HOH HOH A . 
D 3 HOH 86 386 32 HOH HOH A . 
D 3 HOH 87 387 12 HOH HOH A . 
D 3 HOH 88 388 2  HOH HOH A . 
D 3 HOH 89 389 50 HOH HOH A . 
D 3 HOH 90 390 70 HOH HOH A . 
D 3 HOH 91 391 39 HOH HOH A . 
D 3 HOH 92 392 85 HOH HOH A . 
D 3 HOH 93 393 52 HOH HOH A . 
D 3 HOH 94 394 66 HOH HOH A . 
# 
loop_
_software.citation_id 
_software.classification 
_software.compiler_name 
_software.compiler_version 
_software.contact_author 
_software.contact_author_email 
_software.date 
_software.description 
_software.dependencies 
_software.hardware 
_software.language 
_software.location 
_software.mods 
_software.name 
_software.os 
_software.os_version 
_software.type 
_software.version 
_software.pdbx_ordinal 
? refinement       ? ? ? ? ? ? ? ? ? ? ? PHENIX  ? ? ? . 1 
? 'data reduction' ? ? ? ? ? ? ? ? ? ? ? XDS     ? ? ? . 2 
? 'data scaling'   ? ? ? ? ? ? ? ? ? ? ? Aimless ? ? ? . 3 
? phasing          ? ? ? ? ? ? ? ? ? ? ? SHELXCD ? ? ? . 4 
# 
_cell.angle_alpha                  90.00 
_cell.angle_alpha_esd              ? 
_cell.angle_beta                   90.00 
_cell.angle_beta_esd               ? 
_cell.angle_gamma                  90.00 
_cell.angle_gamma_esd              ? 
_cell.entry_id                     6N0S 
_cell.details                      ? 
_cell.formula_units_Z              ? 
_cell.length_a                     62.406 
_cell.length_a_esd                 ? 
_cell.length_b                     62.406 
_cell.length_b_esd                 ? 
_cell.length_c                     118.633 
_cell.length_c_esd                 ? 
_cell.volume                       ? 
_cell.volume_esd                   ? 
_cell.Z_PDB                        8 
_cell.reciprocal_angle_alpha       ? 
_cell.reciprocal_angle_beta        ? 
_cell.reciprocal_angle_gamma       ? 
_cell.reciprocal_angle_alpha_esd   ? 
_cell.reciprocal_angle_beta_esd    ? 
_cell.reciprocal_angle_gamma_esd   ? 
_cell.reciprocal_length_a          ? 
_cell.reciprocal_length_b          ? 
_cell.reciprocal_length_c          ? 
_cell.reciprocal_length_a_esd      ? 
_cell.reciprocal_length_b_esd      ? 
_cell.reciprocal_length_c_esd      ? 
_cell.pdbx_unique_axis             ? 
# 
_symmetry.entry_id                         6N0S 
_symmetry.cell_setting                     ? 
_symmetry.Int_Tables_number                96 
_symmetry.space_group_name_Hall            ? 
_symmetry.space_group_name_H-M             'P 43 21 2' 
_symmetry.pdbx_full_space_group_name_H-M   ? 
# 
_exptl.absorpt_coefficient_mu     ? 
_exptl.absorpt_correction_T_max   ? 
_exptl.absorpt_correction_T_min   ? 
_exptl.absorpt_correction_type    ? 
_exptl.absorpt_process_details    ? 
_exptl.entry_id                   6N0S 
_exptl.crystals_number            1 
_exptl.details                    ? 
_exptl.method                     'X-RAY DIFFRACTION' 
_exptl.method_details             ? 
# 
_exptl_crystal.colour                      ? 
_exptl_crystal.density_diffrn              ? 
_exptl_crystal.density_Matthews            2.69 
_exptl_crystal.density_method              ? 
_exptl_crystal.density_percent_sol         54.20 
_exptl_crystal.description                 ? 
_exptl_crystal.F_000                       ? 
_exptl_crystal.id                          1 
_exptl_crystal.preparation                 ? 
_exptl_crystal.size_max                    ? 
_exptl_crystal.size_mid                    ? 
_exptl_crystal.size_min                    ? 
_exptl_crystal.size_rad                    ? 
_exptl_crystal.colour_lustre               ? 
_exptl_crystal.colour_modifier             ? 
_exptl_crystal.colour_primary              ? 
_exptl_crystal.density_meas                ? 
_exptl_crystal.density_meas_esd            ? 
_exptl_crystal.density_meas_gt             ? 
_exptl_crystal.density_meas_lt             ? 
_exptl_crystal.density_meas_temp           ? 
_exptl_crystal.density_meas_temp_esd       ? 
_exptl_crystal.density_meas_temp_gt        ? 
_exptl_crystal.density_meas_temp_lt        ? 
_exptl_crystal.pdbx_crystal_image_url      ? 
_exptl_crystal.pdbx_crystal_image_format   ? 
_exptl_crystal.pdbx_mosaicity              ? 
_exptl_crystal.pdbx_mosaicity_esd          ? 
# 
_exptl_crystal_grow.apparatus       ? 
_exptl_crystal_grow.atmosphere      ? 
_exptl_crystal_grow.crystal_id      1 
_exptl_crystal_grow.details         ? 
_exptl_crystal_grow.method          'VAPOR DIFFUSION, SITTING DROP' 
_exptl_crystal_grow.method_ref      ? 
_exptl_crystal_grow.pH              7.5 
_exptl_crystal_grow.pressure        ? 
_exptl_crystal_grow.pressure_esd    ? 
_exptl_crystal_grow.seeding         ? 
_exptl_crystal_grow.seeding_ref     ? 
_exptl_crystal_grow.temp            298 
_exptl_crystal_grow.temp_details    ? 
_exptl_crystal_grow.temp_esd        ? 
_exptl_crystal_grow.time            ? 
_exptl_crystal_grow.pdbx_details    '0.1 M Bis-Tris propane, pH 7.5, 0.2 M sodium sulfate, 23% PEG3350' 
_exptl_crystal_grow.pdbx_pH_range   '7.3 - 7.7' 
# 
_diffrn.ambient_environment              ? 
_diffrn.ambient_temp                     100 
_diffrn.ambient_temp_details             ? 
_diffrn.ambient_temp_esd                 ? 
_diffrn.crystal_id                       1 
_diffrn.crystal_support                  ? 
_diffrn.crystal_treatment                ? 
_diffrn.details                          ? 
_diffrn.id                               1 
_diffrn.ambient_pressure                 ? 
_diffrn.ambient_pressure_esd             ? 
_diffrn.ambient_pressure_gt              ? 
_diffrn.ambient_pressure_lt              ? 
_diffrn.ambient_temp_gt                  ? 
_diffrn.ambient_temp_lt                  ? 
_diffrn.pdbx_serial_crystal_experiment   N 
# 
_diffrn_detector.details                      ? 
_diffrn_detector.detector                     PIXEL 
_diffrn_detector.diffrn_id                    1 
_diffrn_detector.type                         'DECTRIS PILATUS 6M-F' 
_diffrn_detector.area_resol_mean              ? 
_diffrn_detector.dtime                        ? 
_diffrn_detector.pdbx_frames_total            ? 
_diffrn_detector.pdbx_collection_time_total   ? 
_diffrn_detector.pdbx_collection_date         2017-08-19 
_diffrn_detector.pdbx_frequency               ? 
# 
_diffrn_radiation.collimation                      ? 
_diffrn_radiation.diffrn_id                        1 
_diffrn_radiation.filter_edge                      ? 
_diffrn_radiation.inhomogeneity                    ? 
_diffrn_radiation.monochromator                    'cryo-cooled double crystal Si(111)' 
_diffrn_radiation.polarisn_norm                    ? 
_diffrn_radiation.polarisn_ratio                   ? 
_diffrn_radiation.probe                            ? 
_diffrn_radiation.type                             ? 
_diffrn_radiation.xray_symbol                      ? 
_diffrn_radiation.wavelength_id                    1 
_diffrn_radiation.pdbx_monochromatic_or_laue_m_l   M 
_diffrn_radiation.pdbx_wavelength_list             ? 
_diffrn_radiation.pdbx_wavelength                  ? 
_diffrn_radiation.pdbx_diffrn_protocol             'SINGLE WAVELENGTH' 
_diffrn_radiation.pdbx_analyzer                    ? 
_diffrn_radiation.pdbx_scattering_type             x-ray 
# 
_diffrn_radiation_wavelength.id           1 
_diffrn_radiation_wavelength.wavelength   0.9791 
_diffrn_radiation_wavelength.wt           1.0 
# 
_diffrn_source.current                     ? 
_diffrn_source.details                     ? 
_diffrn_source.diffrn_id                   1 
_diffrn_source.power                       ? 
_diffrn_source.size                        ? 
_diffrn_source.source                      SYNCHROTRON 
_diffrn_source.target                      ? 
_diffrn_source.type                        'APS BEAMLINE 24-ID-C' 
_diffrn_source.voltage                     ? 
_diffrn_source.take-off_angle              ? 
_diffrn_source.pdbx_wavelength_list        0.9791 
_diffrn_source.pdbx_wavelength             ? 
_diffrn_source.pdbx_synchrotron_beamline   24-ID-C 
_diffrn_source.pdbx_synchrotron_site       APS 
# 
_reflns.B_iso_Wilson_estimate            ? 
_reflns.entry_id                         6N0S 
_reflns.data_reduction_details           ? 
_reflns.data_reduction_method            ? 
_reflns.d_resolution_high                1.92 
_reflns.d_resolution_low                 55.26 
_reflns.details                          ? 
_reflns.limit_h_max                      ? 
_reflns.limit_h_min                      ? 
_reflns.limit_k_max                      ? 
_reflns.limit_k_min                      ? 
_reflns.limit_l_max                      ? 
_reflns.limit_l_min                      ? 
_reflns.number_all                       ? 
_reflns.number_obs                       29031 
_reflns.observed_criterion               ? 
_reflns.observed_criterion_F_max         ? 
_reflns.observed_criterion_F_min         ? 
_reflns.observed_criterion_I_max         ? 
_reflns.observed_criterion_I_min         ? 
_reflns.observed_criterion_sigma_F       ? 
_reflns.observed_criterion_sigma_I       ? 
_reflns.percent_possible_obs             99.9 
_reflns.R_free_details                   ? 
_reflns.Rmerge_F_all                     ? 
_reflns.Rmerge_F_obs                     ? 
_reflns.Friedel_coverage                 ? 
_reflns.number_gt                        ? 
_reflns.threshold_expression             ? 
_reflns.pdbx_redundancy                  42.2 
_reflns.pdbx_Rmerge_I_obs                0.111 
_reflns.pdbx_Rmerge_I_all                ? 
_reflns.pdbx_Rsym_value                  ? 
_reflns.pdbx_netI_over_av_sigmaI         ? 
_reflns.pdbx_netI_over_sigmaI            19.9 
_reflns.pdbx_res_netI_over_av_sigmaI_2   ? 
_reflns.pdbx_res_netI_over_sigmaI_2      ? 
_reflns.pdbx_chi_squared                 ? 
_reflns.pdbx_scaling_rejects             ? 
_reflns.pdbx_d_res_high_opt              ? 
_reflns.pdbx_d_res_low_opt               ? 
_reflns.pdbx_d_res_opt_method            ? 
_reflns.phase_calculation_details        ? 
_reflns.pdbx_Rrim_I_all                  ? 
_reflns.pdbx_Rpim_I_all                  ? 
_reflns.pdbx_d_opt                       ? 
_reflns.pdbx_number_measured_all         ? 
_reflns.pdbx_diffrn_id                   1 
_reflns.pdbx_ordinal                     1 
_reflns.pdbx_CC_half                     0.999 
_reflns.pdbx_R_split                     ? 
# 
_reflns_shell.d_res_high                  1.92 
_reflns_shell.d_res_low                   2.09 
_reflns_shell.meanI_over_sigI_all         ? 
_reflns_shell.meanI_over_sigI_obs         3.63 
_reflns_shell.number_measured_all         ? 
_reflns_shell.number_measured_obs         ? 
_reflns_shell.number_possible             ? 
_reflns_shell.number_unique_all           ? 
_reflns_shell.number_unique_obs           8197 
_reflns_shell.percent_possible_all        100 
_reflns_shell.percent_possible_obs        ? 
_reflns_shell.Rmerge_F_all                ? 
_reflns_shell.Rmerge_F_obs                ? 
_reflns_shell.Rmerge_I_all                ? 
_reflns_shell.Rmerge_I_obs                1.068 
_reflns_shell.meanI_over_sigI_gt          ? 
_reflns_shell.meanI_over_uI_all           ? 
_reflns_shell.meanI_over_uI_gt            ? 
_reflns_shell.number_measured_gt          ? 
_reflns_shell.number_unique_gt            ? 
_reflns_shell.percent_possible_gt         ? 
_reflns_shell.Rmerge_F_gt                 ? 
_reflns_shell.Rmerge_I_gt                 ? 
_reflns_shell.pdbx_redundancy             24.2 
_reflns_shell.pdbx_Rsym_value             ? 
_reflns_shell.pdbx_chi_squared            ? 
_reflns_shell.pdbx_netI_over_sigmaI_all   ? 
_reflns_shell.pdbx_netI_over_sigmaI_obs   ? 
_reflns_shell.pdbx_Rrim_I_all             ? 
_reflns_shell.pdbx_Rpim_I_all             ? 
_reflns_shell.pdbx_rejects                ? 
_reflns_shell.pdbx_ordinal                1 
_reflns_shell.pdbx_diffrn_id              1 
_reflns_shell.pdbx_CC_half                0.964 
_reflns_shell.pdbx_R_split                ? 
# 
_refine.aniso_B[1][1]                            ? 
_refine.aniso_B[1][2]                            ? 
_refine.aniso_B[1][3]                            ? 
_refine.aniso_B[2][2]                            ? 
_refine.aniso_B[2][3]                            ? 
_refine.aniso_B[3][3]                            ? 
_refine.B_iso_max                                ? 
_refine.B_iso_mean                               ? 
_refine.B_iso_min                                ? 
_refine.correlation_coeff_Fo_to_Fc               ? 
_refine.correlation_coeff_Fo_to_Fc_free          ? 
_refine.details                                  ? 
_refine.diff_density_max                         ? 
_refine.diff_density_max_esd                     ? 
_refine.diff_density_min                         ? 
_refine.diff_density_min_esd                     ? 
_refine.diff_density_rms                         ? 
_refine.diff_density_rms_esd                     ? 
_refine.entry_id                                 6N0S 
_refine.pdbx_refine_id                           'X-RAY DIFFRACTION' 
_refine.ls_abs_structure_details                 ? 
_refine.ls_abs_structure_Flack                   ? 
_refine.ls_abs_structure_Flack_esd               ? 
_refine.ls_abs_structure_Rogers                  ? 
_refine.ls_abs_structure_Rogers_esd              ? 
_refine.ls_d_res_high                            1.92 
_refine.ls_d_res_low                             55.26 
_refine.ls_extinction_coef                       ? 
_refine.ls_extinction_coef_esd                   ? 
_refine.ls_extinction_expression                 ? 
_refine.ls_extinction_method                     ? 
_refine.ls_goodness_of_fit_all                   ? 
_refine.ls_goodness_of_fit_all_esd               ? 
_refine.ls_goodness_of_fit_obs                   ? 
_refine.ls_goodness_of_fit_obs_esd               ? 
_refine.ls_hydrogen_treatment                    ? 
_refine.ls_matrix_type                           ? 
_refine.ls_number_constraints                    ? 
_refine.ls_number_parameters                     ? 
_refine.ls_number_reflns_all                     ? 
_refine.ls_number_reflns_obs                     29031 
_refine.ls_number_reflns_R_free                  ? 
_refine.ls_number_reflns_R_work                  ? 
_refine.ls_number_restraints                     ? 
_refine.ls_percent_reflns_obs                    99.9 
_refine.ls_percent_reflns_R_free                 ? 
_refine.ls_R_factor_all                          ? 
_refine.ls_R_factor_obs                          ? 
_refine.ls_R_factor_R_free                       0.2356 
_refine.ls_R_factor_R_free_error                 ? 
_refine.ls_R_factor_R_free_error_details         ? 
_refine.ls_R_factor_R_work                       0.1964 
_refine.ls_R_Fsqd_factor_obs                     ? 
_refine.ls_R_I_factor_obs                        ? 
_refine.ls_redundancy_reflns_all                 ? 
_refine.ls_redundancy_reflns_obs                 ? 
_refine.ls_restrained_S_all                      ? 
_refine.ls_restrained_S_obs                      ? 
_refine.ls_shift_over_esd_max                    ? 
_refine.ls_shift_over_esd_mean                   ? 
_refine.ls_structure_factor_coef                 ? 
_refine.ls_weighting_details                     ? 
_refine.ls_weighting_scheme                      ? 
_refine.ls_wR_factor_all                         ? 
_refine.ls_wR_factor_obs                         ? 
_refine.ls_wR_factor_R_free                      ? 
_refine.ls_wR_factor_R_work                      ? 
_refine.occupancy_max                            ? 
_refine.occupancy_min                            ? 
_refine.solvent_model_details                    ? 
_refine.solvent_model_param_bsol                 ? 
_refine.solvent_model_param_ksol                 ? 
_refine.ls_R_factor_gt                           ? 
_refine.ls_goodness_of_fit_gt                    ? 
_refine.ls_goodness_of_fit_ref                   ? 
_refine.ls_shift_over_su_max                     ? 
_refine.ls_shift_over_su_max_lt                  ? 
_refine.ls_shift_over_su_mean                    ? 
_refine.ls_shift_over_su_mean_lt                 ? 
_refine.pdbx_ls_sigma_I                          ? 
_refine.pdbx_ls_sigma_F                          ? 
_refine.pdbx_ls_sigma_Fsqd                       ? 
_refine.pdbx_data_cutoff_high_absF               ? 
_refine.pdbx_data_cutoff_high_rms_absF           ? 
_refine.pdbx_data_cutoff_low_absF                ? 
_refine.pdbx_isotropic_thermal_model             ? 
_refine.pdbx_ls_cross_valid_method               'FREE R-VALUE' 
_refine.pdbx_method_to_determine_struct          SAD 
_refine.pdbx_starting_model                      ? 
_refine.pdbx_stereochemistry_target_values       ? 
_refine.pdbx_R_Free_selection_details            ? 
_refine.pdbx_stereochem_target_val_spec_case     ? 
_refine.pdbx_overall_ESU_R                       ? 
_refine.pdbx_overall_ESU_R_Free                  ? 
_refine.pdbx_solvent_vdw_probe_radii             ? 
_refine.pdbx_solvent_ion_probe_radii             ? 
_refine.pdbx_solvent_shrinkage_radii             ? 
_refine.pdbx_real_space_R                        ? 
_refine.pdbx_density_correlation                 ? 
_refine.pdbx_pd_number_of_powder_patterns        ? 
_refine.pdbx_pd_number_of_points                 ? 
_refine.pdbx_pd_meas_number_of_points            ? 
_refine.pdbx_pd_proc_ls_prof_R_factor            ? 
_refine.pdbx_pd_proc_ls_prof_wR_factor           ? 
_refine.pdbx_pd_Marquardt_correlation_coeff      ? 
_refine.pdbx_pd_Fsqrd_R_factor                   ? 
_refine.pdbx_pd_ls_matrix_band_width             ? 
_refine.pdbx_overall_phase_error                 ? 
_refine.pdbx_overall_SU_R_free_Cruickshank_DPI   ? 
_refine.pdbx_overall_SU_R_free_Blow_DPI          ? 
_refine.pdbx_overall_SU_R_Blow_DPI               ? 
_refine.pdbx_TLS_residual_ADP_flag               ? 
_refine.pdbx_diffrn_id                           1 
_refine.overall_SU_B                             ? 
_refine.overall_SU_ML                            ? 
_refine.overall_SU_R_Cruickshank_DPI             ? 
_refine.overall_SU_R_free                        ? 
_refine.overall_FOM_free_R_set                   ? 
_refine.overall_FOM_work_R_set                   ? 
_refine.pdbx_average_fsc_overall                 ? 
_refine.pdbx_average_fsc_work                    ? 
_refine.pdbx_average_fsc_free                    ? 
# 
_refine_hist.pdbx_refine_id                   'X-RAY DIFFRACTION' 
_refine_hist.cycle_id                         LAST 
_refine_hist.pdbx_number_atoms_protein        1522 
_refine_hist.pdbx_number_atoms_nucleic_acid   0 
_refine_hist.pdbx_number_atoms_ligand         10 
_refine_hist.number_atoms_solvent             94 
_refine_hist.number_atoms_total               1626 
_refine_hist.d_res_high                       1.92 
_refine_hist.d_res_low                        55.26 
# 
_refine_ls_shell.R_factor_R_free                  ? 
_refine_ls_shell.R_factor_R_free_error            ? 
_refine_ls_shell.R_factor_R_work                  ? 
_refine_ls_shell.R_factor_all                     ? 
_refine_ls_shell.R_factor_obs                     ? 
_refine_ls_shell.d_res_high                       1.92 
_refine_ls_shell.d_res_low                        ? 
_refine_ls_shell.number_reflns_R_free             ? 
_refine_ls_shell.number_reflns_R_work             ? 
_refine_ls_shell.number_reflns_all                ? 
_refine_ls_shell.number_reflns_obs                ? 
_refine_ls_shell.pdbx_fsc_free                    ? 
_refine_ls_shell.pdbx_fsc_work                    ? 
_refine_ls_shell.pdbx_phase_error                 ? 
_refine_ls_shell.pdbx_refine_id                   'X-RAY DIFFRACTION' 
_refine_ls_shell.pdbx_total_number_of_bins_used   ? 
_refine_ls_shell.percent_reflns_R_free            ? 
_refine_ls_shell.percent_reflns_obs               ? 
_refine_ls_shell.redundancy_reflns_all            ? 
_refine_ls_shell.redundancy_reflns_obs            ? 
_refine_ls_shell.wR_factor_R_free                 ? 
_refine_ls_shell.wR_factor_R_work                 ? 
_refine_ls_shell.wR_factor_all                    ? 
_refine_ls_shell.wR_factor_obs                    ? 
# 
_struct.entry_id                     6N0S 
_struct.title                        'N-terminal domain of Staphylothermus marinus McrB' 
_struct.pdbx_model_details           ? 
_struct.pdbx_formula_weight          ? 
_struct.pdbx_formula_weight_method   ? 
_struct.pdbx_model_type_details      ? 
_struct.pdbx_CASP_flag               N 
# 
_struct_keywords.entry_id        6N0S 
_struct_keywords.text            'EVE domain, restriction endonuclease, DNA Binding Protein' 
_struct_keywords.pdbx_keywords   'DNA BINDING PROTEIN' 
# 
loop_
_struct_asym.id 
_struct_asym.pdbx_blank_PDB_chainid_flag 
_struct_asym.pdbx_modified 
_struct_asym.entity_id 
_struct_asym.details 
A N N 1 ? 
B N N 2 ? 
C N N 2 ? 
D N N 3 ? 
# 
_struct_ref.id                         1 
_struct_ref.db_name                    UNP 
_struct_ref.db_code                    A3DM20_STAMF 
_struct_ref.pdbx_db_accession          A3DM20 
_struct_ref.pdbx_db_isoform            ? 
_struct_ref.entity_id                  1 
_struct_ref.pdbx_seq_one_letter_code   
;NKILGFSKYWVEINNWILPTLDHIGLTLWGMIKKHASEYRGIRYSLEKFGELKIIHYIGSRASHDLGKTFIGESVLSKEN
NKIVKEYSWPEIKKVLRKIFLDNGISSDTIDQYFIAIRRIIRPSRSDRFFLFRLAEYRKYENPVKYDQVRDIISHITWTG
RYLVPIRPEDYEAIHSRG
;
_struct_ref.pdbx_align_begin           3 
# 
_struct_ref_seq.align_id                      1 
_struct_ref_seq.ref_id                        1 
_struct_ref_seq.pdbx_PDB_id_code              6N0S 
_struct_ref_seq.pdbx_strand_id                A 
_struct_ref_seq.seq_align_beg                 4 
_struct_ref_seq.pdbx_seq_align_beg_ins_code   ? 
_struct_ref_seq.seq_align_end                 181 
_struct_ref_seq.pdbx_seq_align_end_ins_code   ? 
_struct_ref_seq.pdbx_db_accession             A3DM20 
_struct_ref_seq.db_align_beg                  3 
_struct_ref_seq.pdbx_db_align_beg_ins_code    ? 
_struct_ref_seq.db_align_end                  180 
_struct_ref_seq.pdbx_db_align_end_ins_code    ? 
_struct_ref_seq.pdbx_auth_seq_align_beg       4 
_struct_ref_seq.pdbx_auth_seq_align_end       181 
# 
loop_
_struct_ref_seq_dif.align_id 
_struct_ref_seq_dif.pdbx_pdb_id_code 
_struct_ref_seq_dif.mon_id 
_struct_ref_seq_dif.pdbx_pdb_strand_id 
_struct_ref_seq_dif.seq_num 
_struct_ref_seq_dif.pdbx_pdb_ins_code 
_struct_ref_seq_dif.pdbx_seq_db_name 
_struct_ref_seq_dif.pdbx_seq_db_accession_code 
_struct_ref_seq_dif.db_mon_id 
_struct_ref_seq_dif.pdbx_seq_db_seq_num 
_struct_ref_seq_dif.details 
_struct_ref_seq_dif.pdbx_auth_seq_num 
_struct_ref_seq_dif.pdbx_ordinal 
1 6N0S GLY A 1 ? UNP A3DM20 ? ? 'expression tag' 1 1 
1 6N0S PRO A 2 ? UNP A3DM20 ? ? 'expression tag' 2 2 
1 6N0S MSE A 3 ? UNP A3DM20 ? ? 'expression tag' 3 3 
# 
_pdbx_struct_assembly.id                   1 
_pdbx_struct_assembly.details              author_defined_assembly 
_pdbx_struct_assembly.method_details       ? 
_pdbx_struct_assembly.oligomeric_details   monomeric 
_pdbx_struct_assembly.oligomeric_count     1 
# 
loop_
_pdbx_struct_assembly_prop.biol_id 
_pdbx_struct_assembly_prop.type 
_pdbx_struct_assembly_prop.value 
_pdbx_struct_assembly_prop.details 
1 'ABSA (A^2)' 380  ? 
1 MORE         -28  ? 
1 'SSA (A^2)'  9860 ? 
# 
_pdbx_struct_assembly_gen.assembly_id       1 
_pdbx_struct_assembly_gen.oper_expression   1 
_pdbx_struct_assembly_gen.asym_id_list      A,B,C,D 
# 
_pdbx_struct_assembly_auth_evidence.id                     1 
_pdbx_struct_assembly_auth_evidence.assembly_id            1 
_pdbx_struct_assembly_auth_evidence.experimental_support   'gel filtration' 
_pdbx_struct_assembly_auth_evidence.details                ? 
# 
_pdbx_struct_oper_list.id                   1 
_pdbx_struct_oper_list.type                 'identity operation' 
_pdbx_struct_oper_list.name                 1_555 
_pdbx_struct_oper_list.symmetry_operation   x,y,z 
_pdbx_struct_oper_list.matrix[1][1]         1.0000000000 
_pdbx_struct_oper_list.matrix[1][2]         0.0000000000 
_pdbx_struct_oper_list.matrix[1][3]         0.0000000000 
_pdbx_struct_oper_list.vector[1]            0.0000000000 
_pdbx_struct_oper_list.matrix[2][1]         0.0000000000 
_pdbx_struct_oper_list.matrix[2][2]         1.0000000000 
_pdbx_struct_oper_list.matrix[2][3]         0.0000000000 
_pdbx_struct_oper_list.vector[2]            0.0000000000 
_pdbx_struct_oper_list.matrix[3][1]         0.0000000000 
_pdbx_struct_oper_list.matrix[3][2]         0.0000000000 
_pdbx_struct_oper_list.matrix[3][3]         1.0000000000 
_pdbx_struct_oper_list.vector[3]            0.0000000000 
# 
loop_
_struct_conf.conf_type_id 
_struct_conf.id 
_struct_conf.pdbx_PDB_helix_id 
_struct_conf.beg_label_comp_id 
_struct_conf.beg_label_asym_id 
_struct_conf.beg_label_seq_id 
_struct_conf.pdbx_beg_PDB_ins_code 
_struct_conf.end_label_comp_id 
_struct_conf.end_label_asym_id 
_struct_conf.end_label_seq_id 
_struct_conf.pdbx_end_PDB_ins_code 
_struct_conf.beg_auth_comp_id 
_struct_conf.beg_auth_asym_id 
_struct_conf.beg_auth_seq_id 
_struct_conf.end_auth_comp_id 
_struct_conf.end_auth_asym_id 
_struct_conf.end_auth_seq_id 
_struct_conf.pdbx_PDB_helix_class 
_struct_conf.details 
_struct_conf.pdbx_PDB_helix_length 
HELX_P HELX_P1 AA1 HIS A 38  ? GLY A 53  ? HIS A 38  GLY A 53  1 ? 16 
HELX_P HELX_P2 AA2 SER A 63  ? SER A 66  ? SER A 63  SER A 66  5 ? 4  
HELX_P HELX_P3 AA3 GLU A 82  ? LYS A 85  ? GLU A 82  LYS A 85  5 ? 4  
HELX_P HELX_P4 AA4 SER A 91  ? ASN A 106 ? SER A 91  ASN A 106 1 ? 16 
HELX_P HELX_P5 AA5 SER A 109 ? ARG A 125 ? SER A 109 ARG A 125 1 ? 17 
HELX_P HELX_P6 AA6 ASP A 150 ? VAL A 152 ? ASP A 150 VAL A 152 5 ? 3  
HELX_P HELX_P7 AA7 SER A 157 ? THR A 162 ? SER A 157 THR A 162 5 ? 6  
HELX_P HELX_P8 AA8 ARG A 170 ? SER A 179 ? ARG A 170 SER A 179 1 ? 10 
# 
_struct_conf_type.id          HELX_P 
_struct_conf_type.criteria    ? 
_struct_conf_type.reference   ? 
# 
loop_
_struct_conn.id 
_struct_conn.conn_type_id 
_struct_conn.pdbx_leaving_atom_flag 
_struct_conn.pdbx_PDB_id 
_struct_conn.ptnr1_label_asym_id 
_struct_conn.ptnr1_label_comp_id 
_struct_conn.ptnr1_label_seq_id 
_struct_conn.ptnr1_label_atom_id 
_struct_conn.pdbx_ptnr1_label_alt_id 
_struct_conn.pdbx_ptnr1_PDB_ins_code 
_struct_conn.pdbx_ptnr1_standard_comp_id 
_struct_conn.ptnr1_symmetry 
_struct_conn.ptnr2_label_asym_id 
_struct_conn.ptnr2_label_comp_id 
_struct_conn.ptnr2_label_seq_id 
_struct_conn.ptnr2_label_atom_id 
_struct_conn.pdbx_ptnr2_label_alt_id 
_struct_conn.pdbx_ptnr2_PDB_ins_code 
_struct_conn.ptnr1_auth_asym_id 
_struct_conn.ptnr1_auth_comp_id 
_struct_conn.ptnr1_auth_seq_id 
_struct_conn.ptnr2_auth_asym_id 
_struct_conn.ptnr2_auth_comp_id 
_struct_conn.ptnr2_auth_seq_id 
_struct_conn.ptnr2_symmetry 
_struct_conn.pdbx_ptnr3_label_atom_id 
_struct_conn.pdbx_ptnr3_label_seq_id 
_struct_conn.pdbx_ptnr3_label_comp_id 
_struct_conn.pdbx_ptnr3_label_asym_id 
_struct_conn.pdbx_ptnr3_label_alt_id 
_struct_conn.pdbx_ptnr3_PDB_ins_code 
_struct_conn.details 
_struct_conn.pdbx_dist_value 
_struct_conn.pdbx_value_order 
_struct_conn.pdbx_role 
covale1 covale both ? A PRO 2  C ? ? ? 1_555 A MSE 3  N ? ? A PRO 2  A MSE 3  1_555 ? ? ? ? ? ? ? 1.320 ? ? 
covale2 covale both ? A MSE 3  C ? ? ? 1_555 A ASN 4  N ? ? A MSE 3  A ASN 4  1_555 ? ? ? ? ? ? ? 1.323 ? ? 
covale3 covale both ? A GLY 33 C ? ? ? 1_555 A MSE 34 N ? ? A GLY 33 A MSE 34 1_555 ? ? ? ? ? ? ? 1.324 ? ? 
covale4 covale both ? A MSE 34 C ? ? ? 1_555 A ILE 35 N ? ? A MSE 34 A ILE 35 1_555 ? ? ? ? ? ? ? 1.332 ? ? 
# 
_struct_conn_type.id          covale 
_struct_conn_type.criteria    ? 
_struct_conn_type.reference   ? 
# 
loop_
_pdbx_modification_feature.ordinal 
_pdbx_modification_feature.label_comp_id 
_pdbx_modification_feature.label_asym_id 
_pdbx_modification_feature.label_seq_id 
_pdbx_modification_feature.label_alt_id 
_pdbx_modification_feature.modified_residue_label_comp_id 
_pdbx_modification_feature.modified_residue_label_asym_id 
_pdbx_modification_feature.modified_residue_label_seq_id 
_pdbx_modification_feature.modified_residue_label_alt_id 
_pdbx_modification_feature.auth_comp_id 
_pdbx_modification_feature.auth_asym_id 
_pdbx_modification_feature.auth_seq_id 
_pdbx_modification_feature.PDB_ins_code 
_pdbx_modification_feature.symmetry 
_pdbx_modification_feature.modified_residue_auth_comp_id 
_pdbx_modification_feature.modified_residue_auth_asym_id 
_pdbx_modification_feature.modified_residue_auth_seq_id 
_pdbx_modification_feature.modified_residue_PDB_ins_code 
_pdbx_modification_feature.modified_residue_symmetry 
_pdbx_modification_feature.comp_id_linking_atom 
_pdbx_modification_feature.modified_residue_id_linking_atom 
_pdbx_modification_feature.modified_residue_id 
_pdbx_modification_feature.ref_pcm_id 
_pdbx_modification_feature.ref_comp_id 
_pdbx_modification_feature.type 
_pdbx_modification_feature.category 
1 MSE A 3  ? . . . . MSE A 3  ? 1_555 . . . . . . . MET 1 MSE Selenomethionine 'Named protein modification' 
2 MSE A 34 ? . . . . MSE A 34 ? 1_555 . . . . . . . MET 1 MSE Selenomethionine 'Named protein modification' 
# 
loop_
_struct_sheet.id 
_struct_sheet.type 
_struct_sheet.number_strands 
_struct_sheet.details 
AA1 ? 5 ? 
AA2 ? 3 ? 
# 
loop_
_struct_sheet_order.sheet_id 
_struct_sheet_order.range_id_1 
_struct_sheet_order.range_id_2 
_struct_sheet_order.offset 
_struct_sheet_order.sense 
AA1 1 2 ? anti-parallel 
AA1 2 3 ? anti-parallel 
AA1 3 4 ? parallel      
AA1 4 5 ? anti-parallel 
AA2 1 2 ? anti-parallel 
AA2 2 3 ? anti-parallel 
# 
loop_
_struct_sheet_range.sheet_id 
_struct_sheet_range.id 
_struct_sheet_range.beg_label_comp_id 
_struct_sheet_range.beg_label_asym_id 
_struct_sheet_range.beg_label_seq_id 
_struct_sheet_range.pdbx_beg_PDB_ins_code 
_struct_sheet_range.end_label_comp_id 
_struct_sheet_range.end_label_asym_id 
_struct_sheet_range.end_label_seq_id 
_struct_sheet_range.pdbx_end_PDB_ins_code 
_struct_sheet_range.beg_auth_comp_id 
_struct_sheet_range.beg_auth_asym_id 
_struct_sheet_range.beg_auth_seq_id 
_struct_sheet_range.end_auth_comp_id 
_struct_sheet_range.end_auth_asym_id 
_struct_sheet_range.end_auth_seq_id 
AA1 1 ALA A 138 ? LYS A 148 ? ALA A 138 LYS A 148 
AA1 2 THR A 72  ? SER A 80  ? THR A 72  SER A 80  
AA1 3 GLU A 54  ? ILE A 61  ? GLU A 54  ILE A 61  
AA1 4 TYR A 12  ? ASN A 17  ? TYR A 12  ASN A 17  
AA1 5 LEU A 166 ? ILE A 169 ? LEU A 166 ILE A 169 
AA2 1 THR A 30  ? MSE A 34  ? THR A 30  MSE A 34  
AA2 2 PHE A 132 ? ARG A 136 ? PHE A 132 ARG A 136 
AA2 3 GLU A 89  ? TYR A 90  ? GLU A 89  TYR A 90  
# 
loop_
_pdbx_struct_sheet_hbond.sheet_id 
_pdbx_struct_sheet_hbond.range_id_1 
_pdbx_struct_sheet_hbond.range_id_2 
_pdbx_struct_sheet_hbond.range_1_label_atom_id 
_pdbx_struct_sheet_hbond.range_1_label_comp_id 
_pdbx_struct_sheet_hbond.range_1_label_asym_id 
_pdbx_struct_sheet_hbond.range_1_label_seq_id 
_pdbx_struct_sheet_hbond.range_1_PDB_ins_code 
_pdbx_struct_sheet_hbond.range_1_auth_atom_id 
_pdbx_struct_sheet_hbond.range_1_auth_comp_id 
_pdbx_struct_sheet_hbond.range_1_auth_asym_id 
_pdbx_struct_sheet_hbond.range_1_auth_seq_id 
_pdbx_struct_sheet_hbond.range_2_label_atom_id 
_pdbx_struct_sheet_hbond.range_2_label_comp_id 
_pdbx_struct_sheet_hbond.range_2_label_asym_id 
_pdbx_struct_sheet_hbond.range_2_label_seq_id 
_pdbx_struct_sheet_hbond.range_2_PDB_ins_code 
_pdbx_struct_sheet_hbond.range_2_auth_atom_id 
_pdbx_struct_sheet_hbond.range_2_auth_comp_id 
_pdbx_struct_sheet_hbond.range_2_auth_asym_id 
_pdbx_struct_sheet_hbond.range_2_auth_seq_id 
AA1 1 2 O TYR A 143 ? O TYR A 143 N ILE A 74  ? N ILE A 74  
AA1 2 3 O GLY A 75  ? O GLY A 75  N HIS A 59  ? N HIS A 59  
AA1 3 4 O TYR A 60  ? O TYR A 60  N GLU A 15  ? N GLU A 15  
AA1 4 5 N VAL A 14  ? N VAL A 14  O VAL A 167 ? O VAL A 167 
AA2 1 2 N LEU A 31  ? N LEU A 31  O PHE A 135 ? O PHE A 135 
AA2 2 3 O PHE A 132 ? O PHE A 132 N TYR A 90  ? N TYR A 90  
# 
loop_
_struct_site.id 
_struct_site.pdbx_evidence_code 
_struct_site.pdbx_auth_asym_id 
_struct_site.pdbx_auth_comp_id 
_struct_site.pdbx_auth_seq_id 
_struct_site.pdbx_auth_ins_code 
_struct_site.pdbx_num_residues 
_struct_site.details 
AC1 Software A SO4 201 ? 2 'binding site for residue SO4 A 201' 
AC2 Software A SO4 202 ? 5 'binding site for residue SO4 A 202' 
# 
loop_
_struct_site_gen.id 
_struct_site_gen.site_id 
_struct_site_gen.pdbx_num_res 
_struct_site_gen.label_comp_id 
_struct_site_gen.label_asym_id 
_struct_site_gen.label_seq_id 
_struct_site_gen.pdbx_auth_ins_code 
_struct_site_gen.auth_comp_id 
_struct_site_gen.auth_asym_id 
_struct_site_gen.auth_seq_id 
_struct_site_gen.label_atom_id 
_struct_site_gen.label_alt_id 
_struct_site_gen.symmetry 
_struct_site_gen.details 
1 AC1 2 TRP A 32  ? TRP A 32  . ? 1_555 ? 
2 AC1 2 TYR A 165 ? TYR A 165 . ? 1_555 ? 
3 AC2 5 LYS A 5   ? LYS A 5   . ? 1_555 ? 
4 AC2 5 SER A 40  ? SER A 40  . ? 1_555 ? 
5 AC2 5 SER A 40  ? SER A 40  . ? 8_665 ? 
6 AC2 5 ARG A 164 ? ARG A 164 . ? 1_555 ? 
7 AC2 5 ARG A 164 ? ARG A 164 . ? 8_665 ? 
# 
_pdbx_entry_details.entry_id                   6N0S 
_pdbx_entry_details.compound_details           ? 
_pdbx_entry_details.source_details             ? 
_pdbx_entry_details.nonpolymer_details         ? 
_pdbx_entry_details.sequence_details           ? 
_pdbx_entry_details.has_ligand_of_interest     ? 
_pdbx_entry_details.has_protein_modification   Y 
# 
loop_
_pdbx_validate_close_contact.id 
_pdbx_validate_close_contact.PDB_model_num 
_pdbx_validate_close_contact.auth_atom_id_1 
_pdbx_validate_close_contact.auth_asym_id_1 
_pdbx_validate_close_contact.auth_comp_id_1 
_pdbx_validate_close_contact.auth_seq_id_1 
_pdbx_validate_close_contact.PDB_ins_code_1 
_pdbx_validate_close_contact.label_alt_id_1 
_pdbx_validate_close_contact.auth_atom_id_2 
_pdbx_validate_close_contact.auth_asym_id_2 
_pdbx_validate_close_contact.auth_comp_id_2 
_pdbx_validate_close_contact.auth_seq_id_2 
_pdbx_validate_close_contact.PDB_ins_code_2 
_pdbx_validate_close_contact.label_alt_id_2 
_pdbx_validate_close_contact.dist 
1 1 O A LYS 88  ? ? O A HOH 301 ? ? 1.96 
2 1 O A ASN 106 ? ? O A HOH 302 ? ? 2.04 
3 1 O A HOH 368 ? ? O A HOH 390 ? ? 2.14 
4 1 O A SER 66  ? ? O A HOH 303 ? ? 2.17 
5 1 O A HOH 313 ? ? O A HOH 362 ? ? 2.19 
# 
_pdbx_validate_symm_contact.id                1 
_pdbx_validate_symm_contact.PDB_model_num     1 
_pdbx_validate_symm_contact.auth_atom_id_1    O3 
_pdbx_validate_symm_contact.auth_asym_id_1    A 
_pdbx_validate_symm_contact.auth_comp_id_1    SO4 
_pdbx_validate_symm_contact.auth_seq_id_1     202 
_pdbx_validate_symm_contact.PDB_ins_code_1    ? 
_pdbx_validate_symm_contact.label_alt_id_1    ? 
_pdbx_validate_symm_contact.site_symmetry_1   1_555 
_pdbx_validate_symm_contact.auth_atom_id_2    O3 
_pdbx_validate_symm_contact.auth_asym_id_2    A 
_pdbx_validate_symm_contact.auth_comp_id_2    SO4 
_pdbx_validate_symm_contact.auth_seq_id_2     202 
_pdbx_validate_symm_contact.PDB_ins_code_2    ? 
_pdbx_validate_symm_contact.label_alt_id_2    ? 
_pdbx_validate_symm_contact.site_symmetry_2   8_665 
_pdbx_validate_symm_contact.dist              1.97 
# 
loop_
_pdbx_validate_torsion.id 
_pdbx_validate_torsion.PDB_model_num 
_pdbx_validate_torsion.auth_comp_id 
_pdbx_validate_torsion.auth_asym_id 
_pdbx_validate_torsion.auth_seq_id 
_pdbx_validate_torsion.PDB_ins_code 
_pdbx_validate_torsion.label_alt_id 
_pdbx_validate_torsion.phi 
_pdbx_validate_torsion.psi 
1 1 PRO A 2   ? ? -79.77  -160.12 
2 1 MSE A 3   ? ? -135.90 -50.95  
3 1 ASN A 84  ? ? -144.85 44.14   
4 1 ARG A 125 ? ? 45.47   71.40   
# 
_pdbx_struct_mod_residue.id               1 
_pdbx_struct_mod_residue.label_asym_id    A 
_pdbx_struct_mod_residue.label_comp_id    MSE 
_pdbx_struct_mod_residue.label_seq_id     34 
_pdbx_struct_mod_residue.auth_asym_id     A 
_pdbx_struct_mod_residue.auth_comp_id     MSE 
_pdbx_struct_mod_residue.auth_seq_id      34 
_pdbx_struct_mod_residue.PDB_ins_code     ? 
_pdbx_struct_mod_residue.parent_comp_id   MET 
_pdbx_struct_mod_residue.details          'modified residue' 
# 
_pdbx_struct_special_symmetry.id              1 
_pdbx_struct_special_symmetry.PDB_model_num   1 
_pdbx_struct_special_symmetry.auth_asym_id    A 
_pdbx_struct_special_symmetry.auth_comp_id    HOH 
_pdbx_struct_special_symmetry.auth_seq_id     382 
_pdbx_struct_special_symmetry.PDB_ins_code    ? 
_pdbx_struct_special_symmetry.label_asym_id   D 
_pdbx_struct_special_symmetry.label_comp_id   HOH 
_pdbx_struct_special_symmetry.label_seq_id    . 
# 
loop_
_chem_comp_atom.comp_id 
_chem_comp_atom.atom_id 
_chem_comp_atom.type_symbol 
_chem_comp_atom.pdbx_aromatic_flag 
_chem_comp_atom.pdbx_stereo_config 
_chem_comp_atom.pdbx_ordinal 
ALA N    N  N N 1   
ALA CA   C  N S 2   
ALA C    C  N N 3   
ALA O    O  N N 4   
ALA CB   C  N N 5   
ALA OXT  O  N N 6   
ALA H    H  N N 7   
ALA H2   H  N N 8   
ALA HA   H  N N 9   
ALA HB1  H  N N 10  
ALA HB2  H  N N 11  
ALA HB3  H  N N 12  
ALA HXT  H  N N 13  
ARG N    N  N N 14  
ARG CA   C  N S 15  
ARG C    C  N N 16  
ARG O    O  N N 17  
ARG CB   C  N N 18  
ARG CG   C  N N 19  
ARG CD   C  N N 20  
ARG NE   N  N N 21  
ARG CZ   C  N N 22  
ARG NH1  N  N N 23  
ARG NH2  N  N N 24  
ARG OXT  O  N N 25  
ARG H    H  N N 26  
ARG H2   H  N N 27  
ARG HA   H  N N 28  
ARG HB2  H  N N 29  
ARG HB3  H  N N 30  
ARG HG2  H  N N 31  
ARG HG3  H  N N 32  
ARG HD2  H  N N 33  
ARG HD3  H  N N 34  
ARG HE   H  N N 35  
ARG HH11 H  N N 36  
ARG HH12 H  N N 37  
ARG HH21 H  N N 38  
ARG HH22 H  N N 39  
ARG HXT  H  N N 40  
ASN N    N  N N 41  
ASN CA   C  N S 42  
ASN C    C  N N 43  
ASN O    O  N N 44  
ASN CB   C  N N 45  
ASN CG   C  N N 46  
ASN OD1  O  N N 47  
ASN ND2  N  N N 48  
ASN OXT  O  N N 49  
ASN H    H  N N 50  
ASN H2   H  N N 51  
ASN HA   H  N N 52  
ASN HB2  H  N N 53  
ASN HB3  H  N N 54  
ASN HD21 H  N N 55  
ASN HD22 H  N N 56  
ASN HXT  H  N N 57  
ASP N    N  N N 58  
ASP CA   C  N S 59  
ASP C    C  N N 60  
ASP O    O  N N 61  
ASP CB   C  N N 62  
ASP CG   C  N N 63  
ASP OD1  O  N N 64  
ASP OD2  O  N N 65  
ASP OXT  O  N N 66  
ASP H    H  N N 67  
ASP H2   H  N N 68  
ASP HA   H  N N 69  
ASP HB2  H  N N 70  
ASP HB3  H  N N 71  
ASP HD2  H  N N 72  
ASP HXT  H  N N 73  
GLN N    N  N N 74  
GLN CA   C  N S 75  
GLN C    C  N N 76  
GLN O    O  N N 77  
GLN CB   C  N N 78  
GLN CG   C  N N 79  
GLN CD   C  N N 80  
GLN OE1  O  N N 81  
GLN NE2  N  N N 82  
GLN OXT  O  N N 83  
GLN H    H  N N 84  
GLN H2   H  N N 85  
GLN HA   H  N N 86  
GLN HB2  H  N N 87  
GLN HB3  H  N N 88  
GLN HG2  H  N N 89  
GLN HG3  H  N N 90  
GLN HE21 H  N N 91  
GLN HE22 H  N N 92  
GLN HXT  H  N N 93  
GLU N    N  N N 94  
GLU CA   C  N S 95  
GLU C    C  N N 96  
GLU O    O  N N 97  
GLU CB   C  N N 98  
GLU CG   C  N N 99  
GLU CD   C  N N 100 
GLU OE1  O  N N 101 
GLU OE2  O  N N 102 
GLU OXT  O  N N 103 
GLU H    H  N N 104 
GLU H2   H  N N 105 
GLU HA   H  N N 106 
GLU HB2  H  N N 107 
GLU HB3  H  N N 108 
GLU HG2  H  N N 109 
GLU HG3  H  N N 110 
GLU HE2  H  N N 111 
GLU HXT  H  N N 112 
GLY N    N  N N 113 
GLY CA   C  N N 114 
GLY C    C  N N 115 
GLY O    O  N N 116 
GLY OXT  O  N N 117 
GLY H    H  N N 118 
GLY H2   H  N N 119 
GLY HA2  H  N N 120 
GLY HA3  H  N N 121 
GLY HXT  H  N N 122 
HIS N    N  N N 123 
HIS CA   C  N S 124 
HIS C    C  N N 125 
HIS O    O  N N 126 
HIS CB   C  N N 127 
HIS CG   C  Y N 128 
HIS ND1  N  Y N 129 
HIS CD2  C  Y N 130 
HIS CE1  C  Y N 131 
HIS NE2  N  Y N 132 
HIS OXT  O  N N 133 
HIS H    H  N N 134 
HIS H2   H  N N 135 
HIS HA   H  N N 136 
HIS HB2  H  N N 137 
HIS HB3  H  N N 138 
HIS HD1  H  N N 139 
HIS HD2  H  N N 140 
HIS HE1  H  N N 141 
HIS HE2  H  N N 142 
HIS HXT  H  N N 143 
HOH O    O  N N 144 
HOH H1   H  N N 145 
HOH H2   H  N N 146 
ILE N    N  N N 147 
ILE CA   C  N S 148 
ILE C    C  N N 149 
ILE O    O  N N 150 
ILE CB   C  N S 151 
ILE CG1  C  N N 152 
ILE CG2  C  N N 153 
ILE CD1  C  N N 154 
ILE OXT  O  N N 155 
ILE H    H  N N 156 
ILE H2   H  N N 157 
ILE HA   H  N N 158 
ILE HB   H  N N 159 
ILE HG12 H  N N 160 
ILE HG13 H  N N 161 
ILE HG21 H  N N 162 
ILE HG22 H  N N 163 
ILE HG23 H  N N 164 
ILE HD11 H  N N 165 
ILE HD12 H  N N 166 
ILE HD13 H  N N 167 
ILE HXT  H  N N 168 
LEU N    N  N N 169 
LEU CA   C  N S 170 
LEU C    C  N N 171 
LEU O    O  N N 172 
LEU CB   C  N N 173 
LEU CG   C  N N 174 
LEU CD1  C  N N 175 
LEU CD2  C  N N 176 
LEU OXT  O  N N 177 
LEU H    H  N N 178 
LEU H2   H  N N 179 
LEU HA   H  N N 180 
LEU HB2  H  N N 181 
LEU HB3  H  N N 182 
LEU HG   H  N N 183 
LEU HD11 H  N N 184 
LEU HD12 H  N N 185 
LEU HD13 H  N N 186 
LEU HD21 H  N N 187 
LEU HD22 H  N N 188 
LEU HD23 H  N N 189 
LEU HXT  H  N N 190 
LYS N    N  N N 191 
LYS CA   C  N S 192 
LYS C    C  N N 193 
LYS O    O  N N 194 
LYS CB   C  N N 195 
LYS CG   C  N N 196 
LYS CD   C  N N 197 
LYS CE   C  N N 198 
LYS NZ   N  N N 199 
LYS OXT  O  N N 200 
LYS H    H  N N 201 
LYS H2   H  N N 202 
LYS HA   H  N N 203 
LYS HB2  H  N N 204 
LYS HB3  H  N N 205 
LYS HG2  H  N N 206 
LYS HG3  H  N N 207 
LYS HD2  H  N N 208 
LYS HD3  H  N N 209 
LYS HE2  H  N N 210 
LYS HE3  H  N N 211 
LYS HZ1  H  N N 212 
LYS HZ2  H  N N 213 
LYS HZ3  H  N N 214 
LYS HXT  H  N N 215 
MSE N    N  N N 216 
MSE CA   C  N S 217 
MSE C    C  N N 218 
MSE O    O  N N 219 
MSE OXT  O  N N 220 
MSE CB   C  N N 221 
MSE CG   C  N N 222 
MSE SE   SE N N 223 
MSE CE   C  N N 224 
MSE H    H  N N 225 
MSE H2   H  N N 226 
MSE HA   H  N N 227 
MSE HXT  H  N N 228 
MSE HB2  H  N N 229 
MSE HB3  H  N N 230 
MSE HG2  H  N N 231 
MSE HG3  H  N N 232 
MSE HE1  H  N N 233 
MSE HE2  H  N N 234 
MSE HE3  H  N N 235 
PHE N    N  N N 236 
PHE CA   C  N S 237 
PHE C    C  N N 238 
PHE O    O  N N 239 
PHE CB   C  N N 240 
PHE CG   C  Y N 241 
PHE CD1  C  Y N 242 
PHE CD2  C  Y N 243 
PHE CE1  C  Y N 244 
PHE CE2  C  Y N 245 
PHE CZ   C  Y N 246 
PHE OXT  O  N N 247 
PHE H    H  N N 248 
PHE H2   H  N N 249 
PHE HA   H  N N 250 
PHE HB2  H  N N 251 
PHE HB3  H  N N 252 
PHE HD1  H  N N 253 
PHE HD2  H  N N 254 
PHE HE1  H  N N 255 
PHE HE2  H  N N 256 
PHE HZ   H  N N 257 
PHE HXT  H  N N 258 
PRO N    N  N N 259 
PRO CA   C  N S 260 
PRO C    C  N N 261 
PRO O    O  N N 262 
PRO CB   C  N N 263 
PRO CG   C  N N 264 
PRO CD   C  N N 265 
PRO OXT  O  N N 266 
PRO H    H  N N 267 
PRO HA   H  N N 268 
PRO HB2  H  N N 269 
PRO HB3  H  N N 270 
PRO HG2  H  N N 271 
PRO HG3  H  N N 272 
PRO HD2  H  N N 273 
PRO HD3  H  N N 274 
PRO HXT  H  N N 275 
SER N    N  N N 276 
SER CA   C  N S 277 
SER C    C  N N 278 
SER O    O  N N 279 
SER CB   C  N N 280 
SER OG   O  N N 281 
SER OXT  O  N N 282 
SER H    H  N N 283 
SER H2   H  N N 284 
SER HA   H  N N 285 
SER HB2  H  N N 286 
SER HB3  H  N N 287 
SER HG   H  N N 288 
SER HXT  H  N N 289 
SO4 S    S  N N 290 
SO4 O1   O  N N 291 
SO4 O2   O  N N 292 
SO4 O3   O  N N 293 
SO4 O4   O  N N 294 
THR N    N  N N 295 
THR CA   C  N S 296 
THR C    C  N N 297 
THR O    O  N N 298 
THR CB   C  N R 299 
THR OG1  O  N N 300 
THR CG2  C  N N 301 
THR OXT  O  N N 302 
THR H    H  N N 303 
THR H2   H  N N 304 
THR HA   H  N N 305 
THR HB   H  N N 306 
THR HG1  H  N N 307 
THR HG21 H  N N 308 
THR HG22 H  N N 309 
THR HG23 H  N N 310 
THR HXT  H  N N 311 
TRP N    N  N N 312 
TRP CA   C  N S 313 
TRP C    C  N N 314 
TRP O    O  N N 315 
TRP CB   C  N N 316 
TRP CG   C  Y N 317 
TRP CD1  C  Y N 318 
TRP CD2  C  Y N 319 
TRP NE1  N  Y N 320 
TRP CE2  C  Y N 321 
TRP CE3  C  Y N 322 
TRP CZ2  C  Y N 323 
TRP CZ3  C  Y N 324 
TRP CH2  C  Y N 325 
TRP OXT  O  N N 326 
TRP H    H  N N 327 
TRP H2   H  N N 328 
TRP HA   H  N N 329 
TRP HB2  H  N N 330 
TRP HB3  H  N N 331 
TRP HD1  H  N N 332 
TRP HE1  H  N N 333 
TRP HE3  H  N N 334 
TRP HZ2  H  N N 335 
TRP HZ3  H  N N 336 
TRP HH2  H  N N 337 
TRP HXT  H  N N 338 
TYR N    N  N N 339 
TYR CA   C  N S 340 
TYR C    C  N N 341 
TYR O    O  N N 342 
TYR CB   C  N N 343 
TYR CG   C  Y N 344 
TYR CD1  C  Y N 345 
TYR CD2  C  Y N 346 
TYR CE1  C  Y N 347 
TYR CE2  C  Y N 348 
TYR CZ   C  Y N 349 
TYR OH   O  N N 350 
TYR OXT  O  N N 351 
TYR H    H  N N 352 
TYR H2   H  N N 353 
TYR HA   H  N N 354 
TYR HB2  H  N N 355 
TYR HB3  H  N N 356 
TYR HD1  H  N N 357 
TYR HD2  H  N N 358 
TYR HE1  H  N N 359 
TYR HE2  H  N N 360 
TYR HH   H  N N 361 
TYR HXT  H  N N 362 
VAL N    N  N N 363 
VAL CA   C  N S 364 
VAL C    C  N N 365 
VAL O    O  N N 366 
VAL CB   C  N N 367 
VAL CG1  C  N N 368 
VAL CG2  C  N N 369 
VAL OXT  O  N N 370 
VAL H    H  N N 371 
VAL H2   H  N N 372 
VAL HA   H  N N 373 
VAL HB   H  N N 374 
VAL HG11 H  N N 375 
VAL HG12 H  N N 376 
VAL HG13 H  N N 377 
VAL HG21 H  N N 378 
VAL HG22 H  N N 379 
VAL HG23 H  N N 380 
VAL HXT  H  N N 381 
# 
loop_
_chem_comp_bond.comp_id 
_chem_comp_bond.atom_id_1 
_chem_comp_bond.atom_id_2 
_chem_comp_bond.value_order 
_chem_comp_bond.pdbx_aromatic_flag 
_chem_comp_bond.pdbx_stereo_config 
_chem_comp_bond.pdbx_ordinal 
ALA N   CA   sing N N 1   
ALA N   H    sing N N 2   
ALA N   H2   sing N N 3   
ALA CA  C    sing N N 4   
ALA CA  CB   sing N N 5   
ALA CA  HA   sing N N 6   
ALA C   O    doub N N 7   
ALA C   OXT  sing N N 8   
ALA CB  HB1  sing N N 9   
ALA CB  HB2  sing N N 10  
ALA CB  HB3  sing N N 11  
ALA OXT HXT  sing N N 12  
ARG N   CA   sing N N 13  
ARG N   H    sing N N 14  
ARG N   H2   sing N N 15  
ARG CA  C    sing N N 16  
ARG CA  CB   sing N N 17  
ARG CA  HA   sing N N 18  
ARG C   O    doub N N 19  
ARG C   OXT  sing N N 20  
ARG CB  CG   sing N N 21  
ARG CB  HB2  sing N N 22  
ARG CB  HB3  sing N N 23  
ARG CG  CD   sing N N 24  
ARG CG  HG2  sing N N 25  
ARG CG  HG3  sing N N 26  
ARG CD  NE   sing N N 27  
ARG CD  HD2  sing N N 28  
ARG CD  HD3  sing N N 29  
ARG NE  CZ   sing N N 30  
ARG NE  HE   sing N N 31  
ARG CZ  NH1  sing N N 32  
ARG CZ  NH2  doub N N 33  
ARG NH1 HH11 sing N N 34  
ARG NH1 HH12 sing N N 35  
ARG NH2 HH21 sing N N 36  
ARG NH2 HH22 sing N N 37  
ARG OXT HXT  sing N N 38  
ASN N   CA   sing N N 39  
ASN N   H    sing N N 40  
ASN N   H2   sing N N 41  
ASN CA  C    sing N N 42  
ASN CA  CB   sing N N 43  
ASN CA  HA   sing N N 44  
ASN C   O    doub N N 45  
ASN C   OXT  sing N N 46  
ASN CB  CG   sing N N 47  
ASN CB  HB2  sing N N 48  
ASN CB  HB3  sing N N 49  
ASN CG  OD1  doub N N 50  
ASN CG  ND2  sing N N 51  
ASN ND2 HD21 sing N N 52  
ASN ND2 HD22 sing N N 53  
ASN OXT HXT  sing N N 54  
ASP N   CA   sing N N 55  
ASP N   H    sing N N 56  
ASP N   H2   sing N N 57  
ASP CA  C    sing N N 58  
ASP CA  CB   sing N N 59  
ASP CA  HA   sing N N 60  
ASP C   O    doub N N 61  
ASP C   OXT  sing N N 62  
ASP CB  CG   sing N N 63  
ASP CB  HB2  sing N N 64  
ASP CB  HB3  sing N N 65  
ASP CG  OD1  doub N N 66  
ASP CG  OD2  sing N N 67  
ASP OD2 HD2  sing N N 68  
ASP OXT HXT  sing N N 69  
GLN N   CA   sing N N 70  
GLN N   H    sing N N 71  
GLN N   H2   sing N N 72  
GLN CA  C    sing N N 73  
GLN CA  CB   sing N N 74  
GLN CA  HA   sing N N 75  
GLN C   O    doub N N 76  
GLN C   OXT  sing N N 77  
GLN CB  CG   sing N N 78  
GLN CB  HB2  sing N N 79  
GLN CB  HB3  sing N N 80  
GLN CG  CD   sing N N 81  
GLN CG  HG2  sing N N 82  
GLN CG  HG3  sing N N 83  
GLN CD  OE1  doub N N 84  
GLN CD  NE2  sing N N 85  
GLN NE2 HE21 sing N N 86  
GLN NE2 HE22 sing N N 87  
GLN OXT HXT  sing N N 88  
GLU N   CA   sing N N 89  
GLU N   H    sing N N 90  
GLU N   H2   sing N N 91  
GLU CA  C    sing N N 92  
GLU CA  CB   sing N N 93  
GLU CA  HA   sing N N 94  
GLU C   O    doub N N 95  
GLU C   OXT  sing N N 96  
GLU CB  CG   sing N N 97  
GLU CB  HB2  sing N N 98  
GLU CB  HB3  sing N N 99  
GLU CG  CD   sing N N 100 
GLU CG  HG2  sing N N 101 
GLU CG  HG3  sing N N 102 
GLU CD  OE1  doub N N 103 
GLU CD  OE2  sing N N 104 
GLU OE2 HE2  sing N N 105 
GLU OXT HXT  sing N N 106 
GLY N   CA   sing N N 107 
GLY N   H    sing N N 108 
GLY N   H2   sing N N 109 
GLY CA  C    sing N N 110 
GLY CA  HA2  sing N N 111 
GLY CA  HA3  sing N N 112 
GLY C   O    doub N N 113 
GLY C   OXT  sing N N 114 
GLY OXT HXT  sing N N 115 
HIS N   CA   sing N N 116 
HIS N   H    sing N N 117 
HIS N   H2   sing N N 118 
HIS CA  C    sing N N 119 
HIS CA  CB   sing N N 120 
HIS CA  HA   sing N N 121 
HIS C   O    doub N N 122 
HIS C   OXT  sing N N 123 
HIS CB  CG   sing N N 124 
HIS CB  HB2  sing N N 125 
HIS CB  HB3  sing N N 126 
HIS CG  ND1  sing Y N 127 
HIS CG  CD2  doub Y N 128 
HIS ND1 CE1  doub Y N 129 
HIS ND1 HD1  sing N N 130 
HIS CD2 NE2  sing Y N 131 
HIS CD2 HD2  sing N N 132 
HIS CE1 NE2  sing Y N 133 
HIS CE1 HE1  sing N N 134 
HIS NE2 HE2  sing N N 135 
HIS OXT HXT  sing N N 136 
HOH O   H1   sing N N 137 
HOH O   H2   sing N N 138 
ILE N   CA   sing N N 139 
ILE N   H    sing N N 140 
ILE N   H2   sing N N 141 
ILE CA  C    sing N N 142 
ILE CA  CB   sing N N 143 
ILE CA  HA   sing N N 144 
ILE C   O    doub N N 145 
ILE C   OXT  sing N N 146 
ILE CB  CG1  sing N N 147 
ILE CB  CG2  sing N N 148 
ILE CB  HB   sing N N 149 
ILE CG1 CD1  sing N N 150 
ILE CG1 HG12 sing N N 151 
ILE CG1 HG13 sing N N 152 
ILE CG2 HG21 sing N N 153 
ILE CG2 HG22 sing N N 154 
ILE CG2 HG23 sing N N 155 
ILE CD1 HD11 sing N N 156 
ILE CD1 HD12 sing N N 157 
ILE CD1 HD13 sing N N 158 
ILE OXT HXT  sing N N 159 
LEU N   CA   sing N N 160 
LEU N   H    sing N N 161 
LEU N   H2   sing N N 162 
LEU CA  C    sing N N 163 
LEU CA  CB   sing N N 164 
LEU CA  HA   sing N N 165 
LEU C   O    doub N N 166 
LEU C   OXT  sing N N 167 
LEU CB  CG   sing N N 168 
LEU CB  HB2  sing N N 169 
LEU CB  HB3  sing N N 170 
LEU CG  CD1  sing N N 171 
LEU CG  CD2  sing N N 172 
LEU CG  HG   sing N N 173 
LEU CD1 HD11 sing N N 174 
LEU CD1 HD12 sing N N 175 
LEU CD1 HD13 sing N N 176 
LEU CD2 HD21 sing N N 177 
LEU CD2 HD22 sing N N 178 
LEU CD2 HD23 sing N N 179 
LEU OXT HXT  sing N N 180 
LYS N   CA   sing N N 181 
LYS N   H    sing N N 182 
LYS N   H2   sing N N 183 
LYS CA  C    sing N N 184 
LYS CA  CB   sing N N 185 
LYS CA  HA   sing N N 186 
LYS C   O    doub N N 187 
LYS C   OXT  sing N N 188 
LYS CB  CG   sing N N 189 
LYS CB  HB2  sing N N 190 
LYS CB  HB3  sing N N 191 
LYS CG  CD   sing N N 192 
LYS CG  HG2  sing N N 193 
LYS CG  HG3  sing N N 194 
LYS CD  CE   sing N N 195 
LYS CD  HD2  sing N N 196 
LYS CD  HD3  sing N N 197 
LYS CE  NZ   sing N N 198 
LYS CE  HE2  sing N N 199 
LYS CE  HE3  sing N N 200 
LYS NZ  HZ1  sing N N 201 
LYS NZ  HZ2  sing N N 202 
LYS NZ  HZ3  sing N N 203 
LYS OXT HXT  sing N N 204 
MSE N   CA   sing N N 205 
MSE N   H    sing N N 206 
MSE N   H2   sing N N 207 
MSE CA  C    sing N N 208 
MSE CA  CB   sing N N 209 
MSE CA  HA   sing N N 210 
MSE C   O    doub N N 211 
MSE C   OXT  sing N N 212 
MSE OXT HXT  sing N N 213 
MSE CB  CG   sing N N 214 
MSE CB  HB2  sing N N 215 
MSE CB  HB3  sing N N 216 
MSE CG  SE   sing N N 217 
MSE CG  HG2  sing N N 218 
MSE CG  HG3  sing N N 219 
MSE SE  CE   sing N N 220 
MSE CE  HE1  sing N N 221 
MSE CE  HE2  sing N N 222 
MSE CE  HE3  sing N N 223 
PHE N   CA   sing N N 224 
PHE N   H    sing N N 225 
PHE N   H2   sing N N 226 
PHE CA  C    sing N N 227 
PHE CA  CB   sing N N 228 
PHE CA  HA   sing N N 229 
PHE C   O    doub N N 230 
PHE C   OXT  sing N N 231 
PHE CB  CG   sing N N 232 
PHE CB  HB2  sing N N 233 
PHE CB  HB3  sing N N 234 
PHE CG  CD1  doub Y N 235 
PHE CG  CD2  sing Y N 236 
PHE CD1 CE1  sing Y N 237 
PHE CD1 HD1  sing N N 238 
PHE CD2 CE2  doub Y N 239 
PHE CD2 HD2  sing N N 240 
PHE CE1 CZ   doub Y N 241 
PHE CE1 HE1  sing N N 242 
PHE CE2 CZ   sing Y N 243 
PHE CE2 HE2  sing N N 244 
PHE CZ  HZ   sing N N 245 
PHE OXT HXT  sing N N 246 
PRO N   CA   sing N N 247 
PRO N   CD   sing N N 248 
PRO N   H    sing N N 249 
PRO CA  C    sing N N 250 
PRO CA  CB   sing N N 251 
PRO CA  HA   sing N N 252 
PRO C   O    doub N N 253 
PRO C   OXT  sing N N 254 
PRO CB  CG   sing N N 255 
PRO CB  HB2  sing N N 256 
PRO CB  HB3  sing N N 257 
PRO CG  CD   sing N N 258 
PRO CG  HG2  sing N N 259 
PRO CG  HG3  sing N N 260 
PRO CD  HD2  sing N N 261 
PRO CD  HD3  sing N N 262 
PRO OXT HXT  sing N N 263 
SER N   CA   sing N N 264 
SER N   H    sing N N 265 
SER N   H2   sing N N 266 
SER CA  C    sing N N 267 
SER CA  CB   sing N N 268 
SER CA  HA   sing N N 269 
SER C   O    doub N N 270 
SER C   OXT  sing N N 271 
SER CB  OG   sing N N 272 
SER CB  HB2  sing N N 273 
SER CB  HB3  sing N N 274 
SER OG  HG   sing N N 275 
SER OXT HXT  sing N N 276 
SO4 S   O1   doub N N 277 
SO4 S   O2   doub N N 278 
SO4 S   O3   sing N N 279 
SO4 S   O4   sing N N 280 
THR N   CA   sing N N 281 
THR N   H    sing N N 282 
THR N   H2   sing N N 283 
THR CA  C    sing N N 284 
THR CA  CB   sing N N 285 
THR CA  HA   sing N N 286 
THR C   O    doub N N 287 
THR C   OXT  sing N N 288 
THR CB  OG1  sing N N 289 
THR CB  CG2  sing N N 290 
THR CB  HB   sing N N 291 
THR OG1 HG1  sing N N 292 
THR CG2 HG21 sing N N 293 
THR CG2 HG22 sing N N 294 
THR CG2 HG23 sing N N 295 
THR OXT HXT  sing N N 296 
TRP N   CA   sing N N 297 
TRP N   H    sing N N 298 
TRP N   H2   sing N N 299 
TRP CA  C    sing N N 300 
TRP CA  CB   sing N N 301 
TRP CA  HA   sing N N 302 
TRP C   O    doub N N 303 
TRP C   OXT  sing N N 304 
TRP CB  CG   sing N N 305 
TRP CB  HB2  sing N N 306 
TRP CB  HB3  sing N N 307 
TRP CG  CD1  doub Y N 308 
TRP CG  CD2  sing Y N 309 
TRP CD1 NE1  sing Y N 310 
TRP CD1 HD1  sing N N 311 
TRP CD2 CE2  doub Y N 312 
TRP CD2 CE3  sing Y N 313 
TRP NE1 CE2  sing Y N 314 
TRP NE1 HE1  sing N N 315 
TRP CE2 CZ2  sing Y N 316 
TRP CE3 CZ3  doub Y N 317 
TRP CE3 HE3  sing N N 318 
TRP CZ2 CH2  doub Y N 319 
TRP CZ2 HZ2  sing N N 320 
TRP CZ3 CH2  sing Y N 321 
TRP CZ3 HZ3  sing N N 322 
TRP CH2 HH2  sing N N 323 
TRP OXT HXT  sing N N 324 
TYR N   CA   sing N N 325 
TYR N   H    sing N N 326 
TYR N   H2   sing N N 327 
TYR CA  C    sing N N 328 
TYR CA  CB   sing N N 329 
TYR CA  HA   sing N N 330 
TYR C   O    doub N N 331 
TYR C   OXT  sing N N 332 
TYR CB  CG   sing N N 333 
TYR CB  HB2  sing N N 334 
TYR CB  HB3  sing N N 335 
TYR CG  CD1  doub Y N 336 
TYR CG  CD2  sing Y N 337 
TYR CD1 CE1  sing Y N 338 
TYR CD1 HD1  sing N N 339 
TYR CD2 CE2  doub Y N 340 
TYR CD2 HD2  sing N N 341 
TYR CE1 CZ   doub Y N 342 
TYR CE1 HE1  sing N N 343 
TYR CE2 CZ   sing Y N 344 
TYR CE2 HE2  sing N N 345 
TYR CZ  OH   sing N N 346 
TYR OH  HH   sing N N 347 
TYR OXT HXT  sing N N 348 
VAL N   CA   sing N N 349 
VAL N   H    sing N N 350 
VAL N   H2   sing N N 351 
VAL CA  C    sing N N 352 
VAL CA  CB   sing N N 353 
VAL CA  HA   sing N N 354 
VAL C   O    doub N N 355 
VAL C   OXT  sing N N 356 
VAL CB  CG1  sing N N 357 
VAL CB  CG2  sing N N 358 
VAL CB  HB   sing N N 359 
VAL CG1 HG11 sing N N 360 
VAL CG1 HG12 sing N N 361 
VAL CG1 HG13 sing N N 362 
VAL CG2 HG21 sing N N 363 
VAL CG2 HG22 sing N N 364 
VAL CG2 HG23 sing N N 365 
VAL OXT HXT  sing N N 366 
# 
_pdbx_audit_support.funding_organization   
'National Institutes of Health/National Institute of General Medical Sciences (NIH/NIGMS)' 
_pdbx_audit_support.country                'United States' 
_pdbx_audit_support.grant_number           GM120242 
_pdbx_audit_support.ordinal                1 
# 
_atom_sites.entry_id                    6N0S 
_atom_sites.fract_transf_matrix[1][1]   0.00873392 
_atom_sites.fract_transf_matrix[1][2]   0.00676080 
_atom_sites.fract_transf_matrix[1][3]   -0.01160943 
_atom_sites.fract_transf_matrix[2][1]   -0.00052315 
_atom_sites.fract_transf_matrix[2][2]   0.01400775 
_atom_sites.fract_transf_matrix[2][3]   0.00776389 
_atom_sites.fract_transf_matrix[3][1]   0.00706153 
_atom_sites.fract_transf_matrix[3][2]   -0.00202661 
_atom_sites.fract_transf_matrix[3][3]   0.00413227 
_atom_sites.fract_transf_vector[1]      0.385787 
_atom_sites.fract_transf_vector[2]      0.737369 
_atom_sites.fract_transf_vector[3]      0.379564 
# 
loop_
_atom_type.symbol 
C  
N  
O  
S  
SE 
# 
loop_
_atom_site.group_PDB 
_atom_site.id 
_atom_site.type_symbol 
_atom_site.label_atom_id 
_atom_site.label_alt_id 
_atom_site.label_comp_id 
_atom_site.label_asym_id 
_atom_site.label_entity_id 
_atom_site.label_seq_id 
_atom_site.pdbx_PDB_ins_code 
_atom_site.Cartn_x 
_atom_site.Cartn_y 
_atom_site.Cartn_z 
_atom_site.occupancy 
_atom_site.B_iso_or_equiv 
_atom_site.pdbx_formal_charge 
_atom_site.auth_seq_id 
_atom_site.auth_comp_id 
_atom_site.auth_asym_id 
_atom_site.auth_atom_id 
_atom_site.pdbx_PDB_model_num 
ATOM   1    N  N   . GLY A 1 1   ? -16.354 15.286  -11.918 1.00 76.02 ? 1   GLY A N   1 
ATOM   2    C  CA  . GLY A 1 1   ? -15.507 14.296  -11.177 1.00 74.10 ? 1   GLY A CA  1 
ATOM   3    C  C   . GLY A 1 1   ? -14.530 13.568  -12.091 1.00 72.78 ? 1   GLY A C   1 
ATOM   4    O  O   . GLY A 1 1   ? -14.008 14.166  -13.047 1.00 63.52 ? 1   GLY A O   1 
ATOM   5    N  N   . PRO A 1 2   ? -14.266 12.265  -11.810 1.00 74.00 ? 2   PRO A N   1 
ATOM   6    C  CA  . PRO A 1 2   ? -13.382 11.504  -12.700 1.00 70.29 ? 2   PRO A CA  1 
ATOM   7    C  C   . PRO A 1 2   ? -14.185 11.066  -13.920 1.00 67.51 ? 2   PRO A C   1 
ATOM   8    O  O   . PRO A 1 2   ? -15.247 11.637  -14.200 1.00 76.64 ? 2   PRO A O   1 
ATOM   9    C  CB  . PRO A 1 2   ? -12.935 10.332  -11.821 1.00 59.01 ? 2   PRO A CB  1 
ATOM   10   C  CG  . PRO A 1 2   ? -14.222 10.009  -11.044 1.00 63.03 ? 2   PRO A CG  1 
ATOM   11   C  CD  . PRO A 1 2   ? -14.910 11.372  -10.818 1.00 67.78 ? 2   PRO A CD  1 
HETATM 12   N  N   . MSE A 1 3   ? -13.724 10.060  -14.638 1.00 63.33 ? 3   MSE A N   1 
HETATM 13   C  CA  . MSE A 1 3   ? -14.404 9.662   -15.863 1.00 64.95 ? 3   MSE A CA  1 
HETATM 14   C  C   . MSE A 1 3   ? -14.541 8.156   -15.965 1.00 61.48 ? 3   MSE A C   1 
HETATM 15   O  O   . MSE A 1 3   ? -15.612 7.596   -16.255 1.00 57.15 ? 3   MSE A O   1 
HETATM 16   C  CB  . MSE A 1 3   ? -13.618 10.179  -17.058 1.00 69.17 ? 3   MSE A CB  1 
HETATM 17   C  CG  . MSE A 1 3   ? -14.151 9.709   -18.371 1.00 68.67 ? 3   MSE A CG  1 
HETATM 18   SE SE  . MSE A 1 3   ? -14.300 11.245  -19.520 1.00 93.09 ? 3   MSE A SE  1 
HETATM 19   C  CE  . MSE A 1 3   ? -15.542 12.360  -18.447 1.00 61.09 ? 3   MSE A CE  1 
ATOM   20   N  N   . ASN A 1 4   ? -13.406 7.504   -15.775 1.00 51.80 ? 4   ASN A N   1 
ATOM   21   C  CA  . ASN A 1 4   ? -13.383 6.066   -15.676 1.00 49.00 ? 4   ASN A CA  1 
ATOM   22   C  C   . ASN A 1 4   ? -13.681 5.687   -14.244 1.00 40.82 ? 4   ASN A C   1 
ATOM   23   O  O   . ASN A 1 4   ? -13.834 6.538   -13.363 1.00 42.26 ? 4   ASN A O   1 
ATOM   24   C  CB  . ASN A 1 4   ? -12.039 5.530   -16.125 1.00 53.88 ? 4   ASN A CB  1 
ATOM   25   C  CG  . ASN A 1 4   ? -11.784 5.809   -17.545 1.00 59.55 ? 4   ASN A CG  1 
ATOM   26   O  OD1 . ASN A 1 4   ? -12.476 5.287   -18.430 1.00 64.66 ? 4   ASN A OD1 1 
ATOM   27   N  ND2 . ASN A 1 4   ? -10.807 6.655   -17.798 1.00 59.87 ? 4   ASN A ND2 1 
ATOM   28   N  N   . LYS A 1 5   ? -13.737 4.399   -13.994 1.00 34.72 ? 5   LYS A N   1 
ATOM   29   C  CA  . LYS A 1 5   ? -14.240 3.964   -12.722 1.00 38.74 ? 5   LYS A CA  1 
ATOM   30   C  C   . LYS A 1 5   ? -13.145 4.081   -11.674 1.00 35.84 ? 5   LYS A C   1 
ATOM   31   O  O   . LYS A 1 5   ? -11.946 3.932   -11.964 1.00 32.35 ? 5   LYS A O   1 
ATOM   32   C  CB  . LYS A 1 5   ? -14.824 2.557   -12.801 1.00 47.46 ? 5   LYS A CB  1 
ATOM   33   C  CG  . LYS A 1 5   ? -14.106 1.494   -13.595 1.00 53.83 ? 5   LYS A CG  1 
ATOM   34   C  CD  . LYS A 1 5   ? -15.143 0.397   -13.948 1.00 45.96 ? 5   LYS A CD  1 
ATOM   35   C  CE  . LYS A 1 5   ? -14.530 -0.998  -14.185 1.00 60.20 ? 5   LYS A CE  1 
ATOM   36   N  NZ  . LYS A 1 5   ? -15.493 -1.964  -14.871 1.00 46.89 ? 5   LYS A NZ  1 
ATOM   37   N  N   . ILE A 1 6   ? -13.576 4.438   -10.467 1.00 30.71 ? 6   ILE A N   1 
ATOM   38   C  CA  . ILE A 1 6   ? -12.729 4.469   -9.285  1.00 32.51 ? 6   ILE A CA  1 
ATOM   39   C  C   . ILE A 1 6   ? -13.337 3.532   -8.261  1.00 32.59 ? 6   ILE A C   1 
ATOM   40   O  O   . ILE A 1 6   ? -14.565 3.447   -8.139  1.00 37.40 ? 6   ILE A O   1 
ATOM   41   C  CB  . ILE A 1 6   ? -12.609 5.897   -8.742  1.00 30.55 ? 6   ILE A CB  1 
ATOM   42   C  CG1 . ILE A 1 6   ? -14.002 6.493   -8.474  1.00 35.81 ? 6   ILE A CG1 1 
ATOM   43   C  CG2 . ILE A 1 6   ? -11.894 6.797   -9.791  1.00 37.79 ? 6   ILE A CG2 1 
ATOM   44   C  CD1 . ILE A 1 6   ? -13.951 7.820   -7.742  1.00 36.38 ? 6   ILE A CD1 1 
ATOM   45   N  N   . LEU A 1 7   ? -12.483 2.818   -7.546  1.00 33.18 ? 7   LEU A N   1 
ATOM   46   C  CA  . LEU A 1 7   ? -12.964 1.938   -6.498  1.00 34.26 ? 7   LEU A CA  1 
ATOM   47   C  C   . LEU A 1 7   ? -13.637 2.747   -5.399  1.00 34.35 ? 7   LEU A C   1 
ATOM   48   O  O   . LEU A 1 7   ? -14.663 2.333   -4.848  1.00 34.67 ? 7   LEU A O   1 
ATOM   49   C  CB  . LEU A 1 7   ? -11.820 1.104   -5.934  1.00 33.28 ? 7   LEU A CB  1 
ATOM   50   C  CG  . LEU A 1 7   ? -12.240 0.106   -4.869  1.00 29.12 ? 7   LEU A CG  1 
ATOM   51   C  CD1 . LEU A 1 7   ? -13.310 -0.817  -5.447  1.00 34.76 ? 7   LEU A CD1 1 
ATOM   52   C  CD2 . LEU A 1 7   ? -11.061 -0.693  -4.368  1.00 34.74 ? 7   LEU A CD2 1 
ATOM   53   N  N   . GLY A 1 8   ? -13.089 3.910   -5.086  1.00 37.32 ? 8   GLY A N   1 
ATOM   54   C  CA  . GLY A 1 8   ? -13.718 4.775   -4.109  1.00 33.62 ? 8   GLY A CA  1 
ATOM   55   C  C   . GLY A 1 8   ? -13.054 6.131   -4.132  1.00 34.50 ? 8   GLY A C   1 
ATOM   56   O  O   . GLY A 1 8   ? -12.165 6.408   -4.949  1.00 31.27 ? 8   GLY A O   1 
ATOM   57   N  N   . PHE A 1 9   ? -13.500 6.955   -3.196  1.00 31.31 ? 9   PHE A N   1 
ATOM   58   C  CA  . PHE A 1 9   ? -13.117 8.362   -3.077  1.00 33.96 ? 9   PHE A CA  1 
ATOM   59   C  C   . PHE A 1 9   ? -13.024 8.631   -1.578  1.00 37.52 ? 9   PHE A C   1 
ATOM   60   O  O   . PHE A 1 9   ? -14.024 8.498   -0.873  1.00 35.12 ? 9   PHE A O   1 
ATOM   61   C  CB  . PHE A 1 9   ? -14.150 9.286   -3.759  1.00 36.69 ? 9   PHE A CB  1 
ATOM   62   C  CG  . PHE A 1 9   ? -13.813 10.739  -3.648  1.00 35.86 ? 9   PHE A CG  1 
ATOM   63   C  CD1 . PHE A 1 9   ? -12.726 11.250  -4.330  1.00 38.84 ? 9   PHE A CD1 1 
ATOM   64   C  CD2 . PHE A 1 9   ? -14.545 11.583  -2.827  1.00 45.79 ? 9   PHE A CD2 1 
ATOM   65   C  CE1 . PHE A 1 9   ? -12.382 12.580  -4.219  1.00 42.91 ? 9   PHE A CE1 1 
ATOM   66   C  CE2 . PHE A 1 9   ? -14.206 12.936  -2.707  1.00 47.03 ? 9   PHE A CE2 1 
ATOM   67   C  CZ  . PHE A 1 9   ? -13.125 13.430  -3.405  1.00 47.81 ? 9   PHE A CZ  1 
ATOM   68   N  N   . SER A 1 10  ? -11.823 8.890   -1.054  1.00 36.89 ? 10  SER A N   1 
ATOM   69   C  CA  . SER A 1 10  ? -11.698 8.962   0.396   1.00 33.19 ? 10  SER A CA  1 
ATOM   70   C  C   . SER A 1 10  ? -10.362 9.565   0.782   1.00 37.25 ? 10  SER A C   1 
ATOM   71   O  O   . SER A 1 10  ? -9.368  9.460   0.051   1.00 35.13 ? 10  SER A O   1 
ATOM   72   C  CB  . SER A 1 10  ? -11.829 7.583   1.058   1.00 32.47 ? 10  SER A CB  1 
ATOM   73   O  OG  . SER A 1 10  ? -11.727 7.659   2.478   1.00 32.84 ? 10  SER A OG  1 
ATOM   74   N  N   . LYS A 1 11  ? -10.347 10.172  1.965   1.00 36.98 ? 11  LYS A N   1 
ATOM   75   C  CA  . LYS A 1 11  ? -9.099  10.629  2.538   1.00 35.51 ? 11  LYS A CA  1 
ATOM   76   C  C   . LYS A 1 11  ? -8.336  9.483   3.194   1.00 31.88 ? 11  LYS A C   1 
ATOM   77   O  O   . LYS A 1 11  ? -7.159  9.645   3.495   1.00 38.18 ? 11  LYS A O   1 
ATOM   78   C  CB  . LYS A 1 11  ? -9.368  11.742  3.559   1.00 35.52 ? 11  LYS A CB  1 
ATOM   79   C  CG  . LYS A 1 11  ? -8.091  12.509  3.976   1.00 43.82 ? 11  LYS A CG  1 
ATOM   80   C  CD  . LYS A 1 11  ? -8.366  13.628  4.976   1.00 53.70 ? 11  LYS A CD  1 
ATOM   81   C  CE  . LYS A 1 11  ? -7.056  14.285  5.435   1.00 56.63 ? 11  LYS A CE  1 
ATOM   82   N  NZ  . LYS A 1 11  ? -6.480  15.237  4.421   1.00 51.57 ? 11  LYS A NZ  1 
ATOM   83   N  N   . TYR A 1 12  ? -8.984  8.340   3.419   1.00 30.92 ? 12  TYR A N   1 
ATOM   84   C  CA  . TYR A 1 12  ? -8.436  7.235   4.189   1.00 28.76 ? 12  TYR A CA  1 
ATOM   85   C  C   . TYR A 1 12  ? -8.467  5.991   3.323   1.00 36.42 ? 12  TYR A C   1 
ATOM   86   O  O   . TYR A 1 12  ? -9.534  5.631   2.813   1.00 30.55 ? 12  TYR A O   1 
ATOM   87   C  CB  . TYR A 1 12  ? -9.243  7.030   5.461   1.00 32.33 ? 12  TYR A CB  1 
ATOM   88   C  CG  . TYR A 1 12  ? -9.355  8.331   6.230   1.00 42.03 ? 12  TYR A CG  1 
ATOM   89   C  CD1 . TYR A 1 12  ? -8.295  8.783   7.016   1.00 37.35 ? 12  TYR A CD1 1 
ATOM   90   C  CD2 . TYR A 1 12  ? -10.496 9.122   6.136   1.00 37.87 ? 12  TYR A CD2 1 
ATOM   91   C  CE1 . TYR A 1 12  ? -8.376  9.970   7.705   1.00 40.72 ? 12  TYR A CE1 1 
ATOM   92   C  CE2 . TYR A 1 12  ? -10.594 10.317  6.829   1.00 41.62 ? 12  TYR A CE2 1 
ATOM   93   C  CZ  . TYR A 1 12  ? -9.535  10.736  7.604   1.00 43.98 ? 12  TYR A CZ  1 
ATOM   94   O  OH  . TYR A 1 12  ? -9.622  11.916  8.282   1.00 47.86 ? 12  TYR A OH  1 
ATOM   95   N  N   . TRP A 1 13  ? -7.286  5.364   3.128   1.00 32.76 ? 13  TRP A N   1 
ATOM   96   C  CA  . TRP A 1 13  ? -7.136  4.151   2.326   1.00 35.51 ? 13  TRP A CA  1 
ATOM   97   C  C   . TRP A 1 13  ? -6.347  3.132   3.126   1.00 31.85 ? 13  TRP A C   1 
ATOM   98   O  O   . TRP A 1 13  ? -5.584  3.489   4.039   1.00 33.80 ? 13  TRP A O   1 
ATOM   99   C  CB  . TRP A 1 13  ? -6.431  4.422   0.970   1.00 29.40 ? 13  TRP A CB  1 
ATOM   100  C  CG  . TRP A 1 13  ? -7.263  5.219   0.019   1.00 32.24 ? 13  TRP A CG  1 
ATOM   101  C  CD1 . TRP A 1 13  ? -7.615  6.518   0.135   1.00 33.84 ? 13  TRP A CD1 1 
ATOM   102  C  CD2 . TRP A 1 13  ? -7.875  4.741   -1.196  1.00 29.62 ? 13  TRP A CD2 1 
ATOM   103  N  NE1 . TRP A 1 13  ? -8.406  6.888   -0.936  1.00 35.80 ? 13  TRP A NE1 1 
ATOM   104  C  CE2 . TRP A 1 13  ? -8.571  5.809   -1.763  1.00 35.74 ? 13  TRP A CE2 1 
ATOM   105  C  CE3 . TRP A 1 13  ? -7.873  3.516   -1.856  1.00 32.43 ? 13  TRP A CE3 1 
ATOM   106  C  CZ2 . TRP A 1 13  ? -9.280  5.682   -2.964  1.00 33.76 ? 13  TRP A CZ2 1 
ATOM   107  C  CZ3 . TRP A 1 13  ? -8.528  3.396   -3.029  1.00 31.91 ? 13  TRP A CZ3 1 
ATOM   108  C  CH2 . TRP A 1 13  ? -9.249  4.462   -3.575  1.00 33.37 ? 13  TRP A CH2 1 
ATOM   109  N  N   . VAL A 1 14  ? -6.561  1.853   2.797   1.00 30.14 ? 14  VAL A N   1 
ATOM   110  C  CA  . VAL A 1 14  ? -5.801  0.729   3.360   1.00 27.25 ? 14  VAL A CA  1 
ATOM   111  C  C   . VAL A 1 14  ? -4.957  0.095   2.265   1.00 29.64 ? 14  VAL A C   1 
ATOM   112  O  O   . VAL A 1 14  ? -5.446  -0.160  1.167   1.00 32.53 ? 14  VAL A O   1 
ATOM   113  C  CB  . VAL A 1 14  ? -6.717  -0.333  3.982   1.00 31.26 ? 14  VAL A CB  1 
ATOM   114  C  CG1 . VAL A 1 14  ? -5.926  -1.586  4.386   1.00 32.40 ? 14  VAL A CG1 1 
ATOM   115  C  CG2 . VAL A 1 14  ? -7.443  0.223   5.209   1.00 34.03 ? 14  VAL A CG2 1 
ATOM   116  N  N   . GLU A 1 15  ? -3.702  -0.148  2.564   1.00 30.72 ? 15  GLU A N   1 
ATOM   117  C  CA  . GLU A 1 15  ? -2.822  -0.938  1.712   1.00 31.54 ? 15  GLU A CA  1 
ATOM   118  C  C   . GLU A 1 15  ? -2.856  -2.379  2.215   1.00 29.75 ? 15  GLU A C   1 
ATOM   119  O  O   . GLU A 1 15  ? -2.532  -2.643  3.385   1.00 32.15 ? 15  GLU A O   1 
ATOM   120  C  CB  . GLU A 1 15  ? -1.385  -0.395  1.754   1.00 32.80 ? 15  GLU A CB  1 
ATOM   121  C  CG  . GLU A 1 15  ? -0.418  -1.139  0.819   1.00 36.06 ? 15  GLU A CG  1 
ATOM   122  C  CD  . GLU A 1 15  ? 1.072   -0.999  1.155   1.00 35.64 ? 15  GLU A CD  1 
ATOM   123  O  OE1 . GLU A 1 15  ? 1.450   -1.007  2.340   1.00 33.05 ? 15  GLU A OE1 1 
ATOM   124  O  OE2 . GLU A 1 15  ? 1.873   -0.883  0.208   1.00 34.80 ? 15  GLU A OE2 1 
ATOM   125  N  N   . ILE A 1 16  ? -3.197  -3.310  1.324   1.00 31.16 ? 16  ILE A N   1 
ATOM   126  C  CA  . ILE A 1 16  ? -3.304  -4.728  1.644   1.00 29.87 ? 16  ILE A CA  1 
ATOM   127  C  C   . ILE A 1 16  ? -2.044  -5.466  1.162   1.00 29.93 ? 16  ILE A C   1 
ATOM   128  O  O   . ILE A 1 16  ? -1.710  -5.436  -0.027  1.00 31.39 ? 16  ILE A O   1 
ATOM   129  C  CB  . ILE A 1 16  ? -4.579  -5.312  1.024   1.00 36.29 ? 16  ILE A CB  1 
ATOM   130  C  CG1 . ILE A 1 16  ? -5.798  -4.594  1.607   1.00 31.29 ? 16  ILE A CG1 1 
ATOM   131  C  CG2 . ILE A 1 16  ? -4.680  -6.808  1.336   1.00 36.20 ? 16  ILE A CG2 1 
ATOM   132  C  CD1 . ILE A 1 16  ? -6.957  -4.741  0.801   1.00 39.68 ? 16  ILE A CD1 1 
ATOM   133  N  N   . ASN A 1 17  ? -1.334  -6.094  2.090   1.00 34.05 ? 17  ASN A N   1 
ATOM   134  C  CA  . ASN A 1 17  ? -0.112  -6.872  1.835   1.00 32.41 ? 17  ASN A CA  1 
ATOM   135  C  C   . ASN A 1 17  ? -0.464  -8.340  2.105   1.00 31.63 ? 17  ASN A C   1 
ATOM   136  O  O   . ASN A 1 17  ? -0.431  -8.805  3.243   1.00 36.44 ? 17  ASN A O   1 
ATOM   137  C  CB  . ASN A 1 17  ? 1.020   -6.375  2.717   1.00 37.19 ? 17  ASN A CB  1 
ATOM   138  C  CG  . ASN A 1 17  ? 1.392   -4.920  2.431   1.00 37.28 ? 17  ASN A CG  1 
ATOM   139  O  OD1 . ASN A 1 17  ? 2.175   -4.649  1.540   1.00 37.29 ? 17  ASN A OD1 1 
ATOM   140  N  ND2 . ASN A 1 17  ? 0.816   -3.983  3.192   1.00 41.07 ? 17  ASN A ND2 1 
ATOM   141  N  N   . ASN A 1 18  ? -0.894  -9.039  1.056   1.00 39.93 ? 18  ASN A N   1 
ATOM   142  C  CA  . ASN A 1 18  ? -1.473  -10.372 1.164   1.00 44.49 ? 18  ASN A CA  1 
ATOM   143  C  C   . ASN A 1 18  ? -0.557  -11.497 0.707   1.00 43.53 ? 18  ASN A C   1 
ATOM   144  O  O   . ASN A 1 18  ? -0.970  -12.656 0.736   1.00 43.60 ? 18  ASN A O   1 
ATOM   145  C  CB  . ASN A 1 18  ? -2.745  -10.441 0.323   1.00 45.22 ? 18  ASN A CB  1 
ATOM   146  C  CG  . ASN A 1 18  ? -3.945  -10.846 1.128   1.00 54.45 ? 18  ASN A CG  1 
ATOM   147  O  OD1 . ASN A 1 18  ? -4.177  -10.342 2.233   1.00 55.35 ? 18  ASN A OD1 1 
ATOM   148  N  ND2 . ASN A 1 18  ? -4.718  -11.782 0.588   1.00 64.61 ? 18  ASN A ND2 1 
ATOM   149  N  N   . TRP A 1 19  ? 0.635   -11.196 0.228   1.00 41.61 ? 19  TRP A N   1 
ATOM   150  C  CA  . TRP A 1 19  ? 1.493   -12.191 -0.389  1.00 43.45 ? 19  TRP A CA  1 
ATOM   151  C  C   . TRP A 1 19  ? 2.668   -12.470 0.532   1.00 40.92 ? 19  TRP A C   1 
ATOM   152  O  O   . TRP A 1 19  ? 3.011   -11.653 1.390   1.00 41.42 ? 19  TRP A O   1 
ATOM   153  C  CB  . TRP A 1 19  ? 1.960   -11.721 -1.778  1.00 39.61 ? 19  TRP A CB  1 
ATOM   154  C  CG  . TRP A 1 19  ? 0.785   -11.442 -2.729  1.00 42.23 ? 19  TRP A CG  1 
ATOM   155  C  CD1 . TRP A 1 19  ? 0.169   -10.227 -2.949  1.00 43.40 ? 19  TRP A CD1 1 
ATOM   156  C  CD2 . TRP A 1 19  ? 0.083   -12.394 -3.560  1.00 47.07 ? 19  TRP A CD2 1 
ATOM   157  N  NE1 . TRP A 1 19  ? -0.860  -10.375 -3.857  1.00 50.34 ? 19  TRP A NE1 1 
ATOM   158  C  CE2 . TRP A 1 19  ? -0.940  -11.686 -4.243  1.00 44.92 ? 19  TRP A CE2 1 
ATOM   159  C  CE3 . TRP A 1 19  ? 0.217   -13.768 -3.793  1.00 46.16 ? 19  TRP A CE3 1 
ATOM   160  C  CZ2 . TRP A 1 19  ? -1.797  -12.298 -5.144  1.00 45.22 ? 19  TRP A CZ2 1 
ATOM   161  C  CZ3 . TRP A 1 19  ? -0.641  -14.380 -4.697  1.00 53.70 ? 19  TRP A CZ3 1 
ATOM   162  C  CH2 . TRP A 1 19  ? -1.642  -13.648 -5.357  1.00 51.47 ? 19  TRP A CH2 1 
ATOM   163  N  N   . ILE A 1 20  ? 3.287   -13.646 0.365   1.00 41.13 ? 20  ILE A N   1 
ATOM   164  C  CA  . ILE A 1 20  ? 4.443   -13.979 1.202   1.00 40.30 ? 20  ILE A CA  1 
ATOM   165  C  C   . ILE A 1 20  ? 5.526   -12.954 0.931   1.00 43.27 ? 20  ILE A C   1 
ATOM   166  O  O   . ILE A 1 20  ? 5.783   -12.597 -0.223  1.00 48.80 ? 20  ILE A O   1 
ATOM   167  C  CB  . ILE A 1 20  ? 4.945   -15.406 0.919   1.00 47.45 ? 20  ILE A CB  1 
ATOM   168  C  CG1 . ILE A 1 20  ? 3.904   -16.444 1.321   1.00 53.56 ? 20  ILE A CG1 1 
ATOM   169  C  CG2 . ILE A 1 20  ? 6.287   -15.688 1.691   1.00 49.10 ? 20  ILE A CG2 1 
ATOM   170  C  CD1 . ILE A 1 20  ? 4.080   -17.763 0.607   1.00 54.70 ? 20  ILE A CD1 1 
ATOM   171  N  N   . LEU A 1 21  ? 6.147   -12.461 1.988   1.00 42.44 ? 21  LEU A N   1 
ATOM   172  C  CA  . LEU A 1 21  ? 7.174   -11.442 1.883   1.00 45.10 ? 21  LEU A CA  1 
ATOM   173  C  C   . LEU A 1 21  ? 8.362   -11.836 2.741   1.00 41.47 ? 21  LEU A C   1 
ATOM   174  O  O   . LEU A 1 21  ? 8.188   -12.478 3.769   1.00 38.21 ? 21  LEU A O   1 
ATOM   175  C  CB  . LEU A 1 21  ? 6.657   -10.078 2.361   1.00 42.22 ? 21  LEU A CB  1 
ATOM   176  C  CG  . LEU A 1 21  ? 5.650   -9.378  1.463   1.00 52.45 ? 21  LEU A CG  1 
ATOM   177  C  CD1 . LEU A 1 21  ? 5.153   -8.127  2.177   1.00 49.45 ? 21  LEU A CD1 1 
ATOM   178  C  CD2 . LEU A 1 21  ? 6.273   -9.059  0.103   1.00 54.96 ? 21  LEU A CD2 1 
ATOM   179  N  N   . PRO A 1 22  ? 9.580   -11.458 2.346   1.00 41.99 ? 22  PRO A N   1 
ATOM   180  C  CA  . PRO A 1 22  ? 10.754  -11.747 3.187   1.00 43.03 ? 22  PRO A CA  1 
ATOM   181  C  C   . PRO A 1 22  ? 10.915  -10.786 4.348   1.00 44.02 ? 22  PRO A C   1 
ATOM   182  O  O   . PRO A 1 22  ? 11.774  -11.010 5.206   1.00 44.27 ? 22  PRO A O   1 
ATOM   183  C  CB  . PRO A 1 22  ? 11.912  -11.607 2.203   1.00 46.97 ? 22  PRO A CB  1 
ATOM   184  C  CG  . PRO A 1 22  ? 11.420  -10.564 1.222   1.00 43.36 ? 22  PRO A CG  1 
ATOM   185  C  CD  . PRO A 1 22  ? 9.965   -10.905 1.037   1.00 44.93 ? 22  PRO A CD  1 
ATOM   186  N  N   . THR A 1 23  ? 10.128  -9.720  4.404   1.00 39.97 ? 23  THR A N   1 
ATOM   187  C  CA  . THR A 1 23  ? 10.275  -8.696  5.429   1.00 38.51 ? 23  THR A CA  1 
ATOM   188  C  C   . THR A 1 23  ? 9.028   -7.828  5.397   1.00 33.55 ? 23  THR A C   1 
ATOM   189  O  O   . THR A 1 23  ? 8.349   -7.778  4.382   1.00 36.19 ? 23  THR A O   1 
ATOM   190  C  CB  . THR A 1 23  ? 11.516  -7.819  5.184   1.00 38.09 ? 23  THR A CB  1 
ATOM   191  O  OG1 . THR A 1 23  ? 11.642  -6.855  6.233   1.00 42.16 ? 23  THR A OG1 1 
ATOM   192  C  CG2 . THR A 1 23  ? 11.399  -7.076  3.865   1.00 40.96 ? 23  THR A CG2 1 
ATOM   193  N  N   . LEU A 1 24  ? 8.748   -7.150  6.514   1.00 35.37 ? 24  LEU A N   1 
ATOM   194  C  CA  . LEU A 1 24  ? 7.754   -6.077  6.572   1.00 39.85 ? 24  LEU A CA  1 
ATOM   195  C  C   . LEU A 1 24  ? 8.389   -4.708  6.738   1.00 44.59 ? 24  LEU A C   1 
ATOM   196  O  O   . LEU A 1 24  ? 7.667   -3.711  6.871   1.00 38.00 ? 24  LEU A O   1 
ATOM   197  C  CB  . LEU A 1 24  ? 6.770   -6.324  7.726   1.00 40.53 ? 24  LEU A CB  1 
ATOM   198  C  CG  . LEU A 1 24  ? 6.081   -7.699  7.725   1.00 41.93 ? 24  LEU A CG  1 
ATOM   199  C  CD1 . LEU A 1 24  ? 5.203   -7.893  8.961   1.00 48.92 ? 24  LEU A CD1 1 
ATOM   200  C  CD2 . LEU A 1 24  ? 5.275   -7.921  6.471   1.00 45.14 ? 24  LEU A CD2 1 
ATOM   201  N  N   . ASP A 1 25  ? 9.724   -4.637  6.742   1.00 36.99 ? 25  ASP A N   1 
ATOM   202  C  CA  . ASP A 1 25  ? 10.437  -3.398  7.031   1.00 41.14 ? 25  ASP A CA  1 
ATOM   203  C  C   . ASP A 1 25  ? 10.204  -2.335  5.960   1.00 40.79 ? 25  ASP A C   1 
ATOM   204  O  O   . ASP A 1 25  ? 10.347  -1.139  6.235   1.00 42.28 ? 25  ASP A O   1 
ATOM   205  C  CB  . ASP A 1 25  ? 11.945  -3.675  7.152   1.00 44.10 ? 25  ASP A CB  1 
ATOM   206  C  CG  . ASP A 1 25  ? 12.306  -4.508  8.382   1.00 49.79 ? 25  ASP A CG  1 
ATOM   207  O  OD1 . ASP A 1 25  ? 11.412  -4.803  9.201   1.00 50.30 ? 25  ASP A OD1 1 
ATOM   208  O  OD2 . ASP A 1 25  ? 13.503  -4.843  8.546   1.00 56.70 ? 25  ASP A OD2 1 
ATOM   209  N  N   . HIS A 1 26  ? 9.868   -2.733  4.745   1.00 36.10 ? 26  HIS A N   1 
ATOM   210  C  CA  . HIS A 1 26  ? 9.609   -1.759  3.694   1.00 36.98 ? 26  HIS A CA  1 
ATOM   211  C  C   . HIS A 1 26  ? 8.215   -1.138  3.779   1.00 34.44 ? 26  HIS A C   1 
ATOM   212  O  O   . HIS A 1 26  ? 7.915   -0.209  3.017   1.00 34.87 ? 26  HIS A O   1 
ATOM   213  C  CB  . HIS A 1 26  ? 9.736   -2.429  2.358   1.00 37.35 ? 26  HIS A CB  1 
ATOM   214  C  CG  . HIS A 1 26  ? 8.712   -3.493  2.161   1.00 39.41 ? 26  HIS A CG  1 
ATOM   215  N  ND1 . HIS A 1 26  ? 8.638   -4.610  2.970   1.00 38.01 ? 26  HIS A ND1 1 
ATOM   216  C  CD2 . HIS A 1 26  ? 7.681   -3.581  1.291   1.00 37.78 ? 26  HIS A CD2 1 
ATOM   217  C  CE1 . HIS A 1 26  ? 7.614   -5.354  2.587   1.00 36.33 ? 26  HIS A CE1 1 
ATOM   218  N  NE2 . HIS A 1 26  ? 7.024   -4.755  1.568   1.00 37.40 ? 26  HIS A NE2 1 
ATOM   219  N  N   . ILE A 1 27  ? 7.354   -1.660  4.633   1.00 33.63 ? 27  ILE A N   1 
ATOM   220  C  CA  . ILE A 1 27  ? 5.958   -1.232  4.654   1.00 36.38 ? 27  ILE A CA  1 
ATOM   221  C  C   . ILE A 1 27  ? 5.888   0.123   5.326   1.00 39.68 ? 27  ILE A C   1 
ATOM   222  O  O   . ILE A 1 27  ? 6.445   0.315   6.412   1.00 38.76 ? 27  ILE A O   1 
ATOM   223  C  CB  . ILE A 1 27  ? 5.067   -2.259  5.361   1.00 37.86 ? 27  ILE A CB  1 
ATOM   224  C  CG1 . ILE A 1 27  ? 4.996   -3.519  4.495   1.00 34.73 ? 27  ILE A CG1 1 
ATOM   225  C  CG2 . ILE A 1 27  ? 3.593   -1.698  5.508   1.00 37.29 ? 27  ILE A CG2 1 
ATOM   226  C  CD1 . ILE A 1 27  ? 4.251   -4.674  5.115   1.00 44.14 ? 27  ILE A CD1 1 
ATOM   227  N  N   . GLY A 1 28  ? 5.248   1.079   4.655   1.00 36.48 ? 28  GLY A N   1 
ATOM   228  C  CA  . GLY A 1 28  ? 5.212   2.437   5.132   1.00 31.18 ? 28  GLY A CA  1 
ATOM   229  C  C   . GLY A 1 28  ? 6.079   3.387   4.348   1.00 34.57 ? 28  GLY A C   1 
ATOM   230  O  O   . GLY A 1 28  ? 5.991   4.599   4.572   1.00 37.81 ? 28  GLY A O   1 
ATOM   231  N  N   . LEU A 1 29  ? 6.870   2.889   3.398   1.00 32.46 ? 29  LEU A N   1 
ATOM   232  C  CA  . LEU A 1 29  ? 7.730   3.721   2.574   1.00 35.46 ? 29  LEU A CA  1 
ATOM   233  C  C   . LEU A 1 29  ? 7.154   4.064   1.212   1.00 37.46 ? 29  LEU A C   1 
ATOM   234  O  O   . LEU A 1 29  ? 7.409   5.164   0.692   1.00 37.58 ? 29  LEU A O   1 
ATOM   235  C  CB  . LEU A 1 29  ? 9.074   3.015   2.372   1.00 37.82 ? 29  LEU A CB  1 
ATOM   236  C  CG  . LEU A 1 29  ? 9.846   2.709   3.636   1.00 38.15 ? 29  LEU A CG  1 
ATOM   237  C  CD1 . LEU A 1 29  ? 11.142  1.994   3.234   1.00 36.53 ? 29  LEU A CD1 1 
ATOM   238  C  CD2 . LEU A 1 29  ? 10.127  3.973   4.427   1.00 39.06 ? 29  LEU A CD2 1 
ATOM   239  N  N   . THR A 1 30  ? 6.447   3.135   0.577   1.00 37.50 ? 30  THR A N   1 
ATOM   240  C  CA  . THR A 1 30  ? 5.875   3.408   -0.733  1.00 33.47 ? 30  THR A CA  1 
ATOM   241  C  C   . THR A 1 30  ? 4.598   2.621   -0.902  1.00 33.92 ? 30  THR A C   1 
ATOM   242  O  O   . THR A 1 30  ? 4.286   1.715   -0.126  1.00 33.21 ? 30  THR A O   1 
ATOM   243  C  CB  . THR A 1 30  ? 6.807   3.050   -1.903  1.00 41.71 ? 30  THR A CB  1 
ATOM   244  O  OG1 . THR A 1 30  ? 6.933   1.624   -1.990  1.00 38.36 ? 30  THR A OG1 1 
ATOM   245  C  CG2 . THR A 1 30  ? 8.173   3.680   -1.743  1.00 38.77 ? 30  THR A CG2 1 
ATOM   246  N  N   . LEU A 1 31  ? 3.848   3.043   -1.920  1.00 32.31 ? 31  LEU A N   1 
ATOM   247  C  CA  . LEU A 1 31  ? 2.777   2.290   -2.547  1.00 37.67 ? 31  LEU A CA  1 
ATOM   248  C  C   . LEU A 1 31  ? 3.143   2.142   -4.005  1.00 33.52 ? 31  LEU A C   1 
ATOM   249  O  O   . LEU A 1 31  ? 3.482   3.129   -4.659  1.00 34.33 ? 31  LEU A O   1 
ATOM   250  C  CB  . LEU A 1 31  ? 1.426   3.008   -2.458  1.00 33.00 ? 31  LEU A CB  1 
ATOM   251  C  CG  . LEU A 1 31  ? 0.945   3.456   -1.077  1.00 30.08 ? 31  LEU A CG  1 
ATOM   252  C  CD1 . LEU A 1 31  ? -0.428  4.174   -1.223  1.00 33.10 ? 31  LEU A CD1 1 
ATOM   253  C  CD2 . LEU A 1 31  ? 0.843   2.320   -0.087  1.00 30.67 ? 31  LEU A CD2 1 
ATOM   254  N  N   . TRP A 1 32  ? 3.045   0.931   -4.523  1.00 30.89 ? 32  TRP A N   1 
ATOM   255  C  CA  . TRP A 1 32  ? 3.392   0.749   -5.921  1.00 34.45 ? 32  TRP A CA  1 
ATOM   256  C  C   . TRP A 1 32  ? 2.731   -0.522  -6.411  1.00 32.42 ? 32  TRP A C   1 
ATOM   257  O  O   . TRP A 1 32  ? 2.384   -1.402  -5.624  1.00 33.22 ? 32  TRP A O   1 
ATOM   258  C  CB  . TRP A 1 32  ? 4.919   0.700   -6.083  1.00 34.99 ? 32  TRP A CB  1 
ATOM   259  C  CG  . TRP A 1 32  ? 5.548   -0.544  -5.571  1.00 29.49 ? 32  TRP A CG  1 
ATOM   260  C  CD1 . TRP A 1 32  ? 6.011   -0.773  -4.307  1.00 36.22 ? 32  TRP A CD1 1 
ATOM   261  C  CD2 . TRP A 1 32  ? 5.803   -1.725  -6.312  1.00 33.88 ? 32  TRP A CD2 1 
ATOM   262  N  NE1 . TRP A 1 32  ? 6.534   -2.033  -4.215  1.00 33.13 ? 32  TRP A NE1 1 
ATOM   263  C  CE2 . TRP A 1 32  ? 6.415   -2.641  -5.439  1.00 35.25 ? 32  TRP A CE2 1 
ATOM   264  C  CE3 . TRP A 1 32  ? 5.556   -2.104  -7.636  1.00 34.02 ? 32  TRP A CE3 1 
ATOM   265  C  CZ2 . TRP A 1 32  ? 6.798   -3.914  -5.842  1.00 36.23 ? 32  TRP A CZ2 1 
ATOM   266  C  CZ3 . TRP A 1 32  ? 5.926   -3.363  -8.038  1.00 37.64 ? 32  TRP A CZ3 1 
ATOM   267  C  CH2 . TRP A 1 32  ? 6.547   -4.263  -7.146  1.00 42.44 ? 32  TRP A CH2 1 
ATOM   268  N  N   . GLY A 1 33  ? 2.553   -0.598  -7.716  1.00 33.10 ? 33  GLY A N   1 
ATOM   269  C  CA  . GLY A 1 33  ? 1.870   -1.729  -8.303  1.00 37.25 ? 33  GLY A CA  1 
ATOM   270  C  C   . GLY A 1 33  ? 1.759   -1.545  -9.801  1.00 36.17 ? 33  GLY A C   1 
ATOM   271  O  O   . GLY A 1 33  ? 2.077   -0.488  -10.351 1.00 34.05 ? 33  GLY A O   1 
HETATM 272  N  N   . MSE A 1 34  ? 1.276   -2.593  -10.451 1.00 34.10 ? 34  MSE A N   1 
HETATM 273  C  CA  . MSE A 1 34  ? 1.093   -2.580  -11.876 1.00 35.99 ? 34  MSE A CA  1 
HETATM 274  C  C   . MSE A 1 34  ? -0.267  -1.994  -12.181 1.00 36.40 ? 34  MSE A C   1 
HETATM 275  O  O   . MSE A 1 34  ? -1.261  -2.475  -11.672 1.00 35.09 ? 34  MSE A O   1 
HETATM 276  C  CB  . MSE A 1 34  ? 1.191   -3.994  -12.449 1.00 40.04 ? 34  MSE A CB  1 
HETATM 277  C  CG  . MSE A 1 34  ? 1.035   -4.061  -13.976 1.00 49.17 ? 34  MSE A CG  1 
HETATM 278  SE SE  . MSE A 1 34  ? 1.179   -5.934  -14.637 1.00 63.15 ? 34  MSE A SE  1 
HETATM 279  C  CE  . MSE A 1 34  ? 2.747   -6.358  -13.832 1.00 32.49 ? 34  MSE A CE  1 
ATOM   280  N  N   . ILE A 1 35  ? -0.279  -0.980  -13.045 1.00 34.58 ? 35  ILE A N   1 
ATOM   281  C  CA  . ILE A 1 35  ? -1.464  -0.166  -13.243 1.00 35.00 ? 35  ILE A CA  1 
ATOM   282  C  C   . ILE A 1 35  ? -2.622  -1.031  -13.733 1.00 43.99 ? 35  ILE A C   1 
ATOM   283  O  O   . ILE A 1 35  ? -3.693  -1.049  -13.120 1.00 40.25 ? 35  ILE A O   1 
ATOM   284  C  CB  . ILE A 1 35  ? -1.139  0.997   -14.194 1.00 38.88 ? 35  ILE A CB  1 
ATOM   285  C  CG1 . ILE A 1 35  ? -0.210  1.979   -13.481 1.00 33.57 ? 35  ILE A CG1 1 
ATOM   286  C  CG2 . ILE A 1 35  ? -2.412  1.710   -14.678 1.00 37.82 ? 35  ILE A CG2 1 
ATOM   287  C  CD1 . ILE A 1 35  ? 0.337   3.130   -14.340 1.00 36.70 ? 35  ILE A CD1 1 
ATOM   288  N  N   . LYS A 1 36  ? -2.402  -1.827  -14.789 1.00 41.57 ? 36  LYS A N   1 
ATOM   289  C  CA  . LYS A 1 36  ? -3.494  -2.616  -15.369 1.00 43.77 ? 36  LYS A CA  1 
ATOM   290  C  C   . LYS A 1 36  ? -4.030  -3.673  -14.412 1.00 37.71 ? 36  LYS A C   1 
ATOM   291  O  O   . LYS A 1 36  ? -5.130  -4.189  -14.631 1.00 41.55 ? 36  LYS A O   1 
ATOM   292  C  CB  . LYS A 1 36  ? -3.049  -3.289  -16.676 1.00 48.26 ? 36  LYS A CB  1 
ATOM   293  C  CG  . LYS A 1 36  ? -2.079  -4.458  -16.499 1.00 46.35 ? 36  LYS A CG  1 
ATOM   294  C  CD  . LYS A 1 36  ? -1.511  -4.981  -17.828 1.00 50.84 ? 36  LYS A CD  1 
ATOM   295  C  CE  . LYS A 1 36  ? -1.168  -6.491  -17.747 1.00 60.53 ? 36  LYS A CE  1 
ATOM   296  N  NZ  . LYS A 1 36  ? -0.713  -7.086  -19.043 1.00 70.80 ? 36  LYS A NZ  1 
ATOM   297  N  N   . LYS A 1 37  ? -3.317  -3.977  -13.340 1.00 39.16 ? 37  LYS A N   1 
ATOM   298  C  CA  . LYS A 1 37  ? -3.853  -4.866  -12.317 1.00 39.29 ? 37  LYS A CA  1 
ATOM   299  C  C   . LYS A 1 37  ? -4.691  -4.146  -11.259 1.00 37.83 ? 37  LYS A C   1 
ATOM   300  O  O   . LYS A 1 37  ? -5.444  -4.810  -10.542 1.00 40.13 ? 37  LYS A O   1 
ATOM   301  C  CB  . LYS A 1 37  ? -2.728  -5.610  -11.596 1.00 44.09 ? 37  LYS A CB  1 
ATOM   302  C  CG  . LYS A 1 37  ? -1.963  -6.597  -12.459 1.00 54.72 ? 37  LYS A CG  1 
ATOM   303  C  CD  . LYS A 1 37  ? -2.580  -8.011  -12.392 1.00 65.78 ? 37  LYS A CD  1 
ATOM   304  C  CE  . LYS A 1 37  ? -1.857  -9.030  -13.286 1.00 72.45 ? 37  LYS A CE  1 
ATOM   305  N  NZ  . LYS A 1 37  ? -0.454  -9.311  -12.830 1.00 66.82 ? 37  LYS A NZ  1 
ATOM   306  N  N   . HIS A 1 38  ? -4.545  -2.836  -11.094 1.00 34.71 ? 38  HIS A N   1 
ATOM   307  C  CA  . HIS A 1 38  ? -5.229  -2.134  -10.007 1.00 33.25 ? 38  HIS A CA  1 
ATOM   308  C  C   . HIS A 1 38  ? -5.745  -0.801  -10.512 1.00 32.51 ? 38  HIS A C   1 
ATOM   309  O  O   . HIS A 1 38  ? -5.575  0.252   -9.890  1.00 35.50 ? 38  HIS A O   1 
ATOM   310  C  CB  . HIS A 1 38  ? -4.299  -1.977  -8.811  1.00 37.39 ? 38  HIS A CB  1 
ATOM   311  C  CG  . HIS A 1 38  ? -3.819  -3.278  -8.283  1.00 34.15 ? 38  HIS A CG  1 
ATOM   312  N  ND1 . HIS A 1 38  ? -4.619  -4.113  -7.534  1.00 39.75 ? 38  HIS A ND1 1 
ATOM   313  C  CD2 . HIS A 1 38  ? -2.650  -3.934  -8.463  1.00 37.18 ? 38  HIS A CD2 1 
ATOM   314  C  CE1 . HIS A 1 38  ? -3.946  -5.213  -7.243  1.00 39.40 ? 38  HIS A CE1 1 
ATOM   315  N  NE2 . HIS A 1 38  ? -2.752  -5.126  -7.795  1.00 36.11 ? 38  HIS A NE2 1 
ATOM   316  N  N   . ALA A 1 39  ? -6.364  -0.829  -11.693 1.00 38.15 ? 39  ALA A N   1 
ATOM   317  C  CA  . ALA A 1 39  ? -6.609  0.417   -12.403 1.00 34.43 ? 39  ALA A CA  1 
ATOM   318  C  C   . ALA A 1 39  ? -7.566  1.312   -11.634 1.00 31.98 ? 39  ALA A C   1 
ATOM   319  O  O   . ALA A 1 39  ? -7.315  2.509   -11.478 1.00 35.77 ? 39  ALA A O   1 
ATOM   320  C  CB  . ALA A 1 39  ? -7.163  0.136   -13.802 1.00 38.92 ? 39  ALA A CB  1 
ATOM   321  N  N   . SER A 1 40  ? -8.692  0.769   -11.180 1.00 31.83 ? 40  SER A N   1 
ATOM   322  C  CA  . SER A 1 40  ? -9.649  1.623   -10.473 1.00 34.56 ? 40  SER A CA  1 
ATOM   323  C  C   . SER A 1 40  ? -9.121  2.075   -9.106  1.00 31.35 ? 40  SER A C   1 
ATOM   324  O  O   . SER A 1 40  ? -9.507  3.149   -8.614  1.00 30.27 ? 40  SER A O   1 
ATOM   325  C  CB  . SER A 1 40  ? -10.988 0.907   -10.318 1.00 36.94 ? 40  SER A CB  1 
ATOM   326  O  OG  . SER A 1 40  ? -10.936 -0.104  -9.347  1.00 37.65 ? 40  SER A OG  1 
ATOM   327  N  N   . GLU A 1 41  ? -8.277  1.261   -8.470  1.00 33.97 ? 41  GLU A N   1 
ATOM   328  C  CA  . GLU A 1 41  ? -7.649  1.641   -7.194  1.00 34.81 ? 41  GLU A CA  1 
ATOM   329  C  C   . GLU A 1 41  ? -6.664  2.778   -7.389  1.00 36.66 ? 41  GLU A C   1 
ATOM   330  O  O   . GLU A 1 41  ? -6.721  3.803   -6.694  1.00 35.06 ? 41  GLU A O   1 
ATOM   331  C  CB  . GLU A 1 41  ? -6.951  0.433   -6.596  1.00 30.54 ? 41  GLU A CB  1 
ATOM   332  C  CG  . GLU A 1 41  ? -7.944  -0.650  -6.151  1.00 37.31 ? 41  GLU A CG  1 
ATOM   333  C  CD  . GLU A 1 41  ? -7.418  -2.092  -6.212  1.00 46.91 ? 41  GLU A CD  1 
ATOM   334  O  OE1 . GLU A 1 41  ? -6.378  -2.439  -5.565  1.00 35.94 ? 41  GLU A OE1 1 
ATOM   335  O  OE2 . GLU A 1 41  ? -8.095  -2.898  -6.895  1.00 40.81 ? 41  GLU A OE2 1 
ATOM   336  N  N   . TYR A 1 42  ? -5.767  2.627   -8.353  1.00 36.64 ? 42  TYR A N   1 
ATOM   337  C  CA  . TYR A 1 42  ? -4.892  3.724   -8.728  1.00 32.87 ? 42  TYR A CA  1 
ATOM   338  C  C   . TYR A 1 42  ? -5.684  4.970   -9.097  1.00 34.85 ? 42  TYR A C   1 
ATOM   339  O  O   . TYR A 1 42  ? -5.369  6.078   -8.647  1.00 35.17 ? 42  TYR A O   1 
ATOM   340  C  CB  . TYR A 1 42  ? -4.022  3.275   -9.895  1.00 36.09 ? 42  TYR A CB  1 
ATOM   341  C  CG  . TYR A 1 42  ? -3.043  4.317   -10.394 1.00 36.92 ? 42  TYR A CG  1 
ATOM   342  C  CD1 . TYR A 1 42  ? -2.278  5.048   -9.513  1.00 39.46 ? 42  TYR A CD1 1 
ATOM   343  C  CD2 . TYR A 1 42  ? -2.865  4.541   -11.752 1.00 37.79 ? 42  TYR A CD2 1 
ATOM   344  C  CE1 . TYR A 1 42  ? -1.359  5.985   -9.964  1.00 38.69 ? 42  TYR A CE1 1 
ATOM   345  C  CE2 . TYR A 1 42  ? -1.931  5.462   -12.209 1.00 44.66 ? 42  TYR A CE2 1 
ATOM   346  C  CZ  . TYR A 1 42  ? -1.182  6.176   -11.303 1.00 41.13 ? 42  TYR A CZ  1 
ATOM   347  O  OH  . TYR A 1 42  ? -0.261  7.099   -11.740 1.00 42.12 ? 42  TYR A OH  1 
ATOM   348  N  N   . ARG A 1 43  ? -6.699  4.824   -9.957  1.00 37.54 ? 43  ARG A N   1 
ATOM   349  C  CA  . ARG A 1 43  ? -7.450  6.004   -10.360 1.00 34.35 ? 43  ARG A CA  1 
ATOM   350  C  C   . ARG A 1 43  ? -8.129  6.640   -9.148  1.00 30.21 ? 43  ARG A C   1 
ATOM   351  O  O   . ARG A 1 43  ? -8.076  7.863   -8.964  1.00 33.02 ? 43  ARG A O   1 
ATOM   352  C  CB  . ARG A 1 43  ? -8.454  5.631   -11.469 1.00 36.60 ? 43  ARG A CB  1 
ATOM   353  C  CG  . ARG A 1 43  ? -9.025  6.796   -12.289 1.00 46.26 ? 43  ARG A CG  1 
ATOM   354  C  CD  . ARG A 1 43  ? -9.374  6.377   -13.773 1.00 39.42 ? 43  ARG A CD  1 
ATOM   355  N  NE  . ARG A 1 43  ? -9.966  5.054   -13.787 1.00 45.67 ? 43  ARG A NE  1 
ATOM   356  C  CZ  . ARG A 1 43  ? -9.553  4.023   -14.507 1.00 44.78 ? 43  ARG A CZ  1 
ATOM   357  N  NH1 . ARG A 1 43  ? -8.560  4.128   -15.359 1.00 47.47 ? 43  ARG A NH1 1 
ATOM   358  N  NH2 . ARG A 1 43  ? -10.163 2.862   -14.366 1.00 44.04 ? 43  ARG A NH2 1 
ATOM   359  N  N   . GLY A 1 44  ? -8.730  5.823   -8.282  1.00 30.11 ? 44  GLY A N   1 
ATOM   360  C  CA  . GLY A 1 44  ? -9.372  6.355   -7.084  1.00 30.52 ? 44  GLY A CA  1 
ATOM   361  C  C   . GLY A 1 44  ? -8.419  7.065   -6.140  1.00 32.09 ? 44  GLY A C   1 
ATOM   362  O  O   . GLY A 1 44  ? -8.728  8.138   -5.605  1.00 34.02 ? 44  GLY A O   1 
ATOM   363  N  N   . ILE A 1 45  ? -7.259  6.467   -5.870  1.00 31.84 ? 45  ILE A N   1 
ATOM   364  C  CA  . ILE A 1 45  ? -6.396  7.116   -4.897  1.00 30.22 ? 45  ILE A CA  1 
ATOM   365  C  C   . ILE A 1 45  ? -5.771  8.379   -5.494  1.00 33.20 ? 45  ILE A C   1 
ATOM   366  O  O   . ILE A 1 45  ? -5.613  9.394   -4.803  1.00 35.22 ? 45  ILE A O   1 
ATOM   367  C  CB  . ILE A 1 45  ? -5.359  6.110   -4.343  1.00 34.43 ? 45  ILE A CB  1 
ATOM   368  C  CG1 . ILE A 1 45  ? -4.862  6.586   -2.971  1.00 32.72 ? 45  ILE A CG1 1 
ATOM   369  C  CG2 . ILE A 1 45  ? -4.268  5.901   -5.300  1.00 32.54 ? 45  ILE A CG2 1 
ATOM   370  C  CD1 . ILE A 1 45  ? -4.217  5.438   -2.116  1.00 42.00 ? 45  ILE A CD1 1 
ATOM   371  N  N   . ARG A 1 46  ? -5.426  8.358   -6.783  1.00 35.59 ? 46  ARG A N   1 
ATOM   372  C  CA  . ARG A 1 46  ? -4.918  9.565   -7.431  1.00 36.64 ? 46  ARG A CA  1 
ATOM   373  C  C   . ARG A 1 46  ? -5.934  10.702  -7.353  1.00 43.15 ? 46  ARG A C   1 
ATOM   374  O  O   . ARG A 1 46  ? -5.586  11.843  -7.026  1.00 41.74 ? 46  ARG A O   1 
ATOM   375  C  CB  . ARG A 1 46  ? -4.570  9.265   -8.896  1.00 41.39 ? 46  ARG A CB  1 
ATOM   376  C  CG  . ARG A 1 46  ? -3.324  9.942   -9.436  1.00 56.38 ? 46  ARG A CG  1 
ATOM   377  C  CD  . ARG A 1 46  ? -2.955  9.459   -10.855 1.00 59.76 ? 46  ARG A CD  1 
ATOM   378  N  NE  . ARG A 1 46  ? -3.992  9.739   -11.851 1.00 69.62 ? 46  ARG A NE  1 
ATOM   379  C  CZ  . ARG A 1 46  ? -4.768  8.822   -12.437 1.00 65.97 ? 46  ARG A CZ  1 
ATOM   380  N  NH1 . ARG A 1 46  ? -4.642  7.523   -12.149 1.00 58.86 ? 46  ARG A NH1 1 
ATOM   381  N  NH2 . ARG A 1 46  ? -5.674  9.205   -13.327 1.00 60.15 ? 46  ARG A NH2 1 
ATOM   382  N  N   . TYR A 1 47  ? -7.205  10.407  -7.634  1.00 39.48 ? 47  TYR A N   1 
ATOM   383  C  CA  . TYR A 1 47  ? -8.240  11.432  -7.577  1.00 40.42 ? 47  TYR A CA  1 
ATOM   384  C  C   . TYR A 1 47  ? -8.490  11.880  -6.139  1.00 47.36 ? 47  TYR A C   1 
ATOM   385  O  O   . TYR A 1 47  ? -8.751  13.069  -5.887  1.00 42.70 ? 47  TYR A O   1 
ATOM   386  C  CB  . TYR A 1 47  ? -9.520  10.899  -8.223  1.00 41.69 ? 47  TYR A CB  1 
ATOM   387  C  CG  . TYR A 1 47  ? -10.673 11.874  -8.219  1.00 41.81 ? 47  TYR A CG  1 
ATOM   388  C  CD1 . TYR A 1 47  ? -10.640 13.031  -8.991  1.00 56.56 ? 47  TYR A CD1 1 
ATOM   389  C  CD2 . TYR A 1 47  ? -11.794 11.641  -7.442  1.00 44.68 ? 47  TYR A CD2 1 
ATOM   390  C  CE1 . TYR A 1 47  ? -11.707 13.935  -8.988  1.00 56.44 ? 47  TYR A CE1 1 
ATOM   391  C  CE2 . TYR A 1 47  ? -12.859 12.526  -7.428  1.00 51.64 ? 47  TYR A CE2 1 
ATOM   392  C  CZ  . TYR A 1 47  ? -12.811 13.674  -8.205  1.00 60.26 ? 47  TYR A CZ  1 
ATOM   393  O  OH  . TYR A 1 47  ? -13.873 14.546  -8.169  1.00 56.60 ? 47  TYR A OH  1 
ATOM   394  N  N   . SER A 1 48  ? -8.385  10.955  -5.182  1.00 39.55 ? 48  SER A N   1 
ATOM   395  C  CA  . SER A 1 48  ? -8.521  11.321  -3.780  1.00 37.29 ? 48  SER A CA  1 
ATOM   396  C  C   . SER A 1 48  ? -7.407  12.271  -3.356  1.00 42.56 ? 48  SER A C   1 
ATOM   397  O  O   . SER A 1 48  ? -7.639  13.232  -2.612  1.00 38.94 ? 48  SER A O   1 
ATOM   398  C  CB  . SER A 1 48  ? -8.500  10.065  -2.897  1.00 39.72 ? 48  SER A CB  1 
ATOM   399  O  OG  . SER A 1 48  ? -9.626  9.200   -3.136  1.00 37.87 ? 48  SER A OG  1 
ATOM   400  N  N   . LEU A 1 49  ? -6.178  11.982  -3.772  1.00 41.81 ? 49  LEU A N   1 
ATOM   401  C  CA  . LEU A 1 49  ? -5.061  12.843  -3.408  1.00 46.60 ? 49  LEU A CA  1 
ATOM   402  C  C   . LEU A 1 49  ? -5.269  14.244  -3.948  1.00 52.74 ? 49  LEU A C   1 
ATOM   403  O  O   . LEU A 1 49  ? -4.985  15.234  -3.259  1.00 47.84 ? 49  LEU A O   1 
ATOM   404  C  CB  . LEU A 1 49  ? -3.753  12.271  -3.943  1.00 42.75 ? 49  LEU A CB  1 
ATOM   405  C  CG  . LEU A 1 49  ? -2.536  13.146  -3.694  1.00 47.94 ? 49  LEU A CG  1 
ATOM   406  C  CD1 . LEU A 1 49  ? -2.311  13.257  -2.214  1.00 46.85 ? 49  LEU A CD1 1 
ATOM   407  C  CD2 . LEU A 1 49  ? -1.329  12.584  -4.366  1.00 43.92 ? 49  LEU A CD2 1 
ATOM   408  N  N   . GLU A 1 50  ? -5.756  14.338  -5.193  1.00 48.54 ? 50  GLU A N   1 
ATOM   409  C  CA  . GLU A 1 50  ? -5.982  15.631  -5.829  1.00 54.29 ? 50  GLU A CA  1 
ATOM   410  C  C   . GLU A 1 50  ? -6.992  16.451  -5.042  1.00 49.01 ? 50  GLU A C   1 
ATOM   411  O  O   . GLU A 1 50  ? -6.787  17.645  -4.806  1.00 53.04 ? 50  GLU A O   1 
ATOM   412  C  CB  . GLU A 1 50  ? -6.458  15.421  -7.273  1.00 50.50 ? 50  GLU A CB  1 
ATOM   413  C  CG  . GLU A 1 50  ? -6.542  16.681  -8.145  1.00 62.13 ? 50  GLU A CG  1 
ATOM   414  C  CD  . GLU A 1 50  ? -7.711  16.654  -9.164  1.00 67.05 ? 50  GLU A CD  1 
ATOM   415  O  OE1 . GLU A 1 50  ? -8.498  17.635  -9.219  1.00 67.10 ? 50  GLU A OE1 1 
ATOM   416  O  OE2 . GLU A 1 50  ? -7.839  15.652  -9.904  1.00 67.48 ? 50  GLU A OE2 1 
ATOM   417  N  N   . LYS A 1 51  ? -8.079  15.827  -4.605  1.00 49.77 ? 51  LYS A N   1 
ATOM   418  C  CA  . LYS A 1 51  ? -9.090  16.565  -3.869  1.00 41.67 ? 51  LYS A CA  1 
ATOM   419  C  C   . LYS A 1 51  ? -8.711  16.792  -2.401  1.00 54.56 ? 51  LYS A C   1 
ATOM   420  O  O   . LYS A 1 51  ? -9.053  17.838  -1.849  1.00 47.09 ? 51  LYS A O   1 
ATOM   421  C  CB  . LYS A 1 51  ? -10.441 15.852  -3.967  1.00 43.19 ? 51  LYS A CB  1 
ATOM   422  C  CG  . LYS A 1 51  ? -11.010 15.786  -5.390  1.00 53.14 ? 51  LYS A CG  1 
ATOM   423  C  CD  . LYS A 1 51  ? -10.947 17.156  -6.088  1.00 54.58 ? 51  LYS A CD  1 
ATOM   424  C  CE  . LYS A 1 51  ? -12.130 17.428  -6.974  1.00 61.84 ? 51  LYS A CE  1 
ATOM   425  N  NZ  . LYS A 1 51  ? -12.147 18.873  -7.372  1.00 69.83 ? 51  LYS A NZ  1 
ATOM   426  N  N   . PHE A 1 52  ? -8.004  15.870  -1.744  1.00 48.62 ? 52  PHE A N   1 
ATOM   427  C  CA  . PHE A 1 52  ? -7.760  16.034  -0.314  1.00 44.80 ? 52  PHE A CA  1 
ATOM   428  C  C   . PHE A 1 52  ? -6.375  16.568  0.033   1.00 45.42 ? 52  PHE A C   1 
ATOM   429  O  O   . PHE A 1 52  ? -6.168  16.986  1.175   1.00 46.81 ? 52  PHE A O   1 
ATOM   430  C  CB  . PHE A 1 52  ? -7.977  14.709  0.409   1.00 45.42 ? 52  PHE A CB  1 
ATOM   431  C  CG  . PHE A 1 52  ? -9.391  14.244  0.404   1.00 48.71 ? 52  PHE A CG  1 
ATOM   432  C  CD1 . PHE A 1 52  ? -10.318 14.812  1.246   1.00 50.58 ? 52  PHE A CD1 1 
ATOM   433  C  CD2 . PHE A 1 52  ? -9.786  13.225  -0.436  1.00 44.77 ? 52  PHE A CD2 1 
ATOM   434  C  CE1 . PHE A 1 52  ? -11.628 14.376  1.252   1.00 48.88 ? 52  PHE A CE1 1 
ATOM   435  C  CE2 . PHE A 1 52  ? -11.064 12.782  -0.441  1.00 39.70 ? 52  PHE A CE2 1 
ATOM   436  C  CZ  . PHE A 1 52  ? -12.011 13.366  0.407   1.00 50.92 ? 52  PHE A CZ  1 
ATOM   437  N  N   . GLY A 1 53  ? -5.422  16.549  -0.896  1.00 48.28 ? 53  GLY A N   1 
ATOM   438  C  CA  . GLY A 1 53  ? -4.092  17.075  -0.644  1.00 44.83 ? 53  GLY A CA  1 
ATOM   439  C  C   . GLY A 1 53  ? -3.180  16.132  0.120   1.00 44.70 ? 53  GLY A C   1 
ATOM   440  O  O   . GLY A 1 53  ? -1.990  16.000  -0.194  1.00 46.34 ? 53  GLY A O   1 
ATOM   441  N  N   . GLU A 1 54  ? -3.726  15.478  1.139   1.00 44.46 ? 54  GLU A N   1 
ATOM   442  C  CA  . GLU A 1 54  ? -2.972  14.535  1.952   1.00 44.97 ? 54  GLU A CA  1 
ATOM   443  C  C   . GLU A 1 54  ? -3.890  13.379  2.334   1.00 45.28 ? 54  GLU A C   1 
ATOM   444  O  O   . GLU A 1 54  ? -5.024  13.602  2.759   1.00 43.94 ? 54  GLU A O   1 
ATOM   445  C  CB  . GLU A 1 54  ? -2.417  15.252  3.183   1.00 45.47 ? 54  GLU A CB  1 
ATOM   446  C  CG  . GLU A 1 54  ? -1.682  14.355  4.140   1.00 55.61 ? 54  GLU A CG  1 
ATOM   447  C  CD  . GLU A 1 54  ? -0.961  15.101  5.278   1.00 61.29 ? 54  GLU A CD  1 
ATOM   448  O  OE1 . GLU A 1 54  ? -0.376  16.183  5.040   1.00 62.29 ? 54  GLU A OE1 1 
ATOM   449  O  OE2 . GLU A 1 54  ? -0.982  14.583  6.419   1.00 61.67 ? 54  GLU A OE2 1 
ATOM   450  N  N   . LEU A 1 55  ? -3.440  12.148  2.140   1.00 39.31 ? 55  LEU A N   1 
ATOM   451  C  CA  . LEU A 1 55  ? -4.227  10.982  2.522   1.00 36.73 ? 55  LEU A CA  1 
ATOM   452  C  C   . LEU A 1 55  ? -3.566  10.262  3.689   1.00 39.53 ? 55  LEU A C   1 
ATOM   453  O  O   . LEU A 1 55  ? -2.340  10.310  3.859   1.00 39.69 ? 55  LEU A O   1 
ATOM   454  C  CB  . LEU A 1 55  ? -4.390  10.005  1.339   1.00 38.26 ? 55  LEU A CB  1 
ATOM   455  C  CG  . LEU A 1 55  ? -4.849  10.511  -0.017  1.00 42.29 ? 55  LEU A CG  1 
ATOM   456  C  CD1 . LEU A 1 55  ? -4.806  9.389   -1.015  1.00 39.05 ? 55  LEU A CD1 1 
ATOM   457  C  CD2 . LEU A 1 55  ? -6.268  11.076  0.067   1.00 39.11 ? 55  LEU A CD2 1 
ATOM   458  N  N   . LYS A 1 56  ? -4.387  9.610   4.508   1.00 34.21 ? 56  LYS A N   1 
ATOM   459  C  CA  . LYS A 1 56  ? -3.894  8.739   5.568   1.00 33.57 ? 56  LYS A CA  1 
ATOM   460  C  C   . LYS A 1 56  ? -3.997  7.272   5.128   1.00 35.71 ? 56  LYS A C   1 
ATOM   461  O  O   . LYS A 1 56  ? -5.074  6.812   4.720   1.00 32.04 ? 56  LYS A O   1 
ATOM   462  C  CB  . LYS A 1 56  ? -4.688  8.937   6.861   1.00 40.11 ? 56  LYS A CB  1 
ATOM   463  C  CG  . LYS A 1 56  ? -4.844  10.357  7.320   1.00 48.91 ? 56  LYS A CG  1 
ATOM   464  C  CD  . LYS A 1 56  ? -3.630  10.885  8.040   1.00 49.84 ? 56  LYS A CD  1 
ATOM   465  C  CE  . LYS A 1 56  ? -3.190  12.253  7.481   1.00 60.35 ? 56  LYS A CE  1 
ATOM   466  N  NZ  . LYS A 1 56  ? -4.212  13.322  7.612   1.00 63.67 ? 56  LYS A NZ  1 
ATOM   467  N  N   . ILE A 1 57  ? -2.890  6.538   5.227   1.00 33.70 ? 57  ILE A N   1 
ATOM   468  C  CA  . ILE A 1 57  ? -2.805  5.155   4.774   1.00 31.29 ? 57  ILE A CA  1 
ATOM   469  C  C   . ILE A 1 57  ? -2.609  4.258   5.979   1.00 32.03 ? 57  ILE A C   1 
ATOM   470  O  O   . ILE A 1 57  ? -1.640  4.414   6.738   1.00 32.42 ? 57  ILE A O   1 
ATOM   471  C  CB  . ILE A 1 57  ? -1.656  4.963   3.772   1.00 33.36 ? 57  ILE A CB  1 
ATOM   472  C  CG1 . ILE A 1 57  ? -1.728  5.996   2.653   1.00 27.70 ? 57  ILE A CG1 1 
ATOM   473  C  CG2 . ILE A 1 57  ? -1.642  3.525   3.224   1.00 33.14 ? 57  ILE A CG2 1 
ATOM   474  C  CD1 . ILE A 1 57  ? -2.918  5.947   1.792   1.00 33.60 ? 57  ILE A CD1 1 
ATOM   475  N  N   . ILE A 1 58  ? -3.511  3.334   6.170   1.00 28.38 ? 58  ILE A N   1 
ATOM   476  C  CA  . ILE A 1 58  ? -3.317  2.267   7.144   1.00 31.51 ? 58  ILE A CA  1 
ATOM   477  C  C   . ILE A 1 58  ? -2.810  1.026   6.422   1.00 31.79 ? 58  ILE A C   1 
ATOM   478  O  O   . ILE A 1 58  ? -3.313  0.661   5.355   1.00 31.46 ? 58  ILE A O   1 
ATOM   479  C  CB  . ILE A 1 58  ? -4.616  1.981   7.900   1.00 34.49 ? 58  ILE A CB  1 
ATOM   480  C  CG1 . ILE A 1 58  ? -5.017  3.209   8.733   1.00 34.54 ? 58  ILE A CG1 1 
ATOM   481  C  CG2 . ILE A 1 58  ? -4.431  0.785   8.769   1.00 28.70 ? 58  ILE A CG2 1 
ATOM   482  C  CD1 . ILE A 1 58  ? -6.332  2.970   9.489   1.00 38.49 ? 58  ILE A CD1 1 
ATOM   483  N  N   . HIS A 1 59  ? -1.820  0.366   7.011   1.00 28.09 ? 59  HIS A N   1 
ATOM   484  C  CA  . HIS A 1 59  ? -1.124  -0.764  6.395   1.00 30.00 ? 59  HIS A CA  1 
ATOM   485  C  C   . HIS A 1 59  ? -1.609  -2.068  7.020   1.00 29.42 ? 59  HIS A C   1 
ATOM   486  O  O   . HIS A 1 59  ? -1.521  -2.259  8.244   1.00 35.25 ? 59  HIS A O   1 
ATOM   487  C  CB  . HIS A 1 59  ? 0.397   -0.602  6.538   1.00 31.46 ? 59  HIS A CB  1 
ATOM   488  C  CG  . HIS A 1 59  ? 0.917   0.623   5.843   1.00 29.64 ? 59  HIS A CG  1 
ATOM   489  N  ND1 . HIS A 1 59  ? 1.222   0.638   4.500   1.00 29.30 ? 59  HIS A ND1 1 
ATOM   490  C  CD2 . HIS A 1 59  ? 1.127   1.886   6.290   1.00 31.76 ? 59  HIS A CD2 1 
ATOM   491  C  CE1 . HIS A 1 59  ? 1.616   1.853   4.153   1.00 29.80 ? 59  HIS A CE1 1 
ATOM   492  N  NE2 . HIS A 1 59  ? 1.552   2.633   5.219   1.00 29.74 ? 59  HIS A NE2 1 
ATOM   493  N  N   . TYR A 1 60  ? -2.136  -2.945  6.180   1.00 33.53 ? 60  TYR A N   1 
ATOM   494  C  CA  . TYR A 1 60  ? -2.705  -4.222  6.592   1.00 29.86 ? 60  TYR A CA  1 
ATOM   495  C  C   . TYR A 1 60  ? -1.859  -5.366  6.042   1.00 34.11 ? 60  TYR A C   1 
ATOM   496  O  O   . TYR A 1 60  ? -1.375  -5.310  4.903   1.00 31.57 ? 60  TYR A O   1 
ATOM   497  C  CB  . TYR A 1 60  ? -4.156  -4.335  6.064   1.00 34.79 ? 60  TYR A CB  1 
ATOM   498  C  CG  . TYR A 1 60  ? -4.793  -5.694  6.234   1.00 33.22 ? 60  TYR A CG  1 
ATOM   499  C  CD1 . TYR A 1 60  ? -5.385  -6.059  7.430   1.00 37.49 ? 60  TYR A CD1 1 
ATOM   500  C  CD2 . TYR A 1 60  ? -4.816  -6.601  5.196   1.00 37.25 ? 60  TYR A CD2 1 
ATOM   501  C  CE1 . TYR A 1 60  ? -5.984  -7.285  7.588   1.00 39.27 ? 60  TYR A CE1 1 
ATOM   502  C  CE2 . TYR A 1 60  ? -5.415  -7.832  5.341   1.00 43.90 ? 60  TYR A CE2 1 
ATOM   503  C  CZ  . TYR A 1 60  ? -5.981  -8.174  6.546   1.00 39.26 ? 60  TYR A CZ  1 
ATOM   504  O  OH  . TYR A 1 60  ? -6.561  -9.405  6.703   1.00 48.97 ? 60  TYR A OH  1 
ATOM   505  N  N   . ILE A 1 61  ? -1.763  -6.430  6.828   1.00 30.85 ? 61  ILE A N   1 
ATOM   506  C  CA  . ILE A 1 61  ? -0.961  -7.596  6.522   1.00 37.97 ? 61  ILE A CA  1 
ATOM   507  C  C   . ILE A 1 61  ? -1.906  -8.783  6.464   1.00 30.20 ? 61  ILE A C   1 
ATOM   508  O  O   . ILE A 1 61  ? -2.603  -9.059  7.442   1.00 37.75 ? 61  ILE A O   1 
ATOM   509  C  CB  . ILE A 1 61  ? 0.112   -7.810  7.607   1.00 39.74 ? 61  ILE A CB  1 
ATOM   510  C  CG1 . ILE A 1 61  ? 0.909   -6.528  7.843   1.00 38.42 ? 61  ILE A CG1 1 
ATOM   511  C  CG2 . ILE A 1 61  ? 1.010   -8.906  7.246   1.00 48.01 ? 61  ILE A CG2 1 
ATOM   512  C  CD1 . ILE A 1 61  ? 1.744   -6.052  6.686   1.00 42.25 ? 61  ILE A CD1 1 
ATOM   513  N  N   . GLY A 1 62  ? -1.939  -9.483  5.330   1.00 36.73 ? 62  GLY A N   1 
ATOM   514  C  CA  . GLY A 1 62  ? -2.711  -10.716 5.243   1.00 44.09 ? 62  GLY A CA  1 
ATOM   515  C  C   . GLY A 1 62  ? -2.027  -11.881 5.970   1.00 46.33 ? 62  GLY A C   1 
ATOM   516  O  O   . GLY A 1 62  ? -0.851  -11.839 6.316   1.00 44.50 ? 62  GLY A O   1 
ATOM   517  N  N   . SER A 1 63  ? -2.785  -12.962 6.183   1.00 49.37 ? 63  SER A N   1 
ATOM   518  C  CA  . SER A 1 63  ? -2.264  -14.093 6.956   1.00 51.32 ? 63  SER A CA  1 
ATOM   519  C  C   . SER A 1 63  ? -1.019  -14.701 6.316   1.00 54.77 ? 63  SER A C   1 
ATOM   520  O  O   . SER A 1 63  ? -0.098  -15.127 7.021   1.00 57.28 ? 63  SER A O   1 
ATOM   521  C  CB  . SER A 1 63  ? -3.339  -15.166 7.115   1.00 53.94 ? 63  SER A CB  1 
ATOM   522  O  OG  . SER A 1 63  ? -4.112  -15.282 5.940   1.00 59.70 ? 63  SER A OG  1 
ATOM   523  N  N   . ARG A 1 64  ? -0.963  -14.748 4.983   1.00 49.07 ? 64  ARG A N   1 
ATOM   524  C  CA  . ARG A 1 64  ? 0.217   -15.308 4.340   1.00 48.90 ? 64  ARG A CA  1 
ATOM   525  C  C   . ARG A 1 64  ? 1.424   -14.386 4.419   1.00 49.84 ? 64  ARG A C   1 
ATOM   526  O  O   . ARG A 1 64  ? 2.539   -14.836 4.154   1.00 49.71 ? 64  ARG A O   1 
ATOM   527  C  CB  . ARG A 1 64  ? -0.087  -15.629 2.874   1.00 45.17 ? 64  ARG A CB  1 
ATOM   528  C  CG  . ARG A 1 64  ? -1.212  -16.612 2.723   1.00 52.75 ? 64  ARG A CG  1 
ATOM   529  C  CD  . ARG A 1 64  ? -1.140  -17.366 1.403   1.00 51.98 ? 64  ARG A CD  1 
ATOM   530  N  NE  . ARG A 1 64  ? -0.866  -16.487 0.272   1.00 53.78 ? 64  ARG A NE  1 
ATOM   531  C  CZ  . ARG A 1 64  ? -1.785  -15.759 -0.353  1.00 49.04 ? 64  ARG A CZ  1 
ATOM   532  N  NH1 . ARG A 1 64  ? -3.047  -15.772 0.056   1.00 46.37 ? 64  ARG A NH1 1 
ATOM   533  N  NH2 . ARG A 1 64  ? -1.436  -15.009 -1.388  1.00 47.25 ? 64  ARG A NH2 1 
ATOM   534  N  N   . ALA A 1 65  ? 1.239   -13.103 4.739   1.00 45.61 ? 65  ALA A N   1 
ATOM   535  C  CA  . ALA A 1 65  ? 2.358   -12.173 4.659   1.00 47.25 ? 65  ALA A CA  1 
ATOM   536  C  C   . ALA A 1 65  ? 3.290   -12.271 5.860   1.00 53.66 ? 65  ALA A C   1 
ATOM   537  O  O   . ALA A 1 65  ? 4.448   -11.839 5.772   1.00 57.49 ? 65  ALA A O   1 
ATOM   538  C  CB  . ALA A 1 65  ? 1.838   -10.745 4.520   1.00 44.43 ? 65  ALA A CB  1 
ATOM   539  N  N   . SER A 1 66  ? 2.807   -12.829 6.965   1.00 51.59 ? 66  SER A N   1 
ATOM   540  C  CA  . SER A 1 66  ? 3.550   -12.934 8.206   1.00 61.62 ? 66  SER A CA  1 
ATOM   541  C  C   . SER A 1 66  ? 2.889   -14.003 9.056   1.00 64.16 ? 66  SER A C   1 
ATOM   542  O  O   . SER A 1 66  ? 1.661   -14.086 9.119   1.00 66.02 ? 66  SER A O   1 
ATOM   543  C  CB  . SER A 1 66  ? 3.577   -11.606 8.971   1.00 65.44 ? 66  SER A CB  1 
ATOM   544  O  OG  . SER A 1 66  ? 4.020   -11.787 10.307  1.00 67.37 ? 66  SER A OG  1 
ATOM   545  N  N   . HIS A 1 67  ? 3.717   -14.800 9.724   1.00 77.95 ? 67  HIS A N   1 
ATOM   546  C  CA  . HIS A 1 67  ? 3.201   -15.853 10.600  1.00 83.57 ? 67  HIS A CA  1 
ATOM   547  C  C   . HIS A 1 67  ? 2.663   -15.301 11.917  1.00 81.38 ? 67  HIS A C   1 
ATOM   548  O  O   . HIS A 1 67  ? 1.723   -15.871 12.485  1.00 82.37 ? 67  HIS A O   1 
ATOM   549  C  CB  . HIS A 1 67  ? 4.296   -16.879 10.879  1.00 82.17 ? 67  HIS A CB  1 
ATOM   550  C  CG  . HIS A 1 67  ? 5.659   -16.275 10.987  1.00 92.28 ? 67  HIS A CG  1 
ATOM   551  N  ND1 . HIS A 1 67  ? 6.402   -15.923 9.881   1.00 95.33 ? 67  HIS A ND1 1 
ATOM   552  C  CD2 . HIS A 1 67  ? 6.399   -15.927 12.066  1.00 94.35 ? 67  HIS A CD2 1 
ATOM   553  C  CE1 . HIS A 1 67  ? 7.552   -15.401 10.274  1.00 96.46 ? 67  HIS A CE1 1 
ATOM   554  N  NE2 . HIS A 1 67  ? 7.575   -15.392 11.596  1.00 98.97 ? 67  HIS A NE2 1 
ATOM   555  N  N   . ASP A 1 68  ? 3.230   -14.196 12.406  1.00 77.44 ? 68  ASP A N   1 
ATOM   556  C  CA  . ASP A 1 68  ? 2.854   -13.634 13.700  1.00 79.79 ? 68  ASP A CA  1 
ATOM   557  C  C   . ASP A 1 68  ? 2.005   -12.377 13.592  1.00 70.65 ? 68  ASP A C   1 
ATOM   558  O  O   . ASP A 1 68  ? 1.237   -12.082 14.511  1.00 61.01 ? 68  ASP A O   1 
ATOM   559  C  CB  . ASP A 1 68  ? 4.108   -13.306 14.524  1.00 83.95 ? 68  ASP A CB  1 
ATOM   560  C  CG  . ASP A 1 68  ? 4.900   -14.552 14.920  1.00 89.58 ? 68  ASP A CG  1 
ATOM   561  O  OD1 . ASP A 1 68  ? 4.273   -15.596 15.225  1.00 87.61 ? 68  ASP A OD1 1 
ATOM   562  O  OD2 . ASP A 1 68  ? 6.151   -14.482 14.926  1.00 89.05 ? 68  ASP A OD2 1 
ATOM   563  N  N   . LEU A 1 69  ? 2.132   -11.626 12.503  1.00 61.92 ? 69  LEU A N   1 
ATOM   564  C  CA  . LEU A 1 69  ? 1.337   -10.426 12.299  1.00 60.64 ? 69  LEU A CA  1 
ATOM   565  C  C   . LEU A 1 69  ? 0.286   -10.607 11.206  1.00 66.11 ? 69  LEU A C   1 
ATOM   566  O  O   . LEU A 1 69  ? -0.261  -9.622  10.691  1.00 59.89 ? 69  LEU A O   1 
ATOM   567  C  CB  . LEU A 1 69  ? 2.271   -9.250  11.991  1.00 63.55 ? 69  LEU A CB  1 
ATOM   568  C  CG  . LEU A 1 69  ? 3.249   -8.909  13.129  1.00 61.65 ? 69  LEU A CG  1 
ATOM   569  C  CD1 . LEU A 1 69  ? 4.314   -7.901  12.688  1.00 59.99 ? 69  LEU A CD1 1 
ATOM   570  C  CD2 . LEU A 1 69  ? 2.503   -8.374  14.370  1.00 61.73 ? 69  LEU A CD2 1 
ATOM   571  N  N   . GLY A 1 70  ? -0.034  -11.854 10.861  1.00 64.89 ? 70  GLY A N   1 
ATOM   572  C  CA  . GLY A 1 70  ? -1.078  -12.087 9.879   1.00 58.35 ? 70  GLY A CA  1 
ATOM   573  C  C   . GLY A 1 70  ? -2.413  -11.507 10.319  1.00 46.20 ? 70  GLY A C   1 
ATOM   574  O  O   . GLY A 1 70  ? -2.763  -11.516 11.499  1.00 56.88 ? 70  GLY A O   1 
ATOM   575  N  N   . LYS A 1 71  ? -3.174  -11.008 9.353   1.00 52.58 ? 71  LYS A N   1 
ATOM   576  C  CA  . LYS A 1 71  ? -4.485  -10.411 9.604   1.00 46.01 ? 71  LYS A CA  1 
ATOM   577  C  C   . LYS A 1 71  ? -4.416  -9.367  10.717  1.00 34.90 ? 71  LYS A C   1 
ATOM   578  O  O   . LYS A 1 71  ? -5.103  -9.456  11.733  1.00 36.72 ? 71  LYS A O   1 
ATOM   579  C  CB  . LYS A 1 71  ? -5.518  -11.487 9.944   1.00 51.51 ? 71  LYS A CB  1 
ATOM   580  C  CG  . LYS A 1 71  ? -5.944  -12.344 8.760   1.00 54.37 ? 71  LYS A CG  1 
ATOM   581  C  CD  . LYS A 1 71  ? -6.945  -13.416 9.171   1.00 62.76 ? 71  LYS A CD  1 
ATOM   582  C  CE  . LYS A 1 71  ? -7.966  -13.667 8.076   1.00 68.52 ? 71  LYS A CE  1 
ATOM   583  N  NZ  . LYS A 1 71  ? -8.756  -12.433 7.833   1.00 64.38 ? 71  LYS A NZ  1 
ATOM   584  N  N   . THR A 1 72  ? -3.577  -8.350  10.504  1.00 32.84 ? 72  THR A N   1 
ATOM   585  C  CA  . THR A 1 72  ? -3.482  -7.258  11.466  1.00 36.32 ? 72  THR A CA  1 
ATOM   586  C  C   . THR A 1 72  ? -3.157  -5.972  10.729  1.00 38.54 ? 72  THR A C   1 
ATOM   587  O  O   . THR A 1 72  ? -2.537  -5.979  9.659   1.00 33.78 ? 72  THR A O   1 
ATOM   588  C  CB  . THR A 1 72  ? -2.425  -7.539  12.580  1.00 46.45 ? 72  THR A CB  1 
ATOM   589  O  OG1 . THR A 1 72  ? -1.142  -7.059  12.187  1.00 49.29 ? 72  THR A OG1 1 
ATOM   590  C  CG2 . THR A 1 72  ? -2.301  -9.011  12.822  1.00 44.60 ? 72  THR A CG2 1 
ATOM   591  N  N   . PHE A 1 73  ? -3.607  -4.867  11.307  1.00 35.71 ? 73  PHE A N   1 
ATOM   592  C  CA  . PHE A 1 73  ? -3.209  -3.548  10.858  1.00 35.55 ? 73  PHE A CA  1 
ATOM   593  C  C   . PHE A 1 73  ? -2.002  -3.159  11.697  1.00 34.36 ? 73  PHE A C   1 
ATOM   594  O  O   . PHE A 1 73  ? -2.096  -3.117  12.925  1.00 33.94 ? 73  PHE A O   1 
ATOM   595  C  CB  . PHE A 1 73  ? -4.360  -2.552  11.011  1.00 32.85 ? 73  PHE A CB  1 
ATOM   596  C  CG  . PHE A 1 73  ? -5.605  -2.978  10.295  1.00 30.79 ? 73  PHE A CG  1 
ATOM   597  C  CD1 . PHE A 1 73  ? -6.521  -3.796  10.917  1.00 35.37 ? 73  PHE A CD1 1 
ATOM   598  C  CD2 . PHE A 1 73  ? -5.839  -2.585  9.005   1.00 33.49 ? 73  PHE A CD2 1 
ATOM   599  C  CE1 . PHE A 1 73  ? -7.672  -4.215  10.269  1.00 37.26 ? 73  PHE A CE1 1 
ATOM   600  C  CE2 . PHE A 1 73  ? -7.013  -2.994  8.332   1.00 34.04 ? 73  PHE A CE2 1 
ATOM   601  C  CZ  . PHE A 1 73  ? -7.900  -3.824  8.964   1.00 32.72 ? 73  PHE A CZ  1 
ATOM   602  N  N   . ILE A 1 74  ? -0.880  -2.871  11.051  1.00 31.82 ? 74  ILE A N   1 
ATOM   603  C  CA  . ILE A 1 74  ? 0.363   -2.703  11.794  1.00 38.84 ? 74  ILE A CA  1 
ATOM   604  C  C   . ILE A 1 74  ? 0.786   -1.247  11.985  1.00 38.01 ? 74  ILE A C   1 
ATOM   605  O  O   . ILE A 1 74  ? 1.594   -0.963  12.877  1.00 40.71 ? 74  ILE A O   1 
ATOM   606  C  CB  . ILE A 1 74  ? 1.523   -3.507  11.153  1.00 36.26 ? 74  ILE A CB  1 
ATOM   607  C  CG1 . ILE A 1 74  ? 1.853   -2.998  9.742   1.00 41.02 ? 74  ILE A CG1 1 
ATOM   608  C  CG2 . ILE A 1 74  ? 1.214   -5.023  11.198  1.00 39.34 ? 74  ILE A CG2 1 
ATOM   609  C  CD1 . ILE A 1 74  ? 3.180   -3.597  9.223   1.00 42.07 ? 74  ILE A CD1 1 
ATOM   610  N  N   . GLY A 1 75  ? 0.291   -0.327  11.174  1.00 36.23 ? 75  GLY A N   1 
ATOM   611  C  CA  . GLY A 1 75  ? 0.707   1.057   11.318  1.00 31.51 ? 75  GLY A CA  1 
ATOM   612  C  C   . GLY A 1 75  ? 0.046   1.915   10.270  1.00 31.74 ? 75  GLY A C   1 
ATOM   613  O  O   . GLY A 1 75  ? -0.771  1.432   9.472   1.00 31.55 ? 75  GLY A O   1 
ATOM   614  N  N   . GLU A 1 76  ? 0.428   3.190   10.257  1.00 32.83 ? 76  GLU A N   1 
ATOM   615  C  CA  . GLU A 1 76  ? -0.138  4.099   9.276   1.00 37.16 ? 76  GLU A CA  1 
ATOM   616  C  C   . GLU A 1 76  ? 0.887   5.128   8.848   1.00 34.29 ? 76  GLU A C   1 
ATOM   617  O  O   . GLU A 1 76  ? 1.904   5.326   9.504   1.00 35.10 ? 76  GLU A O   1 
ATOM   618  C  CB  . GLU A 1 76  ? -1.402  4.777   9.824   1.00 37.42 ? 76  GLU A CB  1 
ATOM   619  C  CG  . GLU A 1 76  ? -1.252  5.469   11.167  1.00 43.56 ? 76  GLU A CG  1 
ATOM   620  C  CD  . GLU A 1 76  ? -2.522  6.211   11.536  1.00 45.60 ? 76  GLU A CD  1 
ATOM   621  O  OE1 . GLU A 1 76  ? -2.685  7.356   11.040  1.00 43.12 ? 76  GLU A OE1 1 
ATOM   622  O  OE2 . GLU A 1 76  ? -3.355  5.617   12.261  1.00 40.63 ? 76  GLU A OE2 1 
ATOM   623  N  N   . SER A 1 77  ? 0.621   5.753   7.708   1.00 31.03 ? 77  SER A N   1 
ATOM   624  C  CA  . SER A 1 77  ? 1.513   6.737   7.122   1.00 36.63 ? 77  SER A CA  1 
ATOM   625  C  C   . SER A 1 77  ? 0.682   7.778   6.393   1.00 36.26 ? 77  SER A C   1 
ATOM   626  O  O   . SER A 1 77  ? -0.551  7.728   6.394   1.00 36.75 ? 77  SER A O   1 
ATOM   627  C  CB  . SER A 1 77  ? 2.515   6.085   6.167   1.00 33.89 ? 77  SER A CB  1 
ATOM   628  O  OG  . SER A 1 77  ? 1.816   5.477   5.119   1.00 39.27 ? 77  SER A OG  1 
ATOM   629  N  N   . VAL A 1 78  ? 1.368   8.673   5.692   1.00 34.58 ? 78  VAL A N   1 
ATOM   630  C  CA  . VAL A 1 78  ? 0.755   9.825   5.045   1.00 41.43 ? 78  VAL A CA  1 
ATOM   631  C  C   . VAL A 1 78  ? 1.214   9.857   3.593   1.00 38.91 ? 78  VAL A C   1 
ATOM   632  O  O   . VAL A 1 78  ? 2.399   9.669   3.300   1.00 39.15 ? 78  VAL A O   1 
ATOM   633  C  CB  . VAL A 1 78  ? 1.124   11.143  5.769   1.00 48.22 ? 78  VAL A CB  1 
ATOM   634  C  CG1 . VAL A 1 78  ? 0.572   12.336  5.043   1.00 51.78 ? 78  VAL A CG1 1 
ATOM   635  C  CG2 . VAL A 1 78  ? 0.579   11.144  7.189   1.00 49.02 ? 78  VAL A CG2 1 
ATOM   636  N  N   . LEU A 1 79  ? 0.270   10.064  2.688   1.00 36.56 ? 79  LEU A N   1 
ATOM   637  C  CA  . LEU A 1 79  ? 0.539   10.212  1.263   1.00 37.84 ? 79  LEU A CA  1 
ATOM   638  C  C   . LEU A 1 79  ? 0.192   11.648  0.871   1.00 42.17 ? 79  LEU A C   1 
ATOM   639  O  O   . LEU A 1 79  ? -0.989  11.998  0.776   1.00 41.10 ? 79  LEU A O   1 
ATOM   640  C  CB  . LEU A 1 79  ? -0.285  9.191   0.475   1.00 36.66 ? 79  LEU A CB  1 
ATOM   641  C  CG  . LEU A 1 79  ? -0.407  9.381   -1.033  1.00 40.69 ? 79  LEU A CG  1 
ATOM   642  C  CD1 . LEU A 1 79  ? 0.871   9.555   -1.626  1.00 45.17 ? 79  LEU A CD1 1 
ATOM   643  C  CD2 . LEU A 1 79  ? -1.085  8.174   -1.682  1.00 46.84 ? 79  LEU A CD2 1 
ATOM   644  N  N   . SER A 1 80  ? 1.213   12.466  0.625   1.00 43.28 ? 80  SER A N   1 
ATOM   645  C  CA  . SER A 1 80  ? 1.052   13.908  0.468   1.00 45.09 ? 80  SER A CA  1 
ATOM   646  C  C   . SER A 1 80  ? 1.447   14.343  -0.932  1.00 43.56 ? 80  SER A C   1 
ATOM   647  O  O   . SER A 1 80  ? 2.339   13.764  -1.549  1.00 43.67 ? 80  SER A O   1 
ATOM   648  C  CB  . SER A 1 80  ? 1.905   14.686  1.466   1.00 44.83 ? 80  SER A CB  1 
ATOM   649  O  OG  . SER A 1 80  ? 3.251   14.754  1.015   1.00 51.64 ? 80  SER A OG  1 
ATOM   650  N  N   . LYS A 1 81  ? 0.768   15.383  -1.428  1.00 44.24 ? 81  LYS A N   1 
ATOM   651  C  CA  . LYS A 1 81  ? 1.071   15.902  -2.753  1.00 48.95 ? 81  LYS A CA  1 
ATOM   652  C  C   . LYS A 1 81  ? 2.470   16.488  -2.806  1.00 49.43 ? 81  LYS A C   1 
ATOM   653  O  O   . LYS A 1 81  ? 3.160   16.361  -3.825  1.00 49.52 ? 81  LYS A O   1 
ATOM   654  C  CB  . LYS A 1 81  ? 0.016   16.944  -3.152  1.00 58.63 ? 81  LYS A CB  1 
ATOM   655  C  CG  . LYS A 1 81  ? -0.207  17.063  -4.671  1.00 55.33 ? 81  LYS A CG  1 
ATOM   656  C  CD  . LYS A 1 81  ? -1.308  18.073  -5.023  1.00 71.58 ? 81  LYS A CD  1 
ATOM   657  C  CE  . LYS A 1 81  ? -2.712  17.627  -4.586  1.00 60.49 ? 81  LYS A CE  1 
ATOM   658  N  NZ  . LYS A 1 81  ? -3.752  18.636  -4.993  1.00 67.67 ? 81  LYS A NZ  1 
ATOM   659  N  N   . GLU A 1 82  ? 2.905   17.105  -1.703  1.00 46.88 ? 82  GLU A N   1 
ATOM   660  C  CA  . GLU A 1 82  ? 4.255   17.644  -1.602  1.00 51.69 ? 82  GLU A CA  1 
ATOM   661  C  C   . GLU A 1 82  ? 5.317   16.562  -1.806  1.00 57.63 ? 82  GLU A C   1 
ATOM   662  O  O   . GLU A 1 82  ? 6.336   16.799  -2.466  1.00 58.48 ? 82  GLU A O   1 
ATOM   663  C  CB  . GLU A 1 82  ? 4.407   18.320  -0.239  1.00 55.18 ? 82  GLU A CB  1 
ATOM   664  C  CG  . GLU A 1 82  ? 5.810   18.740  0.127   1.00 68.40 ? 82  GLU A CG  1 
ATOM   665  C  CD  . GLU A 1 82  ? 6.154   18.377  1.567   1.00 76.79 ? 82  GLU A CD  1 
ATOM   666  O  OE1 . GLU A 1 82  ? 5.437   18.832  2.491   1.00 89.35 ? 82  GLU A OE1 1 
ATOM   667  O  OE2 . GLU A 1 82  ? 7.126   17.618  1.776   1.00 72.85 ? 82  GLU A OE2 1 
ATOM   668  N  N   . ASN A 1 83  ? 5.112   15.369  -1.250  1.00 51.04 ? 83  ASN A N   1 
ATOM   669  C  CA  . ASN A 1 83  ? 6.042   14.283  -1.528  1.00 47.72 ? 83  ASN A CA  1 
ATOM   670  C  C   . ASN A 1 83  ? 5.787   13.622  -2.879  1.00 45.02 ? 83  ASN A C   1 
ATOM   671  O  O   . ASN A 1 83  ? 6.506   12.682  -3.248  1.00 46.88 ? 83  ASN A O   1 
ATOM   672  C  CB  . ASN A 1 83  ? 5.983   13.228  -0.413  1.00 52.74 ? 83  ASN A CB  1 
ATOM   673  C  CG  . ASN A 1 83  ? 6.391   13.773  0.968   1.00 56.99 ? 83  ASN A CG  1 
ATOM   674  O  OD1 . ASN A 1 83  ? 5.813   13.399  1.998   1.00 53.00 ? 83  ASN A OD1 1 
ATOM   675  N  ND2 . ASN A 1 83  ? 7.406   14.627  0.996   1.00 59.21 ? 83  ASN A ND2 1 
ATOM   676  N  N   . ASN A 1 84  ? 4.807   14.094  -3.642  1.00 49.20 ? 84  ASN A N   1 
ATOM   677  C  CA  . ASN A 1 84  ? 4.373   13.402  -4.849  1.00 51.81 ? 84  ASN A CA  1 
ATOM   678  C  C   . ASN A 1 84  ? 3.967   14.411  -5.917  1.00 53.74 ? 84  ASN A C   1 
ATOM   679  O  O   . ASN A 1 84  ? 2.952   14.241  -6.599  1.00 50.25 ? 84  ASN A O   1 
ATOM   680  C  CB  . ASN A 1 84  ? 3.210   12.449  -4.554  1.00 48.44 ? 84  ASN A CB  1 
ATOM   681  C  CG  . ASN A 1 84  ? 3.637   11.240  -3.774  1.00 42.33 ? 84  ASN A CG  1 
ATOM   682  O  OD1 . ASN A 1 84  ? 4.183   10.297  -4.342  1.00 45.26 ? 84  ASN A OD1 1 
ATOM   683  N  ND2 . ASN A 1 84  ? 3.370   11.238  -2.472  1.00 36.98 ? 84  ASN A ND2 1 
ATOM   684  N  N   . LYS A 1 85  ? 4.775   15.461  -6.089  1.00 57.29 ? 85  LYS A N   1 
ATOM   685  C  CA  . LYS A 1 85  ? 4.397   16.562  -6.976  1.00 66.17 ? 85  LYS A CA  1 
ATOM   686  C  C   . LYS A 1 85  ? 4.166   16.074  -8.401  1.00 65.21 ? 85  LYS A C   1 
ATOM   687  O  O   . LYS A 1 85  ? 3.116   16.342  -8.992  1.00 64.09 ? 85  LYS A O   1 
ATOM   688  C  CB  . LYS A 1 85  ? 5.469   17.659  -6.955  1.00 59.01 ? 85  LYS A CB  1 
ATOM   689  C  CG  . LYS A 1 85  ? 5.869   18.136  -5.551  1.00 61.75 ? 85  LYS A CG  1 
ATOM   690  C  CD  . LYS A 1 85  ? 6.287   19.613  -5.551  1.00 65.28 ? 85  LYS A CD  1 
ATOM   691  C  CE  . LYS A 1 85  ? 6.347   20.176  -4.141  1.00 58.42 ? 85  LYS A CE  1 
ATOM   692  N  NZ  . LYS A 1 85  ? 7.369   19.433  -3.335  1.00 55.82 ? 85  LYS A NZ  1 
ATOM   693  N  N   . ILE A 1 86  ? 5.138   15.366  -8.974  1.00 65.88 ? 86  ILE A N   1 
ATOM   694  C  CA  . ILE A 1 86  ? 5.028   14.845  -10.333 1.00 68.29 ? 86  ILE A CA  1 
ATOM   695  C  C   . ILE A 1 86  ? 4.652   13.368  -10.263 1.00 72.45 ? 86  ILE A C   1 
ATOM   696  O  O   . ILE A 1 86  ? 5.405   12.547  -9.718  1.00 69.49 ? 86  ILE A O   1 
ATOM   697  C  CB  . ILE A 1 86  ? 6.333   15.036  -11.127 1.00 75.58 ? 86  ILE A CB  1 
ATOM   698  C  CG1 . ILE A 1 86  ? 7.041   16.335  -10.716 1.00 80.29 ? 86  ILE A CG1 1 
ATOM   699  C  CG2 . ILE A 1 86  ? 6.037   15.015  -12.639 1.00 73.25 ? 86  ILE A CG2 1 
ATOM   700  C  CD1 . ILE A 1 86  ? 8.221   16.730  -11.612 1.00 78.54 ? 86  ILE A CD1 1 
ATOM   701  N  N   . VAL A 1 87  ? 3.485   13.026  -10.812 1.00 76.86 ? 87  VAL A N   1 
ATOM   702  C  CA  . VAL A 1 87  ? 3.122   11.623  -10.977 1.00 75.15 ? 87  VAL A CA  1 
ATOM   703  C  C   . VAL A 1 87  ? 3.948   11.093  -12.137 1.00 69.69 ? 87  VAL A C   1 
ATOM   704  O  O   . VAL A 1 87  ? 3.933   11.659  -13.235 1.00 74.24 ? 87  VAL A O   1 
ATOM   705  C  CB  . VAL A 1 87  ? 1.609   11.432  -11.213 1.00 87.46 ? 87  VAL A CB  1 
ATOM   706  C  CG1 . VAL A 1 87  ? 1.196   11.666  -12.691 1.00 81.51 ? 87  VAL A CG1 1 
ATOM   707  C  CG2 . VAL A 1 87  ? 1.140   10.028  -10.723 1.00 73.70 ? 87  VAL A CG2 1 
ATOM   708  N  N   . LYS A 1 88  ? 4.729   10.060  -11.868 1.00 69.69 ? 88  LYS A N   1 
ATOM   709  C  CA  . LYS A 1 88  ? 5.552   9.404   -12.867 1.00 63.82 ? 88  LYS A CA  1 
ATOM   710  C  C   . LYS A 1 88  ? 5.163   7.933   -12.906 1.00 56.18 ? 88  LYS A C   1 
ATOM   711  O  O   . LYS A 1 88  ? 4.815   7.348   -11.871 1.00 56.00 ? 88  LYS A O   1 
ATOM   712  C  CB  . LYS A 1 88  ? 7.040   9.570   -12.541 1.00 58.97 ? 88  LYS A CB  1 
ATOM   713  C  CG  . LYS A 1 88  ? 7.966   9.275   -13.690 1.00 58.68 ? 88  LYS A CG  1 
ATOM   714  C  CD  . LYS A 1 88  ? 9.419   9.280   -13.200 1.00 62.00 ? 88  LYS A CD  1 
ATOM   715  C  CE  . LYS A 1 88  ? 10.409  8.780   -14.253 1.00 61.33 ? 88  LYS A CE  1 
ATOM   716  N  NZ  . LYS A 1 88  ? 9.852   7.660   -15.087 1.00 65.47 ? 88  LYS A NZ  1 
ATOM   717  N  N   . GLU A 1 89  ? 5.181   7.356   -14.102 1.00 48.34 ? 89  GLU A N   1 
ATOM   718  C  CA  . GLU A 1 89  ? 4.939   5.935   -14.289 1.00 50.57 ? 89  GLU A CA  1 
ATOM   719  C  C   . GLU A 1 89  ? 6.203   5.266   -14.834 1.00 53.02 ? 89  GLU A C   1 
ATOM   720  O  O   . GLU A 1 89  ? 7.114   5.930   -15.343 1.00 51.34 ? 89  GLU A O   1 
ATOM   721  C  CB  . GLU A 1 89  ? 3.708   5.730   -15.181 1.00 49.02 ? 89  GLU A CB  1 
ATOM   722  C  CG  . GLU A 1 89  ? 2.454   6.286   -14.452 1.00 55.55 ? 89  GLU A CG  1 
ATOM   723  C  CD  . GLU A 1 89  ? 1.169   6.247   -15.287 1.00 48.50 ? 89  GLU A CD  1 
ATOM   724  O  OE1 . GLU A 1 89  ? 1.216   5.759   -16.441 1.00 59.60 ? 89  GLU A OE1 1 
ATOM   725  O  OE2 . GLU A 1 89  ? 0.103   6.694   -14.774 1.00 52.07 ? 89  GLU A OE2 1 
ATOM   726  N  N   . TYR A 1 90  ? 6.286   3.942   -14.670 1.00 50.63 ? 90  TYR A N   1 
ATOM   727  C  CA  . TYR A 1 90  ? 7.565   3.238   -14.735 1.00 42.36 ? 90  TYR A CA  1 
ATOM   728  C  C   . TYR A 1 90  ? 7.422   1.887   -15.411 1.00 41.09 ? 90  TYR A C   1 
ATOM   729  O  O   . TYR A 1 90  ? 6.381   1.228   -15.313 1.00 40.92 ? 90  TYR A O   1 
ATOM   730  C  CB  . TYR A 1 90  ? 8.143   2.981   -13.353 1.00 43.87 ? 90  TYR A CB  1 
ATOM   731  C  CG  . TYR A 1 90  ? 8.439   4.205   -12.544 1.00 44.96 ? 90  TYR A CG  1 
ATOM   732  C  CD1 . TYR A 1 90  ? 7.457   4.805   -11.759 1.00 50.76 ? 90  TYR A CD1 1 
ATOM   733  C  CD2 . TYR A 1 90  ? 9.703   4.760   -12.546 1.00 45.33 ? 90  TYR A CD2 1 
ATOM   734  C  CE1 . TYR A 1 90  ? 7.744   5.931   -10.999 1.00 46.94 ? 90  TYR A CE1 1 
ATOM   735  C  CE2 . TYR A 1 90  ? 9.991   5.883   -11.798 1.00 47.58 ? 90  TYR A CE2 1 
ATOM   736  C  CZ  . TYR A 1 90  ? 9.019   6.453   -11.024 1.00 46.35 ? 90  TYR A CZ  1 
ATOM   737  O  OH  . TYR A 1 90  ? 9.330   7.566   -10.290 1.00 50.71 ? 90  TYR A OH  1 
ATOM   738  N  N   . SER A 1 91  ? 8.495   1.452   -16.064 1.00 40.96 ? 91  SER A N   1 
ATOM   739  C  CA  . SER A 1 91  ? 8.582   0.036   -16.381 1.00 38.98 ? 91  SER A CA  1 
ATOM   740  C  C   . SER A 1 91  ? 9.079   -0.728  -15.153 1.00 33.68 ? 91  SER A C   1 
ATOM   741  O  O   . SER A 1 91  ? 9.414   -0.150  -14.129 1.00 38.60 ? 91  SER A O   1 
ATOM   742  C  CB  . SER A 1 91  ? 9.511   -0.208  -17.564 1.00 42.71 ? 91  SER A CB  1 
ATOM   743  O  OG  . SER A 1 91  ? 10.835  0.060   -17.196 1.00 44.12 ? 91  SER A OG  1 
ATOM   744  N  N   . TRP A 1 92  ? 9.087   -2.052  -15.266 1.00 38.47 ? 92  TRP A N   1 
ATOM   745  C  CA  . TRP A 1 92  ? 9.503   -2.904  -14.152 1.00 36.58 ? 92  TRP A CA  1 
ATOM   746  C  C   . TRP A 1 92  ? 10.975  -2.715  -13.823 1.00 41.02 ? 92  TRP A C   1 
ATOM   747  O  O   . TRP A 1 92  ? 11.308  -2.520  -12.638 1.00 37.03 ? 92  TRP A O   1 
ATOM   748  C  CB  . TRP A 1 92  ? 9.157   -4.352  -14.510 1.00 41.56 ? 92  TRP A CB  1 
ATOM   749  C  CG  . TRP A 1 92  ? 9.720   -5.413  -13.615 1.00 42.95 ? 92  TRP A CG  1 
ATOM   750  C  CD1 . TRP A 1 92  ? 10.545  -6.442  -13.980 1.00 41.91 ? 92  TRP A CD1 1 
ATOM   751  C  CD2 . TRP A 1 92  ? 9.473   -5.576  -12.214 1.00 45.55 ? 92  TRP A CD2 1 
ATOM   752  N  NE1 . TRP A 1 92  ? 10.824  -7.238  -12.897 1.00 39.60 ? 92  TRP A NE1 1 
ATOM   753  C  CE2 . TRP A 1 92  ? 10.184  -6.730  -11.798 1.00 41.76 ? 92  TRP A CE2 1 
ATOM   754  C  CE3 . TRP A 1 92  ? 8.723   -4.859  -11.268 1.00 37.10 ? 92  TRP A CE3 1 
ATOM   755  C  CZ2 . TRP A 1 92  ? 10.165  -7.186  -10.495 1.00 36.85 ? 92  TRP A CZ2 1 
ATOM   756  C  CZ3 . TRP A 1 92  ? 8.710   -5.310  -9.965  1.00 52.19 ? 92  TRP A CZ3 1 
ATOM   757  C  CH2 . TRP A 1 92  ? 9.450   -6.463  -9.581  1.00 43.72 ? 92  TRP A CH2 1 
ATOM   758  N  N   . PRO A 1 93  ? 11.895  -2.712  -14.780 1.00 44.88 ? 93  PRO A N   1 
ATOM   759  C  CA  . PRO A 1 93  ? 13.294  -2.481  -14.401 1.00 41.59 ? 93  PRO A CA  1 
ATOM   760  C  C   . PRO A 1 93  ? 13.493  -1.118  -13.778 1.00 39.83 ? 93  PRO A C   1 
ATOM   761  O  O   . PRO A 1 93  ? 14.254  -0.985  -12.818 1.00 35.27 ? 93  PRO A O   1 
ATOM   762  C  CB  . PRO A 1 93  ? 14.055  -2.669  -15.722 1.00 45.85 ? 93  PRO A CB  1 
ATOM   763  C  CG  . PRO A 1 93  ? 13.129  -3.455  -16.598 1.00 48.73 ? 93  PRO A CG  1 
ATOM   764  C  CD  . PRO A 1 93  ? 11.749  -3.041  -16.212 1.00 42.14 ? 93  PRO A CD  1 
ATOM   765  N  N   . GLU A 1 94  ? 12.782  -0.103  -14.264 1.00 37.16 ? 94  GLU A N   1 
ATOM   766  C  CA  . GLU A 1 94  ? 12.939  1.250   -13.736 1.00 36.48 ? 94  GLU A CA  1 
ATOM   767  C  C   . GLU A 1 94  ? 12.456  1.334   -12.293 1.00 38.70 ? 94  GLU A C   1 
ATOM   768  O  O   . GLU A 1 94  ? 13.110  1.936   -11.441 1.00 40.69 ? 94  GLU A O   1 
ATOM   769  C  CB  . GLU A 1 94  ? 12.143  2.246   -14.599 1.00 45.28 ? 94  GLU A CB  1 
ATOM   770  C  CG  . GLU A 1 94  ? 12.693  2.513   -15.976 1.00 46.16 ? 94  GLU A CG  1 
ATOM   771  C  CD  . GLU A 1 94  ? 11.658  3.188   -16.903 1.00 53.21 ? 94  GLU A CD  1 
ATOM   772  O  OE1 . GLU A 1 94  ? 10.562  3.596   -16.444 1.00 48.03 ? 94  GLU A OE1 1 
ATOM   773  O  OE2 . GLU A 1 94  ? 11.946  3.290   -18.107 1.00 52.55 ? 94  GLU A OE2 1 
ATOM   774  N  N   . ILE A 1 95  ? 11.266  0.797   -12.007 1.00 43.22 ? 95  ILE A N   1 
ATOM   775  C  CA  . ILE A 1 95  ? 10.755  0.984   -10.652 1.00 38.88 ? 95  ILE A CA  1 
ATOM   776  C  C   . ILE A 1 95  ? 11.539  0.128   -9.660  1.00 34.03 ? 95  ILE A C   1 
ATOM   777  O  O   . ILE A 1 95  ? 11.728  0.531   -8.516  1.00 37.79 ? 95  ILE A O   1 
ATOM   778  C  CB  . ILE A 1 95  ? 9.239   0.718   -10.585 1.00 35.02 ? 95  ILE A CB  1 
ATOM   779  C  CG1 . ILE A 1 95  ? 8.662   1.332   -9.299  1.00 37.81 ? 95  ILE A CG1 1 
ATOM   780  C  CG2 . ILE A 1 95  ? 8.917   -0.767  -10.657 1.00 31.08 ? 95  ILE A CG2 1 
ATOM   781  C  CD1 . ILE A 1 95  ? 7.183   1.337   -9.254  1.00 38.08 ? 95  ILE A CD1 1 
ATOM   782  N  N   . LYS A 1 96  ? 11.987  -1.064  -10.068 1.00 38.64 ? 96  LYS A N   1 
ATOM   783  C  CA  . LYS A 1 96  ? 12.912  -1.874  -9.243  1.00 38.02 ? 96  LYS A CA  1 
ATOM   784  C  C   . LYS A 1 96  ? 14.106  -1.073  -8.758  1.00 40.62 ? 96  LYS A C   1 
ATOM   785  O  O   . LYS A 1 96  ? 14.562  -1.219  -7.618  1.00 37.08 ? 96  LYS A O   1 
ATOM   786  C  CB  . LYS A 1 96  ? 13.493  -3.020  -10.049 1.00 42.98 ? 96  LYS A CB  1 
ATOM   787  C  CG  . LYS A 1 96  ? 12.730  -4.230  -10.178 1.00 44.77 ? 96  LYS A CG  1 
ATOM   788  C  CD  . LYS A 1 96  ? 13.491  -5.065  -11.202 1.00 37.82 ? 96  LYS A CD  1 
ATOM   789  C  CE  . LYS A 1 96  ? 13.822  -6.441  -10.659 1.00 46.63 ? 96  LYS A CE  1 
ATOM   790  N  NZ  . LYS A 1 96  ? 14.931  -6.376  -9.693  1.00 46.07 ? 96  LYS A NZ  1 
ATOM   791  N  N   . LYS A 1 97  ? 14.695  -0.300  -9.664  1.00 43.12 ? 97  LYS A N   1 
ATOM   792  C  CA  . LYS A 1 97  ? 15.886  0.455   -9.338  1.00 40.10 ? 97  LYS A CA  1 
ATOM   793  C  C   . LYS A 1 97  ? 15.552  1.608   -8.404  1.00 41.52 ? 97  LYS A C   1 
ATOM   794  O  O   . LYS A 1 97  ? 16.311  1.915   -7.485  1.00 38.71 ? 97  LYS A O   1 
ATOM   795  C  CB  . LYS A 1 97  ? 16.524  0.919   -10.654 1.00 44.65 ? 97  LYS A CB  1 
ATOM   796  C  CG  . LYS A 1 97  ? 17.795  1.697   -10.536 1.00 45.94 ? 97  LYS A CG  1 
ATOM   797  C  CD  . LYS A 1 97  ? 18.350  2.027   -11.929 1.00 48.81 ? 97  LYS A CD  1 
ATOM   798  C  CE  . LYS A 1 97  ? 19.638  2.839   -11.851 1.00 50.55 ? 97  LYS A CE  1 
ATOM   799  N  NZ  . LYS A 1 97  ? 20.805  1.993   -11.374 1.00 69.40 ? 97  LYS A NZ  1 
ATOM   800  N  N   . VAL A 1 98  ? 14.401  2.246   -8.596  1.00 42.14 ? 98  VAL A N   1 
ATOM   801  C  CA  . VAL A 1 98  ? 13.986  3.321   -7.692  1.00 36.51 ? 98  VAL A CA  1 
ATOM   802  C  C   . VAL A 1 98  ? 13.677  2.772   -6.307  1.00 38.46 ? 98  VAL A C   1 
ATOM   803  O  O   . VAL A 1 98  ? 14.053  3.359   -5.283  1.00 37.91 ? 98  VAL A O   1 
ATOM   804  C  CB  . VAL A 1 98  ? 12.768  4.056   -8.279  1.00 42.39 ? 98  VAL A CB  1 
ATOM   805  C  CG1 . VAL A 1 98  ? 12.189  5.004   -7.248  1.00 47.51 ? 98  VAL A CG1 1 
ATOM   806  C  CG2 . VAL A 1 98  ? 13.141  4.772   -9.577  1.00 47.84 ? 98  VAL A CG2 1 
ATOM   807  N  N   . LEU A 1 99  ? 12.934  1.663   -6.249  1.00 35.86 ? 99  LEU A N   1 
ATOM   808  C  CA  . LEU A 1 99  ? 12.603  1.066   -4.950  1.00 34.18 ? 99  LEU A CA  1 
ATOM   809  C  C   . LEU A 1 99  ? 13.843  0.547   -4.236  1.00 34.89 ? 99  LEU A C   1 
ATOM   810  O  O   . LEU A 1 99  ? 13.963  0.686   -3.010  1.00 35.56 ? 99  LEU A O   1 
ATOM   811  C  CB  . LEU A 1 99  ? 11.608  -0.069  -5.132  1.00 28.72 ? 99  LEU A CB  1 
ATOM   812  C  CG  . LEU A 1 99  ? 10.240  0.353   -5.702  1.00 32.44 ? 99  LEU A CG  1 
ATOM   813  C  CD1 . LEU A 1 99  ? 9.399   -0.878  -6.111  1.00 35.15 ? 99  LEU A CD1 1 
ATOM   814  C  CD2 . LEU A 1 99  ? 9.542   1.171   -4.661  1.00 34.65 ? 99  LEU A CD2 1 
ATOM   815  N  N   . ARG A 1 100 ? 14.760  -0.092  -4.967  1.00 39.13 ? 100 ARG A N   1 
ATOM   816  C  CA  . ARG A 1 100 ? 15.976  -0.599  -4.303  1.00 34.77 ? 100 ARG A CA  1 
ATOM   817  C  C   . ARG A 1 100 ? 16.733  0.534   -3.618  1.00 34.29 ? 100 ARG A C   1 
ATOM   818  O  O   . ARG A 1 100 ? 17.204  0.392   -2.477  1.00 42.33 ? 100 ARG A O   1 
ATOM   819  C  CB  . ARG A 1 100 ? 16.877  -1.314  -5.321  1.00 38.80 ? 100 ARG A CB  1 
ATOM   820  C  CG  . ARG A 1 100 ? 18.284  -1.783  -4.747  1.00 39.11 ? 100 ARG A CG  1 
ATOM   821  C  CD  . ARG A 1 100 ? 19.061  -2.687  -5.745  1.00 36.21 ? 100 ARG A CD  1 
ATOM   822  N  NE  . ARG A 1 100 ? 18.386  -3.952  -6.024  1.00 31.43 ? 100 ARG A NE  1 
ATOM   823  C  CZ  . ARG A 1 100 ? 18.486  -5.064  -5.311  1.00 38.07 ? 100 ARG A CZ  1 
ATOM   824  N  NH1 . ARG A 1 100 ? 19.274  -5.130  -4.238  1.00 39.35 ? 100 ARG A NH1 1 
ATOM   825  N  NH2 . ARG A 1 100 ? 17.779  -6.124  -5.687  1.00 41.90 ? 100 ARG A NH2 1 
ATOM   826  N  N   . LYS A 1 101 ? 16.865  1.676   -4.298  1.00 42.05 ? 101 LYS A N   1 
ATOM   827  C  CA  . LYS A 1 101 ? 17.506  2.827   -3.674  1.00 40.85 ? 101 LYS A CA  1 
ATOM   828  C  C   . LYS A 1 101 ? 16.742  3.278   -2.441  1.00 42.33 ? 101 LYS A C   1 
ATOM   829  O  O   . LYS A 1 101 ? 17.337  3.525   -1.385  1.00 43.44 ? 101 LYS A O   1 
ATOM   830  C  CB  . LYS A 1 101 ? 17.645  3.964   -4.686  1.00 50.63 ? 101 LYS A CB  1 
ATOM   831  C  CG  . LYS A 1 101 ? 18.084  5.284   -4.075  1.00 57.59 ? 101 LYS A CG  1 
ATOM   832  C  CD  . LYS A 1 101 ? 18.451  6.289   -5.167  1.00 63.80 ? 101 LYS A CD  1 
ATOM   833  C  CE  . LYS A 1 101 ? 18.428  7.720   -4.657  1.00 68.28 ? 101 LYS A CE  1 
ATOM   834  N  NZ  . LYS A 1 101 ? 19.158  7.864   -3.357  1.00 75.39 ? 101 LYS A NZ  1 
ATOM   835  N  N   . ILE A 1 102 ? 15.419  3.390   -2.538  1.00 47.44 ? 102 ILE A N   1 
ATOM   836  C  CA  . ILE A 1 102 ? 14.660  3.826   -1.369  1.00 43.02 ? 102 ILE A CA  1 
ATOM   837  C  C   . ILE A 1 102 ? 14.831  2.837   -0.222  1.00 39.72 ? 102 ILE A C   1 
ATOM   838  O  O   . ILE A 1 102 ? 15.008  3.232   0.939   1.00 41.63 ? 102 ILE A O   1 
ATOM   839  C  CB  . ILE A 1 102 ? 13.178  4.025   -1.732  1.00 39.56 ? 102 ILE A CB  1 
ATOM   840  C  CG1 . ILE A 1 102 ? 13.028  5.219   -2.657  1.00 45.11 ? 102 ILE A CG1 1 
ATOM   841  C  CG2 . ILE A 1 102 ? 12.380  4.280   -0.485  1.00 44.82 ? 102 ILE A CG2 1 
ATOM   842  C  CD1 . ILE A 1 102 ? 11.715  5.262   -3.437  1.00 45.63 ? 102 ILE A CD1 1 
ATOM   843  N  N   . PHE A 1 103 ? 14.748  1.534   -0.509  1.00 37.13 ? 103 PHE A N   1 
ATOM   844  C  CA  . PHE A 1 103 ? 14.821  0.569   0.580   1.00 41.44 ? 103 PHE A CA  1 
ATOM   845  C  C   . PHE A 1 103 ? 16.230  0.560   1.210   1.00 38.56 ? 103 PHE A C   1 
ATOM   846  O  O   . PHE A 1 103 ? 16.364  0.498   2.440   1.00 36.04 ? 103 PHE A O   1 
ATOM   847  C  CB  . PHE A 1 103 ? 14.411  -0.828  0.072   1.00 41.52 ? 103 PHE A CB  1 
ATOM   848  C  CG  . PHE A 1 103 ? 12.941  -0.965  -0.368  1.00 40.11 ? 103 PHE A CG  1 
ATOM   849  C  CD1 . PHE A 1 103 ? 11.987  0.021   -0.130  1.00 39.44 ? 103 PHE A CD1 1 
ATOM   850  C  CD2 . PHE A 1 103 ? 12.533  -2.121  -1.009  1.00 38.86 ? 103 PHE A CD2 1 
ATOM   851  C  CE1 . PHE A 1 103 ? 10.652  -0.152  -0.553  1.00 38.92 ? 103 PHE A CE1 1 
ATOM   852  C  CE2 . PHE A 1 103 ? 11.223  -2.303  -1.419  1.00 40.54 ? 103 PHE A CE2 1 
ATOM   853  C  CZ  . PHE A 1 103 ? 10.281  -1.324  -1.186  1.00 34.06 ? 103 PHE A CZ  1 
ATOM   854  N  N   . LEU A 1 104 ? 17.291  0.645   0.390   1.00 43.46 ? 104 LEU A N   1 
ATOM   855  C  CA  . LEU A 1 104 ? 18.661  0.689   0.944   1.00 43.10 ? 104 LEU A CA  1 
ATOM   856  C  C   . LEU A 1 104 ? 18.863  1.927   1.804   1.00 40.89 ? 104 LEU A C   1 
ATOM   857  O  O   . LEU A 1 104 ? 19.396  1.836   2.912   1.00 43.80 ? 104 LEU A O   1 
ATOM   858  C  CB  . LEU A 1 104 ? 19.730  0.653   -0.167  1.00 34.40 ? 104 LEU A CB  1 
ATOM   859  C  CG  . LEU A 1 104 ? 19.951  -0.668  -0.936  1.00 41.19 ? 104 LEU A CG  1 
ATOM   860  C  CD1 . LEU A 1 104 ? 20.699  -0.451  -2.272  1.00 43.08 ? 104 LEU A CD1 1 
ATOM   861  C  CD2 . LEU A 1 104 ? 20.666  -1.726  -0.102  1.00 44.50 ? 104 LEU A CD2 1 
ATOM   862  N  N   . ASP A 1 105 ? 18.393  3.089   1.339   1.00 45.17 ? 105 ASP A N   1 
ATOM   863  C  CA  . ASP A 1 105 ? 18.510  4.305   2.139   1.00 45.88 ? 105 ASP A CA  1 
ATOM   864  C  C   . ASP A 1 105 ? 17.732  4.241   3.444   1.00 49.28 ? 105 ASP A C   1 
ATOM   865  O  O   . ASP A 1 105 ? 17.942  5.106   4.304   1.00 54.76 ? 105 ASP A O   1 
ATOM   866  C  CB  . ASP A 1 105 ? 18.036  5.534   1.354   1.00 49.49 ? 105 ASP A CB  1 
ATOM   867  C  CG  . ASP A 1 105 ? 18.906  5.824   0.131   1.00 56.15 ? 105 ASP A CG  1 
ATOM   868  O  OD1 . ASP A 1 105 ? 19.865  5.058   -0.137  1.00 56.40 ? 105 ASP A OD1 1 
ATOM   869  O  OD2 . ASP A 1 105 ? 18.618  6.814   -0.577  1.00 61.23 ? 105 ASP A OD2 1 
ATOM   870  N  N   . ASN A 1 106 ? 16.850  3.256   3.624   1.00 46.67 ? 106 ASN A N   1 
ATOM   871  C  CA  . ASN A 1 106 ? 16.074  3.109   4.852   1.00 34.58 ? 106 ASN A CA  1 
ATOM   872  C  C   . ASN A 1 106 ? 16.564  1.940   5.682   1.00 38.22 ? 106 ASN A C   1 
ATOM   873  O  O   . ASN A 1 106 ? 15.894  1.529   6.638   1.00 47.24 ? 106 ASN A O   1 
ATOM   874  C  CB  . ASN A 1 106 ? 14.575  2.983   4.519   1.00 46.75 ? 106 ASN A CB  1 
ATOM   875  C  CG  . ASN A 1 106 ? 13.944  4.326   4.258   1.00 34.51 ? 106 ASN A CG  1 
ATOM   876  O  OD1 . ASN A 1 106 ? 13.442  4.946   5.175   1.00 41.49 ? 106 ASN A OD1 1 
ATOM   877  N  ND2 . ASN A 1 106 ? 14.059  4.830   3.034   1.00 43.17 ? 106 ASN A ND2 1 
ATOM   878  N  N   . GLY A 1 107 ? 17.746  1.420   5.361   1.00 44.32 ? 107 GLY A N   1 
ATOM   879  C  CA  . GLY A 1 107 ? 18.398  0.439   6.192   1.00 40.12 ? 107 GLY A CA  1 
ATOM   880  C  C   . GLY A 1 107 ? 17.999  -0.985  5.931   1.00 46.27 ? 107 GLY A C   1 
ATOM   881  O  O   . GLY A 1 107 ? 18.369  -1.862  6.718   1.00 45.08 ? 107 GLY A O   1 
ATOM   882  N  N   . ILE A 1 108 ? 17.226  -1.252  4.875   1.00 42.10 ? 108 ILE A N   1 
ATOM   883  C  CA  . ILE A 1 108 ? 16.909  -2.630  4.526   1.00 41.17 ? 108 ILE A CA  1 
ATOM   884  C  C   . ILE A 1 108 ? 18.091  -3.234  3.785   1.00 39.55 ? 108 ILE A C   1 
ATOM   885  O  O   . ILE A 1 108 ? 18.660  -2.613  2.882   1.00 35.96 ? 108 ILE A O   1 
ATOM   886  C  CB  . ILE A 1 108 ? 15.637  -2.698  3.672   1.00 38.42 ? 108 ILE A CB  1 
ATOM   887  C  CG1 . ILE A 1 108 ? 14.474  -2.044  4.434   1.00 41.33 ? 108 ILE A CG1 1 
ATOM   888  C  CG2 . ILE A 1 108 ? 15.338  -4.162  3.343   1.00 42.47 ? 108 ILE A CG2 1 
ATOM   889  C  CD1 . ILE A 1 108 ? 13.161  -2.055  3.698   1.00 42.92 ? 108 ILE A CD1 1 
ATOM   890  N  N   . SER A 1 109 ? 18.441  -4.461  4.136   1.00 37.66 ? 109 SER A N   1 
ATOM   891  C  CA  . SER A 1 109 ? 19.600  -5.089  3.530   1.00 41.62 ? 109 SER A CA  1 
ATOM   892  C  C   . SER A 1 109 ? 19.390  -5.387  2.039   1.00 42.80 ? 109 SER A C   1 
ATOM   893  O  O   . SER A 1 109 ? 18.281  -5.671  1.568   1.00 39.50 ? 109 SER A O   1 
ATOM   894  C  CB  . SER A 1 109 ? 19.950  -6.373  4.279   1.00 40.74 ? 109 SER A CB  1 
ATOM   895  O  OG  . SER A 1 109 ? 19.316  -7.472  3.676   1.00 45.20 ? 109 SER A OG  1 
ATOM   896  N  N   . SER A 1 110 ? 20.492  -5.307  1.295   1.00 40.95 ? 110 SER A N   1 
ATOM   897  C  CA  . SER A 1 110 ? 20.481  -5.617  -0.125  1.00 39.75 ? 110 SER A CA  1 
ATOM   898  C  C   . SER A 1 110 ? 19.956  -7.020  -0.393  1.00 39.17 ? 110 SER A C   1 
ATOM   899  O  O   . SER A 1 110 ? 19.195  -7.232  -1.350  1.00 39.37 ? 110 SER A O   1 
ATOM   900  C  CB  . SER A 1 110 ? 21.897  -5.463  -0.693  1.00 40.39 ? 110 SER A CB  1 
ATOM   901  O  OG  . SER A 1 110 ? 21.924  -5.793  -2.068  1.00 41.24 ? 110 SER A OG  1 
ATOM   902  N  N   . ASP A 1 111 ? 20.375  -7.994  0.412   1.00 36.29 ? 111 ASP A N   1 
ATOM   903  C  CA  . ASP A 1 111 ? 19.901  -9.369  0.252   1.00 39.70 ? 111 ASP A CA  1 
ATOM   904  C  C   . ASP A 1 111 ? 18.380  -9.459  0.408   1.00 38.75 ? 111 ASP A C   1 
ATOM   905  O  O   . ASP A 1 111 ? 17.702  -10.171 -0.344  1.00 41.99 ? 111 ASP A O   1 
ATOM   906  C  CB  . ASP A 1 111 ? 20.549  -10.269 1.298   1.00 40.26 ? 111 ASP A CB  1 
ATOM   907  C  CG  . ASP A 1 111 ? 22.025  -10.515 1.051   1.00 46.24 ? 111 ASP A CG  1 
ATOM   908  O  OD1 . ASP A 1 111 ? 22.439  -10.677 -0.121  1.00 42.25 ? 111 ASP A OD1 1 
ATOM   909  O  OD2 . ASP A 1 111 ? 22.758  -10.560 2.051   1.00 43.33 ? 111 ASP A OD2 1 
ATOM   910  N  N   . THR A 1 112 ? 17.832  -8.807  1.431   1.00 37.68 ? 112 THR A N   1 
ATOM   911  C  CA  . THR A 1 112 ? 16.385  -8.833  1.628   1.00 36.17 ? 112 THR A CA  1 
ATOM   912  C  C   . THR A 1 112 ? 15.669  -8.245  0.410   1.00 36.82 ? 112 THR A C   1 
ATOM   913  O  O   . THR A 1 112 ? 14.715  -8.837  -0.096  1.00 37.83 ? 112 THR A O   1 
ATOM   914  C  CB  . THR A 1 112 ? 16.022  -8.089  2.922   1.00 36.36 ? 112 THR A CB  1 
ATOM   915  O  OG1 . THR A 1 112 ? 16.654  -8.755  4.027   1.00 40.07 ? 112 THR A OG1 1 
ATOM   916  C  CG2 . THR A 1 112 ? 14.496  -8.068  3.174   1.00 44.38 ? 112 THR A CG2 1 
ATOM   917  N  N   . ILE A 1 113 ? 16.169  -7.129  -0.113  1.00 35.81 ? 113 ILE A N   1 
ATOM   918  C  CA  . ILE A 1 113 ? 15.598  -6.516  -1.309  1.00 35.21 ? 113 ILE A CA  1 
ATOM   919  C  C   . ILE A 1 113 ? 15.621  -7.502  -2.481  1.00 41.55 ? 113 ILE A C   1 
ATOM   920  O  O   . ILE A 1 113 ? 14.628  -7.650  -3.201  1.00 35.19 ? 113 ILE A O   1 
ATOM   921  C  CB  . ILE A 1 113 ? 16.343  -5.214  -1.643  1.00 35.49 ? 113 ILE A CB  1 
ATOM   922  C  CG1 . ILE A 1 113 ? 16.232  -4.236  -0.485  1.00 31.26 ? 113 ILE A CG1 1 
ATOM   923  C  CG2 . ILE A 1 113 ? 15.789  -4.578  -2.890  1.00 39.06 ? 113 ILE A CG2 1 
ATOM   924  C  CD1 . ILE A 1 113 ? 17.153  -2.982  -0.637  1.00 35.83 ? 113 ILE A CD1 1 
ATOM   925  N  N   . ASP A 1 114 ? 16.752  -8.189  -2.700  1.00 35.20 ? 114 ASP A N   1 
ATOM   926  C  CA  . ASP A 1 114 ? 16.781  -9.209  -3.746  1.00 36.40 ? 114 ASP A CA  1 
ATOM   927  C  C   . ASP A 1 114 ? 15.620  -10.199 -3.550  1.00 36.42 ? 114 ASP A C   1 
ATOM   928  O  O   . ASP A 1 114 ? 14.892  -10.527 -4.493  1.00 34.98 ? 114 ASP A O   1 
ATOM   929  C  CB  . ASP A 1 114 ? 18.118  -9.980  -3.768  1.00 38.17 ? 114 ASP A CB  1 
ATOM   930  C  CG  . ASP A 1 114 ? 19.381  -9.120  -4.021  1.00 43.64 ? 114 ASP A CG  1 
ATOM   931  O  OD1 . ASP A 1 114 ? 19.312  -8.020  -4.610  1.00 43.42 ? 114 ASP A OD1 1 
ATOM   932  O  OD2 . ASP A 1 114 ? 20.502  -9.622  -3.669  1.00 40.09 ? 114 ASP A OD2 1 
ATOM   933  N  N   . GLN A 1 115 ? 15.423  -10.672 -2.315  1.00 36.27 ? 115 GLN A N   1 
ATOM   934  C  CA  . GLN A 1 115 ? 14.359  -11.633 -2.048  1.00 36.40 ? 115 GLN A CA  1 
ATOM   935  C  C   . GLN A 1 115 ? 12.980  -11.031 -2.273  1.00 35.38 ? 115 GLN A C   1 
ATOM   936  O  O   . GLN A 1 115 ? 12.069  -11.743 -2.681  1.00 34.57 ? 115 GLN A O   1 
ATOM   937  C  CB  . GLN A 1 115 ? 14.451  -12.153 -0.625  1.00 39.69 ? 115 GLN A CB  1 
ATOM   938  C  CG  . GLN A 1 115 ? 15.656  -13.087 -0.382  1.00 40.56 ? 115 GLN A CG  1 
ATOM   939  C  CD  . GLN A 1 115 ? 16.149  -13.070 1.048   1.00 46.10 ? 115 GLN A CD  1 
ATOM   940  O  OE1 . GLN A 1 115 ? 15.385  -12.845 1.983   1.00 56.56 ? 115 GLN A OE1 1 
ATOM   941  N  NE2 . GLN A 1 115 ? 17.444  -13.302 1.228   1.00 50.56 ? 115 GLN A NE2 1 
ATOM   942  N  N   . TYR A 1 116 ? 12.806  -9.740  -1.973  1.00 34.80 ? 116 TYR A N   1 
ATOM   943  C  CA  . TYR A 1 116 ? 11.518  -9.085  -2.162  1.00 37.68 ? 116 TYR A CA  1 
ATOM   944  C  C   . TYR A 1 116 ? 11.116  -9.131  -3.625  1.00 34.00 ? 116 TYR A C   1 
ATOM   945  O  O   . TYR A 1 116 ? 10.016  -9.576  -3.965  1.00 37.08 ? 116 TYR A O   1 
ATOM   946  C  CB  . TYR A 1 116 ? 11.616  -7.655  -1.623  1.00 37.10 ? 116 TYR A CB  1 
ATOM   947  C  CG  . TYR A 1 116 ? 10.428  -6.749  -1.836  1.00 35.34 ? 116 TYR A CG  1 
ATOM   948  C  CD1 . TYR A 1 116 ? 9.290   -6.827  -1.038  1.00 38.50 ? 116 TYR A CD1 1 
ATOM   949  C  CD2 . TYR A 1 116 ? 10.470  -5.786  -2.813  1.00 36.85 ? 116 TYR A CD2 1 
ATOM   950  C  CE1 . TYR A 1 116 ? 8.217   -5.957  -1.241  1.00 36.02 ? 116 TYR A CE1 1 
ATOM   951  C  CE2 . TYR A 1 116 ? 9.442   -4.934  -3.023  1.00 39.22 ? 116 TYR A CE2 1 
ATOM   952  C  CZ  . TYR A 1 116 ? 8.308   -5.017  -2.250  1.00 33.42 ? 116 TYR A CZ  1 
ATOM   953  O  OH  . TYR A 1 116 ? 7.328   -4.114  -2.547  1.00 44.01 ? 116 TYR A OH  1 
ATOM   954  N  N   . PHE A 1 117 ? 12.023  -8.728  -4.517  1.00 35.63 ? 117 PHE A N   1 
ATOM   955  C  CA  . PHE A 1 117 ? 11.686  -8.651  -5.929  1.00 34.68 ? 117 PHE A CA  1 
ATOM   956  C  C   . PHE A 1 117 ? 11.440  -10.025 -6.536  1.00 38.66 ? 117 PHE A C   1 
ATOM   957  O  O   . PHE A 1 117 ? 10.535  -10.185 -7.370  1.00 37.72 ? 117 PHE A O   1 
ATOM   958  C  CB  . PHE A 1 117 ? 12.789  -7.902  -6.673  1.00 32.88 ? 117 PHE A CB  1 
ATOM   959  C  CG  . PHE A 1 117 ? 12.791  -6.431  -6.394  1.00 37.63 ? 117 PHE A CG  1 
ATOM   960  C  CD1 . PHE A 1 117 ? 11.603  -5.714  -6.451  1.00 44.63 ? 117 PHE A CD1 1 
ATOM   961  C  CD2 . PHE A 1 117 ? 13.944  -5.770  -6.077  1.00 40.50 ? 117 PHE A CD2 1 
ATOM   962  C  CE1 . PHE A 1 117 ? 11.584  -4.362  -6.185  1.00 43.79 ? 117 PHE A CE1 1 
ATOM   963  C  CE2 . PHE A 1 117 ? 13.928  -4.423  -5.825  1.00 46.33 ? 117 PHE A CE2 1 
ATOM   964  C  CZ  . PHE A 1 117 ? 12.724  -3.720  -5.878  1.00 41.58 ? 117 PHE A CZ  1 
ATOM   965  N  N   . ILE A 1 118 ? 12.209  -11.028 -6.116  1.00 38.63 ? 118 ILE A N   1 
ATOM   966  C  CA  . ILE A 1 118 ? 11.998  -12.395 -6.594  1.00 42.50 ? 118 ILE A CA  1 
ATOM   967  C  C   . ILE A 1 118 ? 10.618  -12.879 -6.196  1.00 40.59 ? 118 ILE A C   1 
ATOM   968  O  O   . ILE A 1 118 ? 9.927   -13.551 -6.975  1.00 35.77 ? 118 ILE A O   1 
ATOM   969  C  CB  . ILE A 1 118 ? 13.094  -13.338 -6.050  1.00 35.57 ? 118 ILE A CB  1 
ATOM   970  C  CG1 . ILE A 1 118 ? 14.232  -13.472 -7.029  1.00 44.46 ? 118 ILE A CG1 1 
ATOM   971  C  CG2 . ILE A 1 118 ? 12.594  -14.749 -5.843  1.00 48.77 ? 118 ILE A CG2 1 
ATOM   972  C  CD1 . ILE A 1 118 ? 15.000  -12.309 -7.129  1.00 46.06 ? 118 ILE A CD1 1 
ATOM   973  N  N   . ALA A 1 119 ? 10.200  -12.564 -4.972  1.00 39.95 ? 119 ALA A N   1 
ATOM   974  C  CA  . ALA A 1 119 ? 8.872   -12.972 -4.519  1.00 41.75 ? 119 ALA A CA  1 
ATOM   975  C  C   . ALA A 1 119 ? 7.774   -12.260 -5.303  1.00 36.66 ? 119 ALA A C   1 
ATOM   976  O  O   . ALA A 1 119 ? 6.822   -12.892 -5.766  1.00 37.25 ? 119 ALA A O   1 
ATOM   977  C  CB  . ALA A 1 119 ? 8.739   -12.691 -3.023  1.00 44.47 ? 119 ALA A CB  1 
ATOM   978  N  N   . ILE A 1 120 ? 7.899   -10.946 -5.475  1.00 40.08 ? 120 ILE A N   1 
ATOM   979  C  CA  . ILE A 1 120 ? 6.909   -10.190 -6.240  1.00 43.27 ? 120 ILE A CA  1 
ATOM   980  C  C   . ILE A 1 120 ? 6.841   -10.699 -7.674  1.00 43.37 ? 120 ILE A C   1 
ATOM   981  O  O   . ILE A 1 120 ? 5.756   -10.904 -8.233  1.00 38.31 ? 120 ILE A O   1 
ATOM   982  C  CB  . ILE A 1 120 ? 7.242   -8.685  -6.216  1.00 38.13 ? 120 ILE A CB  1 
ATOM   983  C  CG1 . ILE A 1 120 ? 7.168   -8.108  -4.797  1.00 45.12 ? 120 ILE A CG1 1 
ATOM   984  C  CG2 . ILE A 1 120 ? 6.284   -7.927  -7.122  1.00 52.97 ? 120 ILE A CG2 1 
ATOM   985  C  CD1 . ILE A 1 120 ? 5.894   -8.423  -4.049  1.00 55.40 ? 120 ILE A CD1 1 
ATOM   986  N  N   . ARG A 1 121 ? 8.004   -10.882 -8.305  1.00 43.69 ? 121 ARG A N   1 
ATOM   987  C  CA  . ARG A 1 121 ? 8.029   -11.176 -9.736  1.00 43.81 ? 121 ARG A CA  1 
ATOM   988  C  C   . ARG A 1 121 ? 7.395   -12.526 -10.029 1.00 44.14 ? 121 ARG A C   1 
ATOM   989  O  O   . ARG A 1 121 ? 6.757   -12.701 -11.071 1.00 55.69 ? 121 ARG A O   1 
ATOM   990  C  CB  . ARG A 1 121 ? 9.465   -11.139 -10.268 1.00 45.53 ? 121 ARG A CB  1 
ATOM   991  C  CG  . ARG A 1 121 ? 9.529   -10.700 -11.729 1.00 48.96 ? 121 ARG A CG  1 
ATOM   992  C  CD  . ARG A 1 121 ? 10.353  -11.661 -12.583 1.00 56.49 ? 121 ARG A CD  1 
ATOM   993  N  NE  . ARG A 1 121 ? 9.517   -12.529 -13.420 1.00 67.25 ? 121 ARG A NE  1 
ATOM   994  C  CZ  . ARG A 1 121 ? 9.208   -13.796 -13.130 1.00 70.08 ? 121 ARG A CZ  1 
ATOM   995  N  NH1 . ARG A 1 121 ? 8.442   -14.489 -13.964 1.00 68.17 ? 121 ARG A NH1 1 
ATOM   996  N  NH2 . ARG A 1 121 ? 9.652   -14.373 -12.009 1.00 65.85 ? 121 ARG A NH2 1 
ATOM   997  N  N   . ARG A 1 122 ? 7.550   -13.486 -9.119  1.00 41.66 ? 122 ARG A N   1 
ATOM   998  C  CA  . ARG A 1 122 ? 6.805   -14.738 -9.203  1.00 48.38 ? 122 ARG A CA  1 
ATOM   999  C  C   . ARG A 1 122 ? 5.321   -14.497 -9.453  1.00 45.97 ? 122 ARG A C   1 
ATOM   1000 O  O   . ARG A 1 122 ? 4.662   -15.271 -10.156 1.00 46.21 ? 122 ARG A O   1 
ATOM   1001 C  CB  . ARG A 1 122 ? 6.944   -15.533 -7.906  1.00 40.60 ? 122 ARG A CB  1 
ATOM   1002 C  CG  . ARG A 1 122 ? 8.264   -16.190 -7.691  1.00 54.48 ? 122 ARG A CG  1 
ATOM   1003 C  CD  . ARG A 1 122 ? 8.189   -17.056 -6.478  1.00 50.35 ? 122 ARG A CD  1 
ATOM   1004 N  NE  . ARG A 1 122 ? 7.319   -18.196 -6.732  1.00 68.11 ? 122 ARG A NE  1 
ATOM   1005 C  CZ  . ARG A 1 122 ? 7.680   -19.280 -7.419  1.00 68.67 ? 122 ARG A CZ  1 
ATOM   1006 N  NH1 . ARG A 1 122 ? 8.914   -19.396 -7.928  1.00 68.06 ? 122 ARG A NH1 1 
ATOM   1007 N  NH2 . ARG A 1 122 ? 6.802   -20.255 -7.590  1.00 60.60 ? 122 ARG A NH2 1 
ATOM   1008 N  N   . ILE A 1 123 ? 4.769   -13.442 -8.859  1.00 43.69 ? 123 ILE A N   1 
ATOM   1009 C  CA  . ILE A 1 123 ? 3.328   -13.279 -8.784  1.00 45.02 ? 123 ILE A CA  1 
ATOM   1010 C  C   . ILE A 1 123 ? 2.783   -12.395 -9.901  1.00 45.97 ? 123 ILE A C   1 
ATOM   1011 O  O   . ILE A 1 123 ? 1.725   -12.691 -10.464 1.00 47.55 ? 123 ILE A O   1 
ATOM   1012 C  CB  . ILE A 1 123 ? 2.975   -12.742 -7.383  1.00 44.35 ? 123 ILE A CB  1 
ATOM   1013 C  CG1 . ILE A 1 123 ? 3.193   -13.866 -6.382  1.00 50.00 ? 123 ILE A CG1 1 
ATOM   1014 C  CG2 . ILE A 1 123 ? 1.518   -12.271 -7.296  1.00 51.47 ? 123 ILE A CG2 1 
ATOM   1015 C  CD1 . ILE A 1 123 ? 3.300   -13.392 -5.010  1.00 58.30 ? 123 ILE A CD1 1 
ATOM   1016 N  N   . ILE A 1 124 ? 3.460   -11.304 -10.248 1.00 43.92 ? 124 ILE A N   1 
ATOM   1017 C  CA  . ILE A 1 124 ? 2.884   -10.357 -11.201 1.00 44.08 ? 124 ILE A CA  1 
ATOM   1018 C  C   . ILE A 1 124 ? 3.404   -10.503 -12.630 1.00 48.20 ? 124 ILE A C   1 
ATOM   1019 O  O   . ILE A 1 124 ? 2.717   -10.056 -13.567 1.00 52.54 ? 124 ILE A O   1 
ATOM   1020 C  CB  . ILE A 1 124 ? 3.051   -8.892  -10.736 1.00 40.66 ? 124 ILE A CB  1 
ATOM   1021 C  CG1 . ILE A 1 124 ? 4.507   -8.498  -10.569 1.00 49.14 ? 124 ILE A CG1 1 
ATOM   1022 C  CG2 . ILE A 1 124 ? 2.288   -8.666  -9.449  1.00 46.90 ? 124 ILE A CG2 1 
ATOM   1023 C  CD1 . ILE A 1 124 ? 4.680   -7.040  -10.218 1.00 44.61 ? 124 ILE A CD1 1 
ATOM   1024 N  N   . ARG A 1 125 ? 4.569   -11.106 -12.829 1.00 46.88 ? 125 ARG A N   1 
ATOM   1025 C  CA  . ARG A 1 125 ? 5.113   -11.411 -14.156 1.00 47.11 ? 125 ARG A CA  1 
ATOM   1026 C  C   . ARG A 1 125 ? 4.995   -10.241 -15.130 1.00 46.14 ? 125 ARG A C   1 
ATOM   1027 O  O   . ARG A 1 125 ? 4.216   -10.297 -16.083 1.00 47.96 ? 125 ARG A O   1 
ATOM   1028 C  CB  . ARG A 1 125 ? 4.424   -12.653 -14.720 1.00 55.89 ? 125 ARG A CB  1 
ATOM   1029 C  CG  . ARG A 1 125 ? 4.483   -13.840 -13.745 1.00 50.03 ? 125 ARG A CG  1 
ATOM   1030 C  CD  . ARG A 1 125 ? 3.741   -15.066 -14.235 1.00 47.61 ? 125 ARG A CD  1 
ATOM   1031 N  NE  . ARG A 1 125 ? 2.291   -14.891 -14.207 1.00 50.19 ? 125 ARG A NE  1 
ATOM   1032 C  CZ  . ARG A 1 125 ? 1.536   -14.989 -13.116 1.00 46.06 ? 125 ARG A CZ  1 
ATOM   1033 N  NH1 . ARG A 1 125 ? 2.078   -15.271 -11.935 1.00 53.20 ? 125 ARG A NH1 1 
ATOM   1034 N  NH2 . ARG A 1 125 ? 0.230   -14.802 -13.196 1.00 50.10 ? 125 ARG A NH2 1 
ATOM   1035 N  N   . PRO A 1 126 ? 5.773   -9.184  -14.949 1.00 44.83 ? 126 PRO A N   1 
ATOM   1036 C  CA  . PRO A 1 126 ? 5.688   -8.047  -15.857 1.00 48.32 ? 126 PRO A CA  1 
ATOM   1037 C  C   . PRO A 1 126 ? 6.174   -8.404  -17.249 1.00 53.26 ? 126 PRO A C   1 
ATOM   1038 O  O   . PRO A 1 126 ? 6.957   -9.327  -17.452 1.00 52.22 ? 126 PRO A O   1 
ATOM   1039 C  CB  . PRO A 1 126 ? 6.613   -7.006  -15.215 1.00 42.26 ? 126 PRO A CB  1 
ATOM   1040 C  CG  . PRO A 1 126 ? 6.857   -7.495  -13.836 1.00 47.17 ? 126 PRO A CG  1 
ATOM   1041 C  CD  . PRO A 1 126 ? 6.806   -8.976  -13.929 1.00 45.77 ? 126 PRO A CD  1 
ATOM   1042 N  N   . SER A 1 127 ? 5.699   -7.631  -18.209 1.00 51.37 ? 127 SER A N   1 
ATOM   1043 C  CA  . SER A 1 127 ? 6.221   -7.620  -19.558 1.00 57.14 ? 127 SER A CA  1 
ATOM   1044 C  C   . SER A 1 127 ? 6.877   -6.272  -19.810 1.00 59.47 ? 127 SER A C   1 
ATOM   1045 O  O   . SER A 1 127 ? 6.744   -5.334  -19.015 1.00 58.73 ? 127 SER A O   1 
ATOM   1046 C  CB  . SER A 1 127 ? 5.103   -7.874  -20.565 1.00 51.75 ? 127 SER A CB  1 
ATOM   1047 O  OG  . SER A 1 127 ? 4.296   -6.712  -20.731 1.00 62.22 ? 127 SER A OG  1 
ATOM   1048 N  N   . ARG A 1 128 ? 7.565   -6.175  -20.947 1.00 56.14 ? 128 ARG A N   1 
ATOM   1049 C  CA  . ARG A 1 128 ? 8.311   -4.962  -21.264 1.00 60.52 ? 128 ARG A CA  1 
ATOM   1050 C  C   . ARG A 1 128 ? 7.397   -3.748  -21.352 1.00 59.64 ? 128 ARG A C   1 
ATOM   1051 O  O   . ARG A 1 128 ? 7.823   -2.628  -21.050 1.00 54.35 ? 128 ARG A O   1 
ATOM   1052 C  CB  . ARG A 1 128 ? 9.081   -5.141  -22.579 1.00 70.20 ? 128 ARG A CB  1 
ATOM   1053 C  CG  . ARG A 1 128 ? 9.638   -6.556  -22.793 1.00 80.54 ? 128 ARG A CG  1 
ATOM   1054 C  CD  . ARG A 1 128 ? 10.899  -6.601  -23.677 1.00 84.61 ? 128 ARG A CD  1 
ATOM   1055 N  NE  . ARG A 1 128 ? 11.649  -7.846  -23.453 1.00 80.60 ? 128 ARG A NE  1 
ATOM   1056 C  CZ  . ARG A 1 128 ? 12.417  -8.078  -22.387 1.00 79.29 ? 128 ARG A CZ  1 
ATOM   1057 N  NH1 . ARG A 1 128 ? 12.545  -7.150  -21.448 1.00 75.48 ? 128 ARG A NH1 1 
ATOM   1058 N  NH2 . ARG A 1 128 ? 13.056  -9.239  -22.254 1.00 76.14 ? 128 ARG A NH2 1 
ATOM   1059 N  N   . SER A 1 129 ? 6.143   -3.951  -21.761 1.00 50.98 ? 129 SER A N   1 
ATOM   1060 C  CA  . SER A 1 129 ? 5.196   -2.860  -21.906 1.00 56.53 ? 129 SER A CA  1 
ATOM   1061 C  C   . SER A 1 129 ? 4.466   -2.499  -20.614 1.00 57.98 ? 129 SER A C   1 
ATOM   1062 O  O   . SER A 1 129 ? 3.924   -1.388  -20.515 1.00 53.70 ? 129 SER A O   1 
ATOM   1063 C  CB  . SER A 1 129 ? 4.158   -3.229  -22.973 1.00 56.03 ? 129 SER A CB  1 
ATOM   1064 O  OG  . SER A 1 129 ? 3.902   -4.624  -22.938 1.00 60.24 ? 129 SER A OG  1 
ATOM   1065 N  N   . ASP A 1 130 ? 4.424   -3.392  -19.629 1.00 57.32 ? 130 ASP A N   1 
ATOM   1066 C  CA  . ASP A 1 130 ? 3.630   -3.131  -18.433 1.00 47.82 ? 130 ASP A CA  1 
ATOM   1067 C  C   . ASP A 1 130 ? 4.155   -1.896  -17.717 1.00 45.36 ? 130 ASP A C   1 
ATOM   1068 O  O   . ASP A 1 130 ? 5.365   -1.698  -17.597 1.00 44.40 ? 130 ASP A O   1 
ATOM   1069 C  CB  . ASP A 1 130 ? 3.655   -4.335  -17.492 1.00 47.44 ? 130 ASP A CB  1 
ATOM   1070 C  CG  . ASP A 1 130 ? 2.916   -5.542  -18.053 1.00 45.87 ? 130 ASP A CG  1 
ATOM   1071 O  OD1 . ASP A 1 130 ? 2.130   -5.363  -18.994 1.00 47.06 ? 130 ASP A OD1 1 
ATOM   1072 O  OD2 . ASP A 1 130 ? 3.112   -6.668  -17.540 1.00 49.42 ? 130 ASP A OD2 1 
ATOM   1073 N  N   . ARG A 1 131 ? 3.233   -1.072  -17.233 1.00 39.60 ? 131 ARG A N   1 
ATOM   1074 C  CA  . ARG A 1 131 ? 3.532   0.164   -16.534 1.00 38.14 ? 131 ARG A CA  1 
ATOM   1075 C  C   . ARG A 1 131 ? 3.138   0.067   -15.068 1.00 39.43 ? 131 ARG A C   1 
ATOM   1076 O  O   . ARG A 1 131 ? 2.181   -0.627  -14.706 1.00 36.00 ? 131 ARG A O   1 
ATOM   1077 C  CB  . ARG A 1 131 ? 2.769   1.346   -17.138 1.00 46.23 ? 131 ARG A CB  1 
ATOM   1078 C  CG  . ARG A 1 131 ? 2.727   1.376   -18.656 1.00 52.13 ? 131 ARG A CG  1 
ATOM   1079 C  CD  . ARG A 1 131 ? 4.124   1.531   -19.212 1.00 49.37 ? 131 ARG A CD  1 
ATOM   1080 N  NE  . ARG A 1 131 ? 4.715   2.781   -18.733 1.00 52.62 ? 131 ARG A NE  1 
ATOM   1081 C  CZ  . ARG A 1 131 ? 6.016   3.036   -18.701 1.00 55.24 ? 131 ARG A CZ  1 
ATOM   1082 N  NH1 . ARG A 1 131 ? 6.891   2.122   -19.101 1.00 56.28 ? 131 ARG A NH1 1 
ATOM   1083 N  NH2 . ARG A 1 131 ? 6.441   4.200   -18.242 1.00 55.83 ? 131 ARG A NH2 1 
ATOM   1084 N  N   . PHE A 1 132 ? 3.813   0.867   -14.258 1.00 38.14 ? 132 PHE A N   1 
ATOM   1085 C  CA  . PHE A 1 132 ? 3.776   0.789   -12.804 1.00 41.80 ? 132 PHE A CA  1 
ATOM   1086 C  C   . PHE A 1 132 ? 3.564   2.177   -12.223 1.00 36.44 ? 132 PHE A C   1 
ATOM   1087 O  O   . PHE A 1 132 ? 4.082   3.157   -12.756 1.00 36.89 ? 132 PHE A O   1 
ATOM   1088 C  CB  . PHE A 1 132 ? 5.094   0.174   -12.260 1.00 38.76 ? 132 PHE A CB  1 
ATOM   1089 C  CG  . PHE A 1 132 ? 5.211   -1.272  -12.529 1.00 34.10 ? 132 PHE A CG  1 
ATOM   1090 C  CD1 . PHE A 1 132 ? 5.714   -1.737  -13.735 1.00 33.06 ? 132 PHE A CD1 1 
ATOM   1091 C  CD2 . PHE A 1 132 ? 4.778   -2.176  -11.596 1.00 33.88 ? 132 PHE A CD2 1 
ATOM   1092 C  CE1 . PHE A 1 132 ? 5.755   -3.080  -14.003 1.00 34.27 ? 132 PHE A CE1 1 
ATOM   1093 C  CE2 . PHE A 1 132 ? 4.847   -3.542  -11.852 1.00 34.81 ? 132 PHE A CE2 1 
ATOM   1094 C  CZ  . PHE A 1 132 ? 5.320   -3.987  -13.053 1.00 35.71 ? 132 PHE A CZ  1 
ATOM   1095 N  N   . PHE A 1 133 ? 2.787   2.259   -11.146 1.00 34.56 ? 133 PHE A N   1 
ATOM   1096 C  CA  . PHE A 1 133 ? 2.635   3.487   -10.384 1.00 35.11 ? 133 PHE A CA  1 
ATOM   1097 C  C   . PHE A 1 133 ? 3.480   3.423   -9.116  1.00 39.13 ? 133 PHE A C   1 
ATOM   1098 O  O   . PHE A 1 133 ? 3.797   2.337   -8.610  1.00 36.41 ? 133 PHE A O   1 
ATOM   1099 C  CB  . PHE A 1 133 ? 1.154   3.768   -10.034 1.00 33.39 ? 133 PHE A CB  1 
ATOM   1100 C  CG  . PHE A 1 133 ? 0.525   2.780   -9.084  1.00 36.25 ? 133 PHE A CG  1 
ATOM   1101 C  CD1 . PHE A 1 133 ? 0.650   2.928   -7.714  1.00 31.80 ? 133 PHE A CD1 1 
ATOM   1102 C  CD2 . PHE A 1 133 ? -0.226  1.731   -9.562  1.00 32.97 ? 133 PHE A CD2 1 
ATOM   1103 C  CE1 . PHE A 1 133 ? 0.036   2.030   -6.845  1.00 35.85 ? 133 PHE A CE1 1 
ATOM   1104 C  CE2 . PHE A 1 133 ? -0.829  0.830   -8.697  1.00 34.04 ? 133 PHE A CE2 1 
ATOM   1105 C  CZ  . PHE A 1 133 ? -0.696  0.985   -7.343  1.00 34.51 ? 133 PHE A CZ  1 
ATOM   1106 N  N   . LEU A 1 134 ? 3.830   4.615   -8.604  1.00 38.32 ? 134 LEU A N   1 
ATOM   1107 C  CA  . LEU A 1 134 ? 4.620   4.760   -7.392  1.00 39.25 ? 134 LEU A CA  1 
ATOM   1108 C  C   . LEU A 1 134 ? 4.197   6.010   -6.647  1.00 38.51 ? 134 LEU A C   1 
ATOM   1109 O  O   . LEU A 1 134 ? 4.226   7.101   -7.208  1.00 40.32 ? 134 LEU A O   1 
ATOM   1110 C  CB  . LEU A 1 134 ? 6.105   4.855   -7.724  1.00 39.61 ? 134 LEU A CB  1 
ATOM   1111 C  CG  . LEU A 1 134 ? 7.087   5.104   -6.580  1.00 40.75 ? 134 LEU A CG  1 
ATOM   1112 C  CD1 . LEU A 1 134 ? 6.980   4.047   -5.551  1.00 37.93 ? 134 LEU A CD1 1 
ATOM   1113 C  CD2 . LEU A 1 134 ? 8.461   5.131   -7.171  1.00 46.72 ? 134 LEU A CD2 1 
ATOM   1114 N  N   . PHE A 1 135 ? 3.862   5.851   -5.383  1.00 36.26 ? 135 PHE A N   1 
ATOM   1115 C  CA  . PHE A 1 135 ? 3.652   6.961   -4.472  1.00 37.86 ? 135 PHE A CA  1 
ATOM   1116 C  C   . PHE A 1 135 ? 4.684   6.878   -3.358  1.00 39.75 ? 135 PHE A C   1 
ATOM   1117 O  O   . PHE A 1 135 ? 4.882   5.811   -2.756  1.00 42.53 ? 135 PHE A O   1 
ATOM   1118 C  CB  . PHE A 1 135 ? 2.244   6.935   -3.868  1.00 37.24 ? 135 PHE A CB  1 
ATOM   1119 C  CG  . PHE A 1 135 ? 1.145   7.154   -4.873  1.00 41.55 ? 135 PHE A CG  1 
ATOM   1120 C  CD1 . PHE A 1 135 ? 0.905   8.412   -5.394  1.00 34.95 ? 135 PHE A CD1 1 
ATOM   1121 C  CD2 . PHE A 1 135 ? 0.359   6.110   -5.293  1.00 38.51 ? 135 PHE A CD2 1 
ATOM   1122 C  CE1 . PHE A 1 135 ? -0.109  8.636   -6.293  1.00 38.57 ? 135 PHE A CE1 1 
ATOM   1123 C  CE2 . PHE A 1 135 ? -0.649  6.330   -6.210  1.00 36.03 ? 135 PHE A CE2 1 
ATOM   1124 C  CZ  . PHE A 1 135 ? -0.877  7.609   -6.708  1.00 34.06 ? 135 PHE A CZ  1 
ATOM   1125 N  N   . ARG A 1 136 ? 5.324   8.002   -3.060  1.00 44.10 ? 136 ARG A N   1 
ATOM   1126 C  CA  . ARG A 1 136 ? 6.218   8.078   -1.907  1.00 43.41 ? 136 ARG A CA  1 
ATOM   1127 C  C   . ARG A 1 136 ? 5.408   8.492   -0.682  1.00 43.06 ? 136 ARG A C   1 
ATOM   1128 O  O   . ARG A 1 136 ? 4.737   9.525   -0.710  1.00 43.29 ? 136 ARG A O   1 
ATOM   1129 C  CB  . ARG A 1 136 ? 7.349   9.067   -2.184  1.00 48.29 ? 136 ARG A CB  1 
ATOM   1130 C  CG  . ARG A 1 136 ? 8.370   8.546   -3.184  1.00 51.52 ? 136 ARG A CG  1 
ATOM   1131 C  CD  . ARG A 1 136 ? 9.283   9.642   -3.661  1.00 56.00 ? 136 ARG A CD  1 
ATOM   1132 N  NE  . ARG A 1 136 ? 10.641  9.157   -3.872  1.00 60.81 ? 136 ARG A NE  1 
ATOM   1133 C  CZ  . ARG A 1 136 ? 11.111  8.699   -5.029  1.00 62.55 ? 136 ARG A CZ  1 
ATOM   1134 N  NH1 . ARG A 1 136 ? 10.336  8.656   -6.103  1.00 56.96 ? 136 ARG A NH1 1 
ATOM   1135 N  NH2 . ARG A 1 136 ? 12.377  8.298   -5.114  1.00 65.63 ? 136 ARG A NH2 1 
ATOM   1136 N  N   . LEU A 1 137 ? 5.464   7.676   0.375   1.00 31.37 ? 137 LEU A N   1 
ATOM   1137 C  CA  . LEU A 1 137 ? 4.840   7.930   1.662   1.00 36.30 ? 137 LEU A CA  1 
ATOM   1138 C  C   . LEU A 1 137 ? 5.809   8.641   2.610   1.00 40.07 ? 137 LEU A C   1 
ATOM   1139 O  O   . LEU A 1 137 ? 7.019   8.694   2.381   1.00 39.05 ? 137 LEU A O   1 
ATOM   1140 C  CB  . LEU A 1 137 ? 4.405   6.611   2.309   1.00 32.83 ? 137 LEU A CB  1 
ATOM   1141 C  CG  . LEU A 1 137 ? 3.458   5.768   1.445   1.00 37.25 ? 137 LEU A CG  1 
ATOM   1142 C  CD1 . LEU A 1 137 ? 3.220   4.417   2.092   1.00 40.46 ? 137 LEU A CD1 1 
ATOM   1143 C  CD2 . LEU A 1 137 ? 2.150   6.509   1.213   1.00 37.98 ? 137 LEU A CD2 1 
ATOM   1144 N  N   . ALA A 1 138 ? 5.268   9.080   3.746   1.00 42.87 ? 138 ALA A N   1 
ATOM   1145 C  CA  . ALA A 1 138 ? 6.031   9.765   4.781   1.00 41.96 ? 138 ALA A CA  1 
ATOM   1146 C  C   . ALA A 1 138 ? 5.401   9.461   6.120   1.00 40.32 ? 138 ALA A C   1 
ATOM   1147 O  O   . ALA A 1 138 ? 4.208   9.159   6.195   1.00 38.47 ? 138 ALA A O   1 
ATOM   1148 C  CB  . ALA A 1 138 ? 6.041   11.278  4.593   1.00 44.02 ? 138 ALA A CB  1 
ATOM   1149 N  N   . GLU A 1 139 ? 6.222   9.530   7.174   1.00 38.77 ? 139 GLU A N   1 
ATOM   1150 C  CA  . GLU A 1 139 ? 5.781   9.519   8.571   1.00 37.33 ? 139 GLU A CA  1 
ATOM   1151 C  C   . GLU A 1 139 ? 5.200   8.193   9.000   1.00 35.56 ? 139 GLU A C   1 
ATOM   1152 O  O   . GLU A 1 139 ? 4.401   8.149   9.928   1.00 36.64 ? 139 GLU A O   1 
ATOM   1153 C  CB  . GLU A 1 139 ? 4.753   10.628  8.852   1.00 40.46 ? 139 GLU A CB  1 
ATOM   1154 C  CG  . GLU A 1 139 ? 5.135   12.039  8.345   1.00 44.91 ? 139 GLU A CG  1 
ATOM   1155 C  CD  . GLU A 1 139 ? 3.962   13.064  8.426   1.00 60.86 ? 139 GLU A CD  1 
ATOM   1156 O  OE1 . GLU A 1 139 ? 3.079   12.938  9.315   1.00 61.51 ? 139 GLU A OE1 1 
ATOM   1157 O  OE2 . GLU A 1 139 ? 3.917   13.995  7.583   1.00 54.40 ? 139 GLU A OE2 1 
ATOM   1158 N  N   . TYR A 1 140 ? 5.572   7.090   8.354   1.00 41.11 ? 140 TYR A N   1 
ATOM   1159 C  CA  . TYR A 1 140 ? 5.114   5.788   8.829   1.00 39.54 ? 140 TYR A CA  1 
ATOM   1160 C  C   . TYR A 1 140 ? 5.357   5.662   10.325  1.00 44.53 ? 140 TYR A C   1 
ATOM   1161 O  O   . TYR A 1 140 ? 6.422   6.016   10.827  1.00 41.44 ? 140 TYR A O   1 
ATOM   1162 C  CB  . TYR A 1 140 ? 5.829   4.629   8.105   1.00 38.09 ? 140 TYR A CB  1 
ATOM   1163 C  CG  . TYR A 1 140 ? 5.377   3.315   8.673   1.00 39.97 ? 140 TYR A CG  1 
ATOM   1164 C  CD1 . TYR A 1 140 ? 4.112   2.814   8.387   1.00 36.89 ? 140 TYR A CD1 1 
ATOM   1165 C  CD2 . TYR A 1 140 ? 6.195   2.577   9.533   1.00 38.43 ? 140 TYR A CD2 1 
ATOM   1166 C  CE1 . TYR A 1 140 ? 3.683   1.643   8.938   1.00 35.86 ? 140 TYR A CE1 1 
ATOM   1167 C  CE2 . TYR A 1 140 ? 5.753   1.398   10.084  1.00 38.09 ? 140 TYR A CE2 1 
ATOM   1168 C  CZ  . TYR A 1 140 ? 4.502   0.944   9.777   1.00 35.11 ? 140 TYR A CZ  1 
ATOM   1169 O  OH  . TYR A 1 140 ? 4.037   -0.228  10.312  1.00 39.80 ? 140 TYR A OH  1 
ATOM   1170 N  N   . ARG A 1 141 ? 4.364   5.155   11.047  1.00 41.22 ? 141 ARG A N   1 
ATOM   1171 C  CA  . ARG A 1 141 ? 4.565   4.851   12.448  1.00 42.87 ? 141 ARG A CA  1 
ATOM   1172 C  C   . ARG A 1 141 ? 3.843   3.553   12.747  1.00 41.41 ? 141 ARG A C   1 
ATOM   1173 O  O   . ARG A 1 141 ? 2.671   3.377   12.406  1.00 35.95 ? 141 ARG A O   1 
ATOM   1174 C  CB  . ARG A 1 141 ? 4.073   6.000   13.339  1.00 52.02 ? 141 ARG A CB  1 
ATOM   1175 C  CG  . ARG A 1 141 ? 4.760   6.098   14.726  1.00 64.18 ? 141 ARG A CG  1 
ATOM   1176 C  CD  . ARG A 1 141 ? 6.283   6.460   14.695  1.00 60.35 ? 141 ARG A CD  1 
ATOM   1177 N  NE  . ARG A 1 141 ? 6.555   7.804   14.160  1.00 60.92 ? 141 ARG A NE  1 
ATOM   1178 C  CZ  . ARG A 1 141 ? 7.774   8.298   13.896  1.00 70.38 ? 141 ARG A CZ  1 
ATOM   1179 N  NH1 . ARG A 1 141 ? 8.877   7.581   14.104  1.00 55.89 ? 141 ARG A NH1 1 
ATOM   1180 N  NH2 . ARG A 1 141 ? 7.903   9.524   13.411  1.00 72.53 ? 141 ARG A NH2 1 
ATOM   1181 N  N   . LYS A 1 142 ? 4.561   2.649   13.372  1.00 35.09 ? 142 LYS A N   1 
ATOM   1182 C  CA  . LYS A 1 142 ? 4.062   1.338   13.722  1.00 42.76 ? 142 LYS A CA  1 
ATOM   1183 C  C   . LYS A 1 142 ? 3.168   1.445   14.938  1.00 47.88 ? 142 LYS A C   1 
ATOM   1184 O  O   . LYS A 1 142 ? 3.512   2.124   15.902  1.00 48.96 ? 142 LYS A O   1 
ATOM   1185 C  CB  . LYS A 1 142 ? 5.244   0.402   14.010  1.00 42.45 ? 142 LYS A CB  1 
ATOM   1186 C  CG  . LYS A 1 142 ? 4.882   -1.033  14.404  1.00 46.30 ? 142 LYS A CG  1 
ATOM   1187 C  CD  . LYS A 1 142 ? 6.124   -1.826  14.899  1.00 50.60 ? 142 LYS A CD  1 
ATOM   1188 C  CE  . LYS A 1 142 ? 5.765   -3.254  15.351  1.00 54.58 ? 142 LYS A CE  1 
ATOM   1189 N  NZ  . LYS A 1 142 ? 4.937   -4.042  14.386  1.00 60.28 ? 142 LYS A NZ  1 
ATOM   1190 N  N   . TYR A 1 143 ? 2.025   0.756   14.903  1.00 39.32 ? 143 TYR A N   1 
ATOM   1191 C  CA  . TYR A 1 143 ? 1.164   0.723   16.078  1.00 42.14 ? 143 TYR A CA  1 
ATOM   1192 C  C   . TYR A 1 143 ? 1.874   -0.033  17.198  1.00 47.50 ? 143 TYR A C   1 
ATOM   1193 O  O   . TYR A 1 143 ? 2.441   -1.109  16.979  1.00 43.17 ? 143 TYR A O   1 
ATOM   1194 C  CB  . TYR A 1 143 ? -0.182  0.047   15.785  1.00 45.82 ? 143 TYR A CB  1 
ATOM   1195 C  CG  . TYR A 1 143 ? -1.121  0.812   14.829  1.00 40.32 ? 143 TYR A CG  1 
ATOM   1196 C  CD1 . TYR A 1 143 ? -1.249  2.189   14.899  1.00 37.84 ? 143 TYR A CD1 1 
ATOM   1197 C  CD2 . TYR A 1 143 ? -1.880  0.134   13.861  1.00 37.67 ? 143 TYR A CD2 1 
ATOM   1198 C  CE1 . TYR A 1 143 ? -2.090  2.881   14.032  1.00 40.68 ? 143 TYR A CE1 1 
ATOM   1199 C  CE2 . TYR A 1 143 ? -2.723  0.809   13.010  1.00 34.84 ? 143 TYR A CE2 1 
ATOM   1200 C  CZ  . TYR A 1 143 ? -2.836  2.182   13.095  1.00 36.38 ? 143 TYR A CZ  1 
ATOM   1201 O  OH  . TYR A 1 143 ? -3.683  2.854   12.216  1.00 39.84 ? 143 TYR A OH  1 
ATOM   1202 N  N   . GLU A 1 144 ? 1.782   0.492   18.419  1.00 44.75 ? 144 GLU A N   1 
ATOM   1203 C  CA  . GLU A 1 144 ? 2.412   -0.195  19.538  1.00 55.02 ? 144 GLU A CA  1 
ATOM   1204 C  C   . GLU A 1 144 ? 1.627   -1.422  19.960  1.00 48.66 ? 144 GLU A C   1 
ATOM   1205 O  O   . GLU A 1 144 ? 2.213   -2.382  20.467  1.00 47.16 ? 144 GLU A O   1 
ATOM   1206 C  CB  . GLU A 1 144 ? 2.603   0.781   20.690  1.00 56.09 ? 144 GLU A CB  1 
ATOM   1207 C  CG  . GLU A 1 144 ? 3.622   1.856   20.298  1.00 56.40 ? 144 GLU A CG  1 
ATOM   1208 C  CD  . GLU A 1 144 ? 4.351   2.458   21.484  1.00 58.10 ? 144 GLU A CD  1 
ATOM   1209 O  OE1 . GLU A 1 144 ? 3.892   2.223   22.622  1.00 51.83 ? 144 GLU A OE1 1 
ATOM   1210 O  OE2 . GLU A 1 144 ? 5.366   3.166   21.270  1.00 58.07 ? 144 GLU A OE2 1 
ATOM   1211 N  N   . ASN A 1 145 ? 0.322   -1.433  19.757  1.00 47.28 ? 145 ASN A N   1 
ATOM   1212 C  CA  . ASN A 1 145 ? -0.424  -2.688  19.800  1.00 50.10 ? 145 ASN A CA  1 
ATOM   1213 C  C   . ASN A 1 145 ? -0.957  -2.966  18.400  1.00 50.44 ? 145 ASN A C   1 
ATOM   1214 O  O   . ASN A 1 145 ? -1.824  -2.224  17.927  1.00 47.04 ? 145 ASN A O   1 
ATOM   1215 C  CB  . ASN A 1 145 ? -1.586  -2.644  20.802  1.00 54.88 ? 145 ASN A CB  1 
ATOM   1216 C  CG  . ASN A 1 145 ? -1.271  -1.836  22.053  1.00 62.34 ? 145 ASN A CG  1 
ATOM   1217 O  OD1 . ASN A 1 145 ? -1.773  -0.716  22.254  1.00 59.53 ? 145 ASN A OD1 1 
ATOM   1218 N  ND2 . ASN A 1 145 ? -0.443  -2.415  22.910  1.00 56.56 ? 145 ASN A ND2 1 
ATOM   1219 N  N   . PRO A 1 146 ? -0.490  -3.997  17.705  1.00 45.27 ? 146 PRO A N   1 
ATOM   1220 C  CA  . PRO A 1 146 ? -1.085  -4.331  16.404  1.00 45.23 ? 146 PRO A CA  1 
ATOM   1221 C  C   . PRO A 1 146 ? -2.591  -4.528  16.535  1.00 43.00 ? 146 PRO A C   1 
ATOM   1222 O  O   . PRO A 1 146 ? -3.087  -5.177  17.459  1.00 40.37 ? 146 PRO A O   1 
ATOM   1223 C  CB  . PRO A 1 146 ? -0.361  -5.621  15.993  1.00 41.37 ? 146 PRO A CB  1 
ATOM   1224 C  CG  . PRO A 1 146 ? 0.954   -5.559  16.752  1.00 50.61 ? 146 PRO A CG  1 
ATOM   1225 C  CD  . PRO A 1 146 ? 0.627   -4.880  18.058  1.00 46.14 ? 146 PRO A CD  1 
ATOM   1226 N  N   . VAL A 1 147 ? -3.327  -3.939  15.614  1.00 41.03 ? 147 VAL A N   1 
ATOM   1227 C  CA  . VAL A 1 147 ? -4.775  -4.074  15.608  1.00 38.42 ? 147 VAL A CA  1 
ATOM   1228 C  C   . VAL A 1 147 ? -5.139  -5.343  14.843  1.00 39.24 ? 147 VAL A C   1 
ATOM   1229 O  O   . VAL A 1 147 ? -5.033  -5.393  13.617  1.00 40.76 ? 147 VAL A O   1 
ATOM   1230 C  CB  . VAL A 1 147 ? -5.435  -2.833  15.004  1.00 34.87 ? 147 VAL A CB  1 
ATOM   1231 C  CG1 . VAL A 1 147 ? -6.917  -2.955  15.104  1.00 39.39 ? 147 VAL A CG1 1 
ATOM   1232 C  CG2 . VAL A 1 147 ? -4.984  -1.583  15.727  1.00 39.81 ? 147 VAL A CG2 1 
ATOM   1233 N  N   . LYS A 1 148 ? -5.584  -6.365  15.564  1.00 37.10 ? 148 LYS A N   1 
ATOM   1234 C  CA  . LYS A 1 148 ? -5.989  -7.609  14.933  1.00 42.66 ? 148 LYS A CA  1 
ATOM   1235 C  C   . LYS A 1 148 ? -7.309  -7.384  14.201  1.00 40.83 ? 148 LYS A C   1 
ATOM   1236 O  O   . LYS A 1 148 ? -8.159  -6.600  14.641  1.00 38.85 ? 148 LYS A O   1 
ATOM   1237 C  CB  . LYS A 1 148 ? -6.136  -8.735  15.972  1.00 41.51 ? 148 LYS A CB  1 
ATOM   1238 C  CG  . LYS A 1 148 ? -4.868  -9.114  16.792  1.00 52.19 ? 148 LYS A CG  1 
ATOM   1239 C  CD  . LYS A 1 148 ? -4.100  -10.300 16.167  1.00 62.54 ? 148 LYS A CD  1 
ATOM   1240 C  CE  . LYS A 1 148 ? -2.663  -10.472 16.728  1.00 75.43 ? 148 LYS A CE  1 
ATOM   1241 N  NZ  . LYS A 1 148 ? -2.601  -11.097 18.102  1.00 74.28 ? 148 LYS A NZ  1 
ATOM   1242 N  N   . TYR A 1 149 ? -7.450  -8.050  13.055  1.00 43.03 ? 149 TYR A N   1 
ATOM   1243 C  CA  . TYR A 1 149 ? -8.677  -7.975  12.270  1.00 42.39 ? 149 TYR A CA  1 
ATOM   1244 C  C   . TYR A 1 149 ? -9.908  -8.276  13.113  1.00 43.46 ? 149 TYR A C   1 
ATOM   1245 O  O   . TYR A 1 149 ? -10.935 -7.585  13.017  1.00 41.52 ? 149 TYR A O   1 
ATOM   1246 C  CB  . TYR A 1 149 ? -8.570  -8.961  11.110  1.00 50.31 ? 149 TYR A CB  1 
ATOM   1247 C  CG  . TYR A 1 149 ? -9.870  -9.207  10.381  1.00 50.12 ? 149 TYR A CG  1 
ATOM   1248 C  CD1 . TYR A 1 149 ? -10.554 -8.168  9.784   1.00 49.22 ? 149 TYR A CD1 1 
ATOM   1249 C  CD2 . TYR A 1 149 ? -10.405 -10.490 10.292  1.00 56.83 ? 149 TYR A CD2 1 
ATOM   1250 C  CE1 . TYR A 1 149 ? -11.754 -8.392  9.123   1.00 56.81 ? 149 TYR A CE1 1 
ATOM   1251 C  CE2 . TYR A 1 149 ? -11.598 -10.731 9.633   1.00 61.43 ? 149 TYR A CE2 1 
ATOM   1252 C  CZ  . TYR A 1 149 ? -12.272 -9.681  9.044   1.00 56.41 ? 149 TYR A CZ  1 
ATOM   1253 O  OH  . TYR A 1 149 ? -13.474 -9.910  8.383   1.00 62.69 ? 149 TYR A OH  1 
ATOM   1254 N  N   . ASP A 1 150 ? -9.826  -9.309  13.955  1.00 49.31 ? 150 ASP A N   1 
ATOM   1255 C  CA  . ASP A 1 150 ? -10.967 -9.685  14.785  1.00 46.55 ? 150 ASP A CA  1 
ATOM   1256 C  C   . ASP A 1 150 ? -11.457 -8.534  15.664  1.00 49.25 ? 150 ASP A C   1 
ATOM   1257 O  O   . ASP A 1 150 ? -12.631 -8.516  16.044  1.00 55.24 ? 150 ASP A O   1 
ATOM   1258 C  CB  . ASP A 1 150 ? -10.597 -10.893 15.641  1.00 53.45 ? 150 ASP A CB  1 
ATOM   1259 C  CG  . ASP A 1 150 ? -11.800 -11.520 16.296  1.00 67.18 ? 150 ASP A CG  1 
ATOM   1260 O  OD1 . ASP A 1 150 ? -12.651 -12.089 15.567  1.00 76.91 ? 150 ASP A OD1 1 
ATOM   1261 O  OD2 . ASP A 1 150 ? -11.904 -11.430 17.538  1.00 74.71 ? 150 ASP A OD2 1 
ATOM   1262 N  N   . GLN A 1 151 ? -10.608 -7.550  15.965  1.00 44.58 ? 151 GLN A N   1 
ATOM   1263 C  CA  . GLN A 1 151 ? -11.056 -6.416  16.759  1.00 46.00 ? 151 GLN A CA  1 
ATOM   1264 C  C   . GLN A 1 151 ? -11.973 -5.480  15.989  1.00 47.66 ? 151 GLN A C   1 
ATOM   1265 O  O   . GLN A 1 151 ? -12.687 -4.693  16.615  1.00 45.68 ? 151 GLN A O   1 
ATOM   1266 C  CB  . GLN A 1 151 ? -9.864  -5.606  17.265  1.00 46.36 ? 151 GLN A CB  1 
ATOM   1267 C  CG  . GLN A 1 151 ? -9.023  -6.235  18.388  1.00 50.31 ? 151 GLN A CG  1 
ATOM   1268 C  CD  . GLN A 1 151 ? -7.761  -5.434  18.671  1.00 45.89 ? 151 GLN A CD  1 
ATOM   1269 O  OE1 . GLN A 1 151 ? -6.682  -5.788  18.203  1.00 41.76 ? 151 GLN A OE1 1 
ATOM   1270 N  NE2 . GLN A 1 151 ? -7.897  -4.331  19.409  1.00 47.84 ? 151 GLN A NE2 1 
ATOM   1271 N  N   . VAL A 1 152 ? -11.952 -5.504  14.657  1.00 47.54 ? 152 VAL A N   1 
ATOM   1272 C  CA  . VAL A 1 152 ? -12.716 -4.529  13.891  1.00 41.61 ? 152 VAL A CA  1 
ATOM   1273 C  C   . VAL A 1 152 ? -13.504 -5.208  12.777  1.00 50.73 ? 152 VAL A C   1 
ATOM   1274 O  O   . VAL A 1 152 ? -14.001 -4.535  11.870  1.00 45.05 ? 152 VAL A O   1 
ATOM   1275 C  CB  . VAL A 1 152 ? -11.809 -3.431  13.313  1.00 42.35 ? 152 VAL A CB  1 
ATOM   1276 C  CG1 . VAL A 1 152 ? -11.160 -2.676  14.415  1.00 47.30 ? 152 VAL A CG1 1 
ATOM   1277 C  CG2 . VAL A 1 152 ? -10.746 -4.019  12.369  1.00 42.62 ? 152 VAL A CG2 1 
ATOM   1278 N  N   . ARG A 1 153 ? -13.672 -6.528  12.873  1.00 48.43 ? 153 ARG A N   1 
ATOM   1279 C  CA  . ARG A 1 153 ? -14.239 -7.302  11.773  1.00 48.55 ? 153 ARG A CA  1 
ATOM   1280 C  C   . ARG A 1 153 ? -15.678 -6.902  11.470  1.00 52.64 ? 153 ARG A C   1 
ATOM   1281 O  O   . ARG A 1 153 ? -16.137 -7.082  10.343  1.00 46.15 ? 153 ARG A O   1 
ATOM   1282 C  CB  . ARG A 1 153 ? -14.159 -8.800  12.096  1.00 50.91 ? 153 ARG A CB  1 
ATOM   1283 C  CG  . ARG A 1 153 ? -14.908 -9.239  13.347  1.00 52.66 ? 153 ARG A CG  1 
ATOM   1284 C  CD  . ARG A 1 153 ? -14.776 -10.750 13.597  1.00 58.37 ? 153 ARG A CD  1 
ATOM   1285 N  NE  . ARG A 1 153 ? -15.108 -11.543 12.410  1.00 69.12 ? 153 ARG A NE  1 
ATOM   1286 C  CZ  . ARG A 1 153 ? -14.246 -12.279 11.703  1.00 75.20 ? 153 ARG A CZ  1 
ATOM   1287 N  NH1 . ARG A 1 153 ? -12.966 -12.361 12.045  1.00 74.42 ? 153 ARG A NH1 1 
ATOM   1288 N  NH2 . ARG A 1 153 ? -14.669 -12.954 10.640  1.00 79.82 ? 153 ARG A NH2 1 
ATOM   1289 N  N   . ASP A 1 154 ? -16.401 -6.374  12.452  1.00 55.03 ? 154 ASP A N   1 
ATOM   1290 C  CA  . ASP A 1 154 ? -17.786 -5.984  12.260  1.00 56.12 ? 154 ASP A CA  1 
ATOM   1291 C  C   . ASP A 1 154 ? -17.912 -4.525  11.868  1.00 57.51 ? 154 ASP A C   1 
ATOM   1292 O  O   . ASP A 1 154 ? -19.030 -4.044  11.681  1.00 56.84 ? 154 ASP A O   1 
ATOM   1293 C  CB  . ASP A 1 154 ? -18.596 -6.292  13.529  1.00 58.33 ? 154 ASP A CB  1 
ATOM   1294 C  CG  . ASP A 1 154 ? -18.808 -7.804  13.730  1.00 65.10 ? 154 ASP A CG  1 
ATOM   1295 O  OD1 . ASP A 1 154 ? -19.110 -8.496  12.735  1.00 69.74 ? 154 ASP A OD1 1 
ATOM   1296 O  OD2 . ASP A 1 154 ? -18.653 -8.308  14.863  1.00 67.83 ? 154 ASP A OD2 1 
ATOM   1297 N  N   . ILE A 1 155 ? -16.789 -3.848  11.662  1.00 50.98 ? 155 ILE A N   1 
ATOM   1298 C  CA  . ILE A 1 155 ? -16.746 -2.431  11.338  1.00 45.91 ? 155 ILE A CA  1 
ATOM   1299 C  C   . ILE A 1 155 ? -16.329 -2.214  9.891   1.00 55.12 ? 155 ILE A C   1 
ATOM   1300 O  O   . ILE A 1 155 ? -17.024 -1.536  9.124   1.00 45.68 ? 155 ILE A O   1 
ATOM   1301 C  CB  . ILE A 1 155 ? -15.793 -1.696  12.300  1.00 54.70 ? 155 ILE A CB  1 
ATOM   1302 C  CG1 . ILE A 1 155 ? -16.400 -1.678  13.695  1.00 54.19 ? 155 ILE A CG1 1 
ATOM   1303 C  CG2 . ILE A 1 155 ? -15.491 -0.291  11.800  1.00 60.65 ? 155 ILE A CG2 1 
ATOM   1304 C  CD1 . ILE A 1 155 ? -15.382 -1.468  14.776  1.00 48.82 ? 155 ILE A CD1 1 
ATOM   1305 N  N   . ILE A 1 156 ? -15.186 -2.773  9.507   1.00 44.81 ? 156 ILE A N   1 
ATOM   1306 C  CA  . ILE A 1 156 ? -14.732 -2.753  8.118   1.00 53.12 ? 156 ILE A CA  1 
ATOM   1307 C  C   . ILE A 1 156 ? -15.210 -4.029  7.430   1.00 53.35 ? 156 ILE A C   1 
ATOM   1308 O  O   . ILE A 1 156 ? -15.628 -4.984  8.092   1.00 52.41 ? 156 ILE A O   1 
ATOM   1309 C  CB  . ILE A 1 156 ? -13.199 -2.583  8.018   1.00 51.75 ? 156 ILE A CB  1 
ATOM   1310 C  CG1 . ILE A 1 156 ? -12.425 -3.544  8.944   1.00 57.99 ? 156 ILE A CG1 1 
ATOM   1311 C  CG2 . ILE A 1 156 ? -12.800 -1.140  8.365   1.00 51.15 ? 156 ILE A CG2 1 
ATOM   1312 C  CD1 . ILE A 1 156 ? -12.164 -4.950  8.376   1.00 52.59 ? 156 ILE A CD1 1 
ATOM   1313 N  N   . SER A 1 157 ? -15.146 -4.073  6.103   1.00 47.24 ? 157 SER A N   1 
ATOM   1314 C  CA  . SER A 1 157 ? -15.690 -5.201  5.371   1.00 49.10 ? 157 SER A CA  1 
ATOM   1315 C  C   . SER A 1 157 ? -14.568 -5.882  4.600   1.00 47.07 ? 157 SER A C   1 
ATOM   1316 O  O   . SER A 1 157 ? -14.344 -5.618  3.414   1.00 53.66 ? 157 SER A O   1 
ATOM   1317 C  CB  . SER A 1 157 ? -16.835 -4.752  4.442   1.00 43.22 ? 157 SER A CB  1 
ATOM   1318 O  OG  . SER A 1 157 ? -17.550 -5.912  4.053   1.00 58.03 ? 157 SER A OG  1 
ATOM   1319 N  N   . HIS A 1 158 ? -13.900 -6.804  5.276   1.00 45.49 ? 158 HIS A N   1 
ATOM   1320 C  CA  . HIS A 1 158 ? -12.773 -7.521  4.692   1.00 48.26 ? 158 HIS A CA  1 
ATOM   1321 C  C   . HIS A 1 158 ? -13.182 -8.315  3.451   1.00 39.78 ? 158 HIS A C   1 
ATOM   1322 O  O   . HIS A 1 158 ? -12.376 -8.473  2.533   1.00 40.68 ? 158 HIS A O   1 
ATOM   1323 C  CB  . HIS A 1 158 ? -12.163 -8.424  5.780   1.00 43.79 ? 158 HIS A CB  1 
ATOM   1324 C  CG  . HIS A 1 158 ? -11.061 -9.315  5.311   1.00 48.81 ? 158 HIS A CG  1 
ATOM   1325 N  ND1 . HIS A 1 158 ? -11.293 -10.543 4.731   1.00 57.08 ? 158 HIS A ND1 1 
ATOM   1326 C  CD2 . HIS A 1 158 ? -9.713  -9.191  5.401   1.00 62.04 ? 158 HIS A CD2 1 
ATOM   1327 C  CE1 . HIS A 1 158 ? -10.140 -11.116 4.436   1.00 57.30 ? 158 HIS A CE1 1 
ATOM   1328 N  NE2 . HIS A 1 158 ? -9.163  -10.320 4.842   1.00 63.06 ? 158 HIS A NE2 1 
ATOM   1329 N  N   . ILE A 1 159 ? -14.433 -8.785  3.378   1.00 45.22 ? 159 ILE A N   1 
ATOM   1330 C  CA  . ILE A 1 159 ? -14.819 -9.639  2.256   1.00 40.71 ? 159 ILE A CA  1 
ATOM   1331 C  C   . ILE A 1 159 ? -14.721 -8.884  0.928   1.00 40.14 ? 159 ILE A C   1 
ATOM   1332 O  O   . ILE A 1 159 ? -14.507 -9.494  -0.126  1.00 42.31 ? 159 ILE A O   1 
ATOM   1333 C  CB  . ILE A 1 159 ? -16.226 -10.225 2.509   1.00 44.61 ? 159 ILE A CB  1 
ATOM   1334 C  CG1 . ILE A 1 159 ? -16.566 -11.293 1.478   1.00 50.62 ? 159 ILE A CG1 1 
ATOM   1335 C  CG2 . ILE A 1 159 ? -17.299 -9.139  2.511   1.00 47.57 ? 159 ILE A CG2 1 
ATOM   1336 C  CD1 . ILE A 1 159 ? -15.587 -12.415 1.450   1.00 62.07 ? 159 ILE A CD1 1 
ATOM   1337 N  N   . THR A 1 160 ? -14.827 -7.554  0.952   1.00 38.58 ? 160 THR A N   1 
ATOM   1338 C  CA  . THR A 1 160 ? -14.754 -6.779  -0.279  1.00 38.28 ? 160 THR A CA  1 
ATOM   1339 C  C   . THR A 1 160 ? -13.332 -6.497  -0.708  1.00 37.95 ? 160 THR A C   1 
ATOM   1340 O  O   . THR A 1 160 ? -13.136 -5.972  -1.808  1.00 39.69 ? 160 THR A O   1 
ATOM   1341 C  CB  . THR A 1 160 ? -15.528 -5.452  -0.155  1.00 40.82 ? 160 THR A CB  1 
ATOM   1342 O  OG1 . THR A 1 160 ? -14.866 -4.549  0.727   1.00 37.94 ? 160 THR A OG1 1 
ATOM   1343 C  CG2 . THR A 1 160 ? -16.923 -5.677  0.376   1.00 38.82 ? 160 THR A CG2 1 
ATOM   1344 N  N   . TRP A 1 161 ? -12.343 -6.886  0.110   1.00 37.89 ? 161 TRP A N   1 
ATOM   1345 C  CA  . TRP A 1 161 ? -10.934 -6.634  -0.128  1.00 39.82 ? 161 TRP A CA  1 
ATOM   1346 C  C   . TRP A 1 161 ? -10.273 -7.712  -0.971  1.00 42.19 ? 161 TRP A C   1 
ATOM   1347 O  O   . TRP A 1 161 ? -9.084  -7.594  -1.302  1.00 32.65 ? 161 TRP A O   1 
ATOM   1348 C  CB  . TRP A 1 161 ? -10.205 -6.518  1.223   1.00 39.74 ? 161 TRP A CB  1 
ATOM   1349 C  CG  . TRP A 1 161 ? -10.624 -5.318  2.001   1.00 37.55 ? 161 TRP A CG  1 
ATOM   1350 C  CD1 . TRP A 1 161 ? -11.575 -4.409  1.645   1.00 37.96 ? 161 TRP A CD1 1 
ATOM   1351 C  CD2 . TRP A 1 161 ? -10.115 -4.886  3.275   1.00 36.47 ? 161 TRP A CD2 1 
ATOM   1352 N  NE1 . TRP A 1 161 ? -11.672 -3.428  2.598   1.00 35.43 ? 161 TRP A NE1 1 
ATOM   1353 C  CE2 . TRP A 1 161 ? -10.804 -3.700  3.614   1.00 37.40 ? 161 TRP A CE2 1 
ATOM   1354 C  CE3 . TRP A 1 161 ? -9.152  -5.387  4.160   1.00 37.10 ? 161 TRP A CE3 1 
ATOM   1355 C  CZ2 . TRP A 1 161 ? -10.567 -3.009  4.791   1.00 40.32 ? 161 TRP A CZ2 1 
ATOM   1356 C  CZ3 . TRP A 1 161 ? -8.910  -4.695  5.327   1.00 34.88 ? 161 TRP A CZ3 1 
ATOM   1357 C  CH2 . TRP A 1 161 ? -9.606  -3.509  5.629   1.00 36.45 ? 161 TRP A CH2 1 
ATOM   1358 N  N   . THR A 1 162 ? -11.016 -8.748  -1.335  1.00 39.76 ? 162 THR A N   1 
ATOM   1359 C  CA  . THR A 1 162 ? -10.420 -9.882  -2.029  1.00 43.04 ? 162 THR A CA  1 
ATOM   1360 C  C   . THR A 1 162 ? -9.768  -9.425  -3.324  1.00 43.45 ? 162 THR A C   1 
ATOM   1361 O  O   . THR A 1 162 ? -10.383 -8.738  -4.144  1.00 37.45 ? 162 THR A O   1 
ATOM   1362 C  CB  . THR A 1 162 ? -11.488 -10.945 -2.309  1.00 51.65 ? 162 THR A CB  1 
ATOM   1363 O  OG1 . THR A 1 162 ? -12.190 -11.244 -1.094  1.00 60.20 ? 162 THR A OG1 1 
ATOM   1364 C  CG2 . THR A 1 162 ? -10.857 -12.209 -2.797  1.00 49.87 ? 162 THR A CG2 1 
ATOM   1365 N  N   . GLY A 1 163 ? -8.501  -9.780  -3.490  1.00 36.25 ? 163 GLY A N   1 
ATOM   1366 C  CA  . GLY A 1 163 ? -7.759  -9.436  -4.690  1.00 36.71 ? 163 GLY A CA  1 
ATOM   1367 C  C   . GLY A 1 163 ? -7.404  -7.981  -4.841  1.00 38.54 ? 163 GLY A C   1 
ATOM   1368 O  O   . GLY A 1 163 ? -7.073  -7.550  -5.953  1.00 41.52 ? 163 GLY A O   1 
ATOM   1369 N  N   . ARG A 1 164 ? -7.520  -7.190  -3.785  1.00 34.56 ? 164 ARG A N   1 
ATOM   1370 C  CA  . ARG A 1 164 ? -7.240  -5.766  -3.863  1.00 34.99 ? 164 ARG A CA  1 
ATOM   1371 C  C   . ARG A 1 164 ? -5.871  -5.458  -3.297  1.00 35.01 ? 164 ARG A C   1 
ATOM   1372 O  O   . ARG A 1 164 ? -5.371  -6.168  -2.437  1.00 27.17 ? 164 ARG A O   1 
ATOM   1373 C  CB  . ARG A 1 164 ? -8.282  -4.975  -3.073  1.00 40.37 ? 164 ARG A CB  1 
ATOM   1374 C  CG  . ARG A 1 164 ? -9.724  -5.207  -3.531  1.00 39.79 ? 164 ARG A CG  1 
ATOM   1375 C  CD  . ARG A 1 164 ? -10.010 -4.514  -4.792  1.00 38.05 ? 164 ARG A CD  1 
ATOM   1376 N  NE  . ARG A 1 164 ? -11.419 -4.647  -5.154  1.00 37.45 ? 164 ARG A NE  1 
ATOM   1377 C  CZ  . ARG A 1 164 ? -11.926 -4.135  -6.273  1.00 37.71 ? 164 ARG A CZ  1 
ATOM   1378 N  NH1 . ARG A 1 164 ? -11.130 -3.466  -7.122  1.00 33.49 ? 164 ARG A NH1 1 
ATOM   1379 N  NH2 . ARG A 1 164 ? -13.212 -4.308  -6.566  1.00 39.55 ? 164 ARG A NH2 1 
ATOM   1380 N  N   . TYR A 1 165 ? -5.315  -4.326  -3.721  1.00 36.98 ? 165 TYR A N   1 
ATOM   1381 C  CA  . TYR A 1 165 ? -4.097  -3.787  -3.139  1.00 39.47 ? 165 TYR A CA  1 
ATOM   1382 C  C   . TYR A 1 165 ? -4.364  -2.531  -2.319  1.00 35.28 ? 165 TYR A C   1 
ATOM   1383 O  O   . TYR A 1 165 ? -3.869  -2.409  -1.202  1.00 31.78 ? 165 TYR A O   1 
ATOM   1384 C  CB  . TYR A 1 165 ? -3.055  -3.497  -4.251  1.00 39.46 ? 165 TYR A CB  1 
ATOM   1385 C  CG  . TYR A 1 165 ? -1.803  -2.771  -3.760  1.00 34.67 ? 165 TYR A CG  1 
ATOM   1386 C  CD1 . TYR A 1 165 ? -1.074  -3.232  -2.678  1.00 34.64 ? 165 TYR A CD1 1 
ATOM   1387 C  CD2 . TYR A 1 165 ? -1.369  -1.611  -4.387  1.00 35.45 ? 165 TYR A CD2 1 
ATOM   1388 C  CE1 . TYR A 1 165 ? 0.039   -2.560  -2.239  1.00 33.35 ? 165 TYR A CE1 1 
ATOM   1389 C  CE2 . TYR A 1 165 ? -0.270  -0.934  -3.948  1.00 36.42 ? 165 TYR A CE2 1 
ATOM   1390 C  CZ  . TYR A 1 165 ? 0.436   -1.414  -2.877  1.00 37.70 ? 165 TYR A CZ  1 
ATOM   1391 O  OH  . TYR A 1 165 ? 1.539   -0.736  -2.427  1.00 35.11 ? 165 TYR A OH  1 
ATOM   1392 N  N   . LEU A 1 166 ? -5.143  -1.592  -2.834  1.00 31.40 ? 166 LEU A N   1 
ATOM   1393 C  CA  . LEU A 1 166 ? -5.519  -0.385  -2.104  1.00 32.24 ? 166 LEU A CA  1 
ATOM   1394 C  C   . LEU A 1 166 ? -7.032  -0.269  -2.050  1.00 40.06 ? 166 LEU A C   1 
ATOM   1395 O  O   . LEU A 1 166 ? -7.692  -0.339  -3.091  1.00 32.29 ? 166 LEU A O   1 
ATOM   1396 C  CB  . LEU A 1 166 ? -4.942  0.853   -2.768  1.00 33.25 ? 166 LEU A CB  1 
ATOM   1397 C  CG  . LEU A 1 166 ? -3.431  0.877   -2.847  1.00 36.31 ? 166 LEU A CG  1 
ATOM   1398 C  CD1 . LEU A 1 166 ? -2.924  1.933   -3.852  1.00 37.84 ? 166 LEU A CD1 1 
ATOM   1399 C  CD2 . LEU A 1 166 ? -2.909  1.141   -1.457  1.00 35.64 ? 166 LEU A CD2 1 
ATOM   1400 N  N   . VAL A 1 167 ? -7.582  -0.113  -0.844  1.00 35.28 ? 167 VAL A N   1 
ATOM   1401 C  CA  . VAL A 1 167 ? -9.030  0.040   -0.722  1.00 28.70 ? 167 VAL A CA  1 
ATOM   1402 C  C   . VAL A 1 167 ? -9.368  1.275   0.107   1.00 32.17 ? 167 VAL A C   1 
ATOM   1403 O  O   . VAL A 1 167 ? -8.653  1.601   1.071   1.00 30.43 ? 167 VAL A O   1 
ATOM   1404 C  CB  . VAL A 1 167 ? -9.675  -1.219  -0.112  1.00 33.55 ? 167 VAL A CB  1 
ATOM   1405 C  CG1 . VAL A 1 167 ? -9.518  -2.430  -1.071  1.00 32.90 ? 167 VAL A CG1 1 
ATOM   1406 C  CG2 . VAL A 1 167 ? -9.054  -1.525  1.243   1.00 36.43 ? 167 VAL A CG2 1 
ATOM   1407 N  N   . PRO A 1 168 ? -10.450 1.965   -0.232  1.00 32.66 ? 168 PRO A N   1 
ATOM   1408 C  CA  . PRO A 1 168 ? -10.899 3.129   0.530   1.00 27.66 ? 168 PRO A CA  1 
ATOM   1409 C  C   . PRO A 1 168 ? -11.638 2.685   1.776   1.00 29.13 ? 168 PRO A C   1 
ATOM   1410 O  O   . PRO A 1 168 ? -12.324 1.666   1.765   1.00 28.03 ? 168 PRO A O   1 
ATOM   1411 C  CB  . PRO A 1 168 ? -11.860 3.813   -0.465  1.00 32.09 ? 168 PRO A CB  1 
ATOM   1412 C  CG  . PRO A 1 168 ? -12.485 2.671   -1.147  1.00 31.15 ? 168 PRO A CG  1 
ATOM   1413 C  CD  . PRO A 1 168 ? -11.425 1.608   -1.278  1.00 31.94 ? 168 PRO A CD  1 
ATOM   1414 N  N   . ILE A 1 169 ? -11.507 3.469   2.855   1.00 32.36 ? 169 ILE A N   1 
ATOM   1415 C  CA  . ILE A 1 169 ? -12.327 3.277   4.050   1.00 30.71 ? 169 ILE A CA  1 
ATOM   1416 C  C   . ILE A 1 169 ? -12.939 4.610   4.498   1.00 29.83 ? 169 ILE A C   1 
ATOM   1417 O  O   . ILE A 1 169 ? -12.495 5.705   4.136   1.00 28.69 ? 169 ILE A O   1 
ATOM   1418 C  CB  . ILE A 1 169 ? -11.535 2.610   5.227   1.00 29.89 ? 169 ILE A CB  1 
ATOM   1419 C  CG1 . ILE A 1 169 ? -10.351 3.468   5.667   1.00 33.09 ? 169 ILE A CG1 1 
ATOM   1420 C  CG2 . ILE A 1 169 ? -11.059 1.241   4.818   1.00 35.48 ? 169 ILE A CG2 1 
ATOM   1421 C  CD1 . ILE A 1 169 ? -9.599  2.979   7.012   1.00 32.54 ? 169 ILE A CD1 1 
ATOM   1422 N  N   . ARG A 1 170 ? -13.968 4.512   5.293   1.00 32.41 ? 170 ARG A N   1 
ATOM   1423 C  CA  . ARG A 1 170 ? -14.657 5.730   5.711   1.00 38.70 ? 170 ARG A CA  1 
ATOM   1424 C  C   . ARG A 1 170 ? -13.876 6.439   6.816   1.00 42.08 ? 170 ARG A C   1 
ATOM   1425 O  O   . ARG A 1 170 ? -13.027 5.823   7.473   1.00 33.68 ? 170 ARG A O   1 
ATOM   1426 C  CB  . ARG A 1 170 ? -16.036 5.384   6.223   1.00 38.12 ? 170 ARG A CB  1 
ATOM   1427 C  CG  . ARG A 1 170 ? -16.925 4.685   5.181   1.00 41.86 ? 170 ARG A CG  1 
ATOM   1428 C  CD  . ARG A 1 170 ? -18.217 4.169   5.844   1.00 51.77 ? 170 ARG A CD  1 
ATOM   1429 N  NE  . ARG A 1 170 ? -17.877 3.047   6.722   1.00 57.37 ? 170 ARG A NE  1 
ATOM   1430 C  CZ  . ARG A 1 170 ? -18.663 2.542   7.673   1.00 65.88 ? 170 ARG A CZ  1 
ATOM   1431 N  NH1 . ARG A 1 170 ? -19.881 3.053   7.885   1.00 64.70 ? 170 ARG A NH1 1 
ATOM   1432 N  NH2 . ARG A 1 170 ? -18.218 1.512   8.407   1.00 53.12 ? 170 ARG A NH2 1 
ATOM   1433 N  N   . PRO A 1 171 ? -14.139 7.737   7.049   1.00 39.73 ? 171 PRO A N   1 
ATOM   1434 C  CA  . PRO A 1 171 ? -13.412 8.415   8.147   1.00 42.60 ? 171 PRO A CA  1 
ATOM   1435 C  C   . PRO A 1 171 ? -13.591 7.728   9.483   1.00 43.18 ? 171 PRO A C   1 
ATOM   1436 O  O   . PRO A 1 171 ? -12.632 7.606   10.249  1.00 41.68 ? 171 PRO A O   1 
ATOM   1437 C  CB  . PRO A 1 171 ? -13.999 9.834   8.143   1.00 41.27 ? 171 PRO A CB  1 
ATOM   1438 C  CG  . PRO A 1 171 ? -14.366 10.081  6.683   1.00 43.52 ? 171 PRO A CG  1 
ATOM   1439 C  CD  . PRO A 1 171 ? -14.832 8.704   6.170   1.00 35.44 ? 171 PRO A CD  1 
ATOM   1440 N  N   . GLU A 1 172 ? -14.785 7.226   9.765   1.00 39.27 ? 172 GLU A N   1 
ATOM   1441 C  CA  . GLU A 1 172 ? -15.022 6.565   11.033  1.00 45.52 ? 172 GLU A CA  1 
ATOM   1442 C  C   . GLU A 1 172 ? -14.315 5.213   11.113  1.00 47.83 ? 172 GLU A C   1 
ATOM   1443 O  O   . GLU A 1 172 ? -14.030 4.731   12.218  1.00 43.03 ? 172 GLU A O   1 
ATOM   1444 C  CB  . GLU A 1 172 ? -16.538 6.434   11.240  1.00 47.78 ? 172 GLU A CB  1 
ATOM   1445 C  CG  . GLU A 1 172 ? -17.238 5.650   10.173  1.00 53.70 ? 172 GLU A CG  1 
ATOM   1446 C  CD  . GLU A 1 172 ? -17.986 6.510   9.147   1.00 53.79 ? 172 GLU A CD  1 
ATOM   1447 O  OE1 . GLU A 1 172 ? -19.058 6.032   8.717   1.00 52.39 ? 172 GLU A OE1 1 
ATOM   1448 O  OE2 . GLU A 1 172 ? -17.504 7.627   8.764   1.00 47.49 ? 172 GLU A OE2 1 
ATOM   1449 N  N   . ASP A 1 173 ? -14.026 4.570   9.972   1.00 41.95 ? 173 ASP A N   1 
ATOM   1450 C  CA  . ASP A 1 173 ? -13.288 3.310   10.018  1.00 37.34 ? 173 ASP A CA  1 
ATOM   1451 C  C   . ASP A 1 173 ? -11.828 3.567   10.358  1.00 37.13 ? 173 ASP A C   1 
ATOM   1452 O  O   . ASP A 1 173 ? -11.223 2.808   11.116  1.00 37.82 ? 173 ASP A O   1 
ATOM   1453 C  CB  . ASP A 1 173 ? -13.372 2.550   8.687   1.00 40.48 ? 173 ASP A CB  1 
ATOM   1454 C  CG  . ASP A 1 173 ? -14.798 2.275   8.246   1.00 46.06 ? 173 ASP A CG  1 
ATOM   1455 O  OD1 . ASP A 1 173 ? -15.659 2.117   9.134   1.00 48.16 ? 173 ASP A OD1 1 
ATOM   1456 O  OD2 . ASP A 1 173 ? -15.037 2.233   7.014   1.00 47.80 ? 173 ASP A OD2 1 
ATOM   1457 N  N   . TYR A 1 174 ? -11.254 4.624   9.783   1.00 33.95 ? 174 TYR A N   1 
ATOM   1458 C  CA  . TYR A 1 174 ? -9.931  5.097   10.177  1.00 37.45 ? 174 TYR A CA  1 
ATOM   1459 C  C   . TYR A 1 174 ? -9.849  5.353   11.680  1.00 41.65 ? 174 TYR A C   1 
ATOM   1460 O  O   . TYR A 1 174 ? -8.958  4.844   12.361  1.00 36.98 ? 174 TYR A O   1 
ATOM   1461 C  CB  . TYR A 1 174 ? -9.594  6.373   9.407   1.00 35.75 ? 174 TYR A CB  1 
ATOM   1462 C  CG  . TYR A 1 174 ? -8.340  6.982   9.923   1.00 45.90 ? 174 TYR A CG  1 
ATOM   1463 C  CD1 . TYR A 1 174 ? -7.088  6.497   9.514   1.00 42.00 ? 174 TYR A CD1 1 
ATOM   1464 C  CD2 . TYR A 1 174 ? -8.381  7.999   10.870  1.00 43.77 ? 174 TYR A CD2 1 
ATOM   1465 C  CE1 . TYR A 1 174 ? -5.923  7.028   10.014  1.00 39.61 ? 174 TYR A CE1 1 
ATOM   1466 C  CE2 . TYR A 1 174 ? -7.210  8.531   11.388  1.00 44.18 ? 174 TYR A CE2 1 
ATOM   1467 C  CZ  . TYR A 1 174 ? -5.990  8.043   10.958  1.00 42.17 ? 174 TYR A CZ  1 
ATOM   1468 O  OH  . TYR A 1 174 ? -4.839  8.595   11.466  1.00 39.51 ? 174 TYR A OH  1 
ATOM   1469 N  N   . GLU A 1 175 ? -10.766 6.160   12.211  1.00 40.61 ? 175 GLU A N   1 
ATOM   1470 C  CA  . GLU A 1 175 ? -10.764 6.446   13.638  1.00 39.30 ? 175 GLU A CA  1 
ATOM   1471 C  C   . GLU A 1 175 ? -10.915 5.185   14.461  1.00 41.47 ? 175 GLU A C   1 
ATOM   1472 O  O   . GLU A 1 175 ? -10.325 5.074   15.545  1.00 42.23 ? 175 GLU A O   1 
ATOM   1473 C  CB  . GLU A 1 175 ? -11.883 7.438   13.975  1.00 43.48 ? 175 GLU A CB  1 
ATOM   1474 C  CG  . GLU A 1 175 ? -11.642 8.816   13.418  1.00 39.57 ? 175 GLU A CG  1 
ATOM   1475 C  CD  . GLU A 1 175 ? -12.444 9.901   14.124  1.00 47.08 ? 175 GLU A CD  1 
ATOM   1476 O  OE1 . GLU A 1 175 ? -13.541 9.606   14.657  1.00 46.60 ? 175 GLU A OE1 1 
ATOM   1477 O  OE2 . GLU A 1 175 ? -11.985 11.067  14.114  1.00 47.72 ? 175 GLU A OE2 1 
ATOM   1478 N  N   . ALA A 1 176 ? -11.672 4.209   13.965  1.00 37.95 ? 176 ALA A N   1 
ATOM   1479 C  CA  . ALA A 1 176 ? -11.852 2.982   14.731  1.00 35.94 ? 176 ALA A CA  1 
ATOM   1480 C  C   . ALA A 1 176 ? -10.544 2.203   14.864  1.00 43.49 ? 176 ALA A C   1 
ATOM   1481 O  O   . ALA A 1 176 ? -10.246 1.645   15.931  1.00 44.10 ? 176 ALA A O   1 
ATOM   1482 C  CB  . ALA A 1 176 ? -12.917 2.106   14.071  1.00 38.19 ? 176 ALA A CB  1 
ATOM   1483 N  N   . ILE A 1 177 ? -9.783  2.101   13.773  1.00 37.52 ? 177 ILE A N   1 
ATOM   1484 C  CA  . ILE A 1 177 ? -8.514  1.378   13.784  1.00 42.69 ? 177 ILE A CA  1 
ATOM   1485 C  C   . ILE A 1 177 ? -7.448  2.202   14.491  1.00 37.79 ? 177 ILE A C   1 
ATOM   1486 O  O   . ILE A 1 177 ? -6.717  1.709   15.359  1.00 41.46 ? 177 ILE A O   1 
ATOM   1487 C  CB  . ILE A 1 177 ? -8.095  1.042   12.337  1.00 40.03 ? 177 ILE A CB  1 
ATOM   1488 C  CG1 . ILE A 1 177 ? -9.015  -0.016  11.719  1.00 37.34 ? 177 ILE A CG1 1 
ATOM   1489 C  CG2 . ILE A 1 177 ? -6.642  0.559   12.280  1.00 42.97 ? 177 ILE A CG2 1 
ATOM   1490 C  CD1 . ILE A 1 177 ? -8.842  -0.143  10.183  1.00 39.50 ? 177 ILE A CD1 1 
ATOM   1491 N  N   . HIS A 1 178 ? -7.345  3.471   14.109  1.00 37.66 ? 178 HIS A N   1 
ATOM   1492 C  CA  . HIS A 1 178 ? -6.419  4.392   14.742  1.00 41.44 ? 178 HIS A CA  1 
ATOM   1493 C  C   . HIS A 1 178 ? -6.575  4.390   16.254  1.00 46.70 ? 178 HIS A C   1 
ATOM   1494 O  O   . HIS A 1 178 ? -5.584  4.442   16.983  1.00 43.26 ? 178 HIS A O   1 
ATOM   1495 C  CB  . HIS A 1 178 ? -6.653  5.796   14.195  1.00 43.28 ? 178 HIS A CB  1 
ATOM   1496 C  CG  . HIS A 1 178 ? -5.676  6.818   14.702  1.00 45.37 ? 178 HIS A CG  1 
ATOM   1497 N  ND1 . HIS A 1 178 ? -4.358  6.847   14.305  1.00 48.97 ? 178 HIS A ND1 1 
ATOM   1498 C  CD2 . HIS A 1 178 ? -5.841  7.875   15.532  1.00 47.20 ? 178 HIS A CD2 1 
ATOM   1499 C  CE1 . HIS A 1 178 ? -3.748  7.867   14.887  1.00 55.91 ? 178 HIS A CE1 1 
ATOM   1500 N  NE2 . HIS A 1 178 ? -4.630  8.512   15.628  1.00 50.99 ? 178 HIS A NE2 1 
ATOM   1501 N  N   . SER A 1 179 ? -7.814  4.329   16.741  1.00 42.32 ? 179 SER A N   1 
ATOM   1502 C  CA  . SER A 1 179 ? -8.078  4.430   18.171  1.00 47.98 ? 179 SER A CA  1 
ATOM   1503 C  C   . SER A 1 179 ? -7.738  3.143   18.900  1.00 47.77 ? 179 SER A C   1 
ATOM   1504 O  O   . SER A 1 179 ? -7.839  3.089   20.129  1.00 42.67 ? 179 SER A O   1 
ATOM   1505 C  CB  . SER A 1 179 ? -9.553  4.810   18.416  1.00 43.62 ? 179 SER A CB  1 
ATOM   1506 O  OG  . SER A 1 179 ? -10.404 3.668   18.410  1.00 38.34 ? 179 SER A OG  1 
ATOM   1507 N  N   . ARG A 1 180 ? -7.348  2.108   18.165  1.00 45.06 ? 180 ARG A N   1 
ATOM   1508 C  CA  . ARG A 1 180 ? -6.969  0.840   18.744  1.00 47.48 ? 180 ARG A CA  1 
ATOM   1509 C  C   . ARG A 1 180 ? -5.447  0.694   18.688  1.00 47.15 ? 180 ARG A C   1 
ATOM   1510 O  O   . ARG A 1 180 ? -4.726  1.443   18.019  1.00 51.77 ? 180 ARG A O   1 
ATOM   1511 C  CB  . ARG A 1 180 ? -7.695  -0.310  18.033  1.00 42.44 ? 180 ARG A CB  1 
ATOM   1512 C  CG  . ARG A 1 180 ? -9.085  -0.565  18.587  1.00 46.17 ? 180 ARG A CG  1 
ATOM   1513 C  CD  . ARG A 1 180 ? -9.942  -1.401  17.662  1.00 46.84 ? 180 ARG A CD  1 
ATOM   1514 N  NE  . ARG A 1 180 ? -11.252 -1.713  18.242  1.00 46.15 ? 180 ARG A NE  1 
ATOM   1515 C  CZ  . ARG A 1 180 ? -12.396 -1.070  17.979  1.00 42.39 ? 180 ARG A CZ  1 
ATOM   1516 N  NH1 . ARG A 1 180 ? -12.463 -0.046  17.125  1.00 40.70 ? 180 ARG A NH1 1 
ATOM   1517 N  NH2 . ARG A 1 180 ? -13.503 -1.476  18.574  1.00 36.57 ? 180 ARG A NH2 1 
ATOM   1518 N  N   . GLY A 1 181 ? -4.953  -0.271  19.417  1.00 39.55 ? 181 GLY A N   1 
ATOM   1519 C  CA  . GLY A 1 181 ? -3.525  -0.235  19.725  1.00 64.73 ? 181 GLY A CA  1 
ATOM   1520 C  C   . GLY A 1 181 ? -2.787  1.125   19.647  1.00 62.41 ? 181 GLY A C   1 
ATOM   1521 O  O   . GLY A 1 181 ? -1.686  1.253   19.073  1.00 53.87 ? 181 GLY A O   1 
ATOM   1522 O  OXT . GLY A 1 181 ? -3.253  2.168   20.132  1.00 57.29 ? 181 GLY A OXT 1 
HETATM 1523 S  S   . SO4 B 2 .   ? 2.544   -4.711  -4.638  1.00 84.89 ? 201 SO4 A S   1 
HETATM 1524 O  O1  . SO4 B 2 .   ? 3.359   -5.232  -5.761  1.00 67.80 ? 201 SO4 A O1  1 
HETATM 1525 O  O2  . SO4 B 2 .   ? 1.298   -4.112  -5.206  1.00 53.01 ? 201 SO4 A O2  1 
HETATM 1526 O  O3  . SO4 B 2 .   ? 2.281   -5.804  -3.674  1.00 72.80 ? 201 SO4 A O3  1 
HETATM 1527 O  O4  . SO4 B 2 .   ? 3.318   -3.670  -3.934  1.00 50.41 ? 201 SO4 A O4  1 
HETATM 1528 S  S   . SO4 C 2 .   ? -13.331 -1.418  -10.723 1.00 67.24 ? 202 SO4 A S   1 
HETATM 1529 O  O1  . SO4 C 2 .   ? -13.590 -0.051  -11.220 1.00 65.47 ? 202 SO4 A O1  1 
HETATM 1530 O  O2  . SO4 C 2 .   ? -14.456 -2.281  -11.084 1.00 58.67 ? 202 SO4 A O2  1 
HETATM 1531 O  O3  . SO4 C 2 .   ? -13.181 -1.367  -9.281  1.00 44.76 ? 202 SO4 A O3  1 
HETATM 1532 O  O4  . SO4 C 2 .   ? -12.134 -1.947  -11.365 1.00 65.86 ? 202 SO4 A O4  1 
HETATM 1533 O  O   . HOH D 3 .   ? 3.318   6.802   -10.730 1.00 53.55 ? 301 HOH A O   1 
HETATM 1534 O  O   . HOH D 3 .   ? 15.159  0.144   7.935   1.00 55.58 ? 302 HOH A O   1 
HETATM 1535 O  O   . HOH D 3 .   ? 0.199   -15.542 9.808   1.00 65.24 ? 303 HOH A O   1 
HETATM 1536 O  O   . HOH D 3 .   ? 0.744   -4.044  21.975  1.00 63.46 ? 304 HOH A O   1 
HETATM 1537 O  O   . HOH D 3 .   ? 6.945   -0.060  -19.835 1.00 50.77 ? 305 HOH A O   1 
HETATM 1538 O  O   . HOH D 3 .   ? 16.344  7.025   -1.051  1.00 56.52 ? 306 HOH A O   1 
HETATM 1539 O  O   . HOH D 3 .   ? -8.502  -1.691  -8.925  1.00 46.19 ? 307 HOH A O   1 
HETATM 1540 O  O   . HOH D 3 .   ? -14.717 -7.926  7.767   1.00 49.80 ? 308 HOH A O   1 
HETATM 1541 O  O   . HOH D 3 .   ? 15.514  -3.548  8.084   1.00 46.03 ? 309 HOH A O   1 
HETATM 1542 O  O   . HOH D 3 .   ? -3.720  11.463  -13.566 1.00 62.17 ? 310 HOH A O   1 
HETATM 1543 O  O   . HOH D 3 .   ? -6.784  -8.891  -8.085  1.00 52.25 ? 311 HOH A O   1 
HETATM 1544 O  O   . HOH D 3 .   ? -1.279  8.660   9.377   1.00 45.88 ? 312 HOH A O   1 
HETATM 1545 O  O   . HOH D 3 .   ? -5.429  5.872   -13.915 1.00 53.21 ? 313 HOH A O   1 
HETATM 1546 O  O   . HOH D 3 .   ? 8.817   1.302   6.888   1.00 44.19 ? 314 HOH A O   1 
HETATM 1547 O  O   . HOH D 3 .   ? 3.900   0.520   2.171   1.00 33.01 ? 315 HOH A O   1 
HETATM 1548 O  O   . HOH D 3 .   ? 7.107   0.145   0.514   1.00 34.94 ? 316 HOH A O   1 
HETATM 1549 O  O   . HOH D 3 .   ? -15.981 -5.607  14.960  1.00 53.27 ? 317 HOH A O   1 
HETATM 1550 O  O   . HOH D 3 .   ? 7.313   -1.584  8.420   1.00 43.87 ? 318 HOH A O   1 
HETATM 1551 O  O   . HOH D 3 .   ? -12.616 -7.118  -4.147  1.00 35.27 ? 319 HOH A O   1 
HETATM 1552 O  O   . HOH D 3 .   ? -7.326  13.248  8.655   1.00 51.48 ? 320 HOH A O   1 
HETATM 1553 O  O   . HOH D 3 .   ? 19.580  -13.567 -0.379  1.00 38.46 ? 321 HOH A O   1 
HETATM 1554 O  O   . HOH D 3 .   ? 7.617   -3.211  -17.618 1.00 38.05 ? 322 HOH A O   1 
HETATM 1555 O  O   . HOH D 3 .   ? -0.737  -11.517 -11.314 1.00 51.57 ? 323 HOH A O   1 
HETATM 1556 O  O   . HOH D 3 .   ? 23.069  -7.908  2.458   1.00 50.25 ? 324 HOH A O   1 
HETATM 1557 O  O   . HOH D 3 .   ? 4.800   -17.960 -10.407 1.00 38.77 ? 325 HOH A O   1 
HETATM 1558 O  O   . HOH D 3 .   ? -3.440  13.129  -8.064  1.00 55.77 ? 326 HOH A O   1 
HETATM 1559 O  O   . HOH D 3 .   ? 20.732  -0.979  3.525   1.00 47.81 ? 327 HOH A O   1 
HETATM 1560 O  O   . HOH D 3 .   ? -14.939 -1.828  0.602   1.00 38.78 ? 328 HOH A O   1 
HETATM 1561 O  O   . HOH D 3 .   ? -13.270 -0.831  2.355   1.00 39.59 ? 329 HOH A O   1 
HETATM 1562 O  O   . HOH D 3 .   ? -15.408 0.883   -2.646  1.00 31.02 ? 330 HOH A O   1 
HETATM 1563 O  O   . HOH D 3 .   ? 6.244   -1.781  10.803  1.00 36.06 ? 331 HOH A O   1 
HETATM 1564 O  O   . HOH D 3 .   ? 2.104   -2.952  14.709  1.00 42.69 ? 332 HOH A O   1 
HETATM 1565 O  O   . HOH D 3 .   ? -5.778  -7.550  -10.671 1.00 53.72 ? 333 HOH A O   1 
HETATM 1566 O  O   . HOH D 3 .   ? 10.942  -14.441 -9.405  1.00 41.29 ? 334 HOH A O   1 
HETATM 1567 O  O   . HOH D 3 .   ? 9.998   -7.728  8.942   1.00 47.78 ? 335 HOH A O   1 
HETATM 1568 O  O   . HOH D 3 .   ? 3.847   11.224  1.479   1.00 41.88 ? 336 HOH A O   1 
HETATM 1569 O  O   . HOH D 3 .   ? 0.303   -1.977  -16.302 1.00 42.14 ? 337 HOH A O   1 
HETATM 1570 O  O   . HOH D 3 .   ? 7.168   6.804   5.859   1.00 36.25 ? 338 HOH A O   1 
HETATM 1571 O  O   . HOH D 3 .   ? 16.654  -2.431  -13.074 1.00 38.35 ? 339 HOH A O   1 
HETATM 1572 O  O   . HOH D 3 .   ? 20.913  -12.242 -1.900  1.00 38.70 ? 340 HOH A O   1 
HETATM 1573 O  O   . HOH D 3 .   ? 2.341   -8.911  0.407   1.00 50.60 ? 341 HOH A O   1 
HETATM 1574 O  O   . HOH D 3 .   ? -10.870 0.158   -15.008 1.00 48.56 ? 342 HOH A O   1 
HETATM 1575 O  O   . HOH D 3 .   ? -1.392  -7.710  -1.748  1.00 46.39 ? 343 HOH A O   1 
HETATM 1576 O  O   . HOH D 3 .   ? 19.084  1.167   -7.433  1.00 49.59 ? 344 HOH A O   1 
HETATM 1577 O  O   . HOH D 3 .   ? 22.879  -4.555  2.739   1.00 47.63 ? 345 HOH A O   1 
HETATM 1578 O  O   . HOH D 3 .   ? -7.344  -3.460  -12.907 1.00 41.83 ? 346 HOH A O   1 
HETATM 1579 O  O   . HOH D 3 .   ? -18.541 8.969   6.411   1.00 43.66 ? 347 HOH A O   1 
HETATM 1580 O  O   . HOH D 3 .   ? 1.726   8.772   10.864  1.00 55.06 ? 348 HOH A O   1 
HETATM 1581 O  O   . HOH D 3 .   ? -2.585  -13.267 3.085   1.00 45.23 ? 349 HOH A O   1 
HETATM 1582 O  O   . HOH D 3 .   ? 0.983   -4.952  -8.773  1.00 44.03 ? 350 HOH A O   1 
HETATM 1583 O  O   . HOH D 3 .   ? 12.043  -14.557 -1.929  1.00 51.47 ? 351 HOH A O   1 
HETATM 1584 O  O   . HOH D 3 .   ? 9.556   7.058   1.271   1.00 54.75 ? 352 HOH A O   1 
HETATM 1585 O  O   . HOH D 3 .   ? -12.802 10.903  3.385   1.00 35.28 ? 353 HOH A O   1 
HETATM 1586 O  O   . HOH D 3 .   ? 16.464  -4.007  -8.238  1.00 49.60 ? 354 HOH A O   1 
HETATM 1587 O  O   . HOH D 3 .   ? -16.322 -8.532  5.607   1.00 53.54 ? 355 HOH A O   1 
HETATM 1588 O  O   . HOH D 3 .   ? -15.318 5.601   -1.309  1.00 32.11 ? 356 HOH A O   1 
HETATM 1589 O  O   . HOH D 3 .   ? 5.989   1.895   17.504  1.00 55.01 ? 357 HOH A O   1 
HETATM 1590 O  O   . HOH D 3 .   ? 9.070   7.102   9.864   1.00 56.74 ? 358 HOH A O   1 
HETATM 1591 O  O   . HOH D 3 .   ? -14.098 -3.406  -3.120  1.00 36.19 ? 359 HOH A O   1 
HETATM 1592 O  O   . HOH D 3 .   ? -0.610  3.754   -17.836 1.00 61.21 ? 360 HOH A O   1 
HETATM 1593 O  O   . HOH D 3 .   ? 11.185  8.288   -0.983  1.00 55.34 ? 361 HOH A O   1 
HETATM 1594 O  O   . HOH D 3 .   ? -5.692  3.699   -13.791 1.00 44.72 ? 362 HOH A O   1 
HETATM 1595 O  O   . HOH D 3 .   ? -6.229  -11.338 4.283   1.00 50.20 ? 363 HOH A O   1 
HETATM 1596 O  O   . HOH D 3 .   ? 9.101   10.543  6.855   1.00 45.06 ? 364 HOH A O   1 
HETATM 1597 O  O   . HOH D 3 .   ? 22.709  -0.329  -10.733 1.00 55.86 ? 365 HOH A O   1 
HETATM 1598 O  O   . HOH D 3 .   ? 7.774   12.309  -6.026  1.00 57.56 ? 366 HOH A O   1 
HETATM 1599 O  O   . HOH D 3 .   ? -14.262 -1.488  4.667   1.00 46.06 ? 367 HOH A O   1 
HETATM 1600 O  O   . HOH D 3 .   ? -10.767 -3.753  20.525  1.00 60.15 ? 368 HOH A O   1 
HETATM 1601 O  O   . HOH D 3 .   ? -7.695  -11.561 13.987  1.00 45.87 ? 369 HOH A O   1 
HETATM 1602 O  O   . HOH D 3 .   ? 0.388   -1.264  -18.458 1.00 48.99 ? 370 HOH A O   1 
HETATM 1603 O  O   . HOH D 3 .   ? -17.649 10.470  10.005  1.00 51.39 ? 371 HOH A O   1 
HETATM 1604 O  O   . HOH D 3 .   ? 22.472  -3.628  -4.231  1.00 32.46 ? 372 HOH A O   1 
HETATM 1605 O  O   . HOH D 3 .   ? -15.212 2.901   1.699   1.00 34.10 ? 373 HOH A O   1 
HETATM 1606 O  O   . HOH D 3 .   ? -7.913  10.132  -11.135 1.00 55.92 ? 374 HOH A O   1 
HETATM 1607 O  O   . HOH D 3 .   ? 4.568   -6.146  16.715  1.00 55.79 ? 375 HOH A O   1 
HETATM 1608 O  O   . HOH D 3 .   ? -6.917  12.596  -10.609 1.00 59.39 ? 376 HOH A O   1 
HETATM 1609 O  O   . HOH D 3 .   ? 12.434  2.995   7.689   1.00 46.66 ? 377 HOH A O   1 
HETATM 1610 O  O   . HOH D 3 .   ? 3.824   -8.018  -1.542  1.00 52.31 ? 378 HOH A O   1 
HETATM 1611 O  O   . HOH D 3 .   ? -15.058 5.479   1.596   1.00 42.92 ? 379 HOH A O   1 
HETATM 1612 O  O   . HOH D 3 .   ? 20.041  -0.915  -9.331  1.00 49.69 ? 380 HOH A O   1 
HETATM 1613 O  O   . HOH D 3 .   ? 9.556   -0.467  9.933   1.00 48.18 ? 381 HOH A O   1 
HETATM 1614 O  O   . HOH D 3 .   ? -19.582 2.421   3.293   0.50 43.90 ? 382 HOH A O   1 
HETATM 1615 O  O   . HOH D 3 .   ? 15.584  -6.380  -18.885 1.00 51.93 ? 383 HOH A O   1 
HETATM 1616 O  O   . HOH D 3 .   ? -1.276  11.150  10.205  1.00 51.57 ? 384 HOH A O   1 
HETATM 1617 O  O   . HOH D 3 .   ? -17.036 1.104   3.173   1.00 39.17 ? 385 HOH A O   1 
HETATM 1618 O  O   . HOH D 3 .   ? 17.740  -1.488  -15.057 1.00 41.47 ? 386 HOH A O   1 
HETATM 1619 O  O   . HOH D 3 .   ? -16.273 2.877   -0.921  1.00 32.55 ? 387 HOH A O   1 
HETATM 1620 O  O   . HOH D 3 .   ? -13.823 -1.161  -1.702  1.00 32.18 ? 388 HOH A O   1 
HETATM 1621 O  O   . HOH D 3 .   ? 20.113  0.000   -15.169 1.00 53.23 ? 389 HOH A O   1 
HETATM 1622 O  O   . HOH D 3 .   ? -11.939 -5.492  20.934  1.00 60.91 ? 390 HOH A O   1 
HETATM 1623 O  O   . HOH D 3 .   ? -17.396 -0.851  1.456   1.00 38.52 ? 391 HOH A O   1 
HETATM 1624 O  O   . HOH D 3 .   ? -16.880 12.336  8.501   1.00 53.05 ? 392 HOH A O   1 
HETATM 1625 O  O   . HOH D 3 .   ? 9.998   3.307   8.211   1.00 49.30 ? 393 HOH A O   1 
HETATM 1626 O  O   . HOH D 3 .   ? 23.820  -1.788  2.316   1.00 51.84 ? 394 HOH A O   1 
# 
